data_3C8N
#
_entry.id   3C8N
#
_cell.length_a   80.954
_cell.length_b   89.133
_cell.length_c   90.859
_cell.angle_alpha   90.000
_cell.angle_beta   91.640
_cell.angle_gamma   90.000
#
_symmetry.space_group_name_H-M   'P 1 21 1'
#
loop_
_entity.id
_entity.type
_entity.pdbx_description
1 polymer 'Probable F420-dependent glucose-6-phosphate dehydrogenase FGD1'
2 water water
#
_entity_poly.entity_id   1
_entity_poly.type   'polypeptide(L)'
_entity_poly.pdbx_seq_one_letter_code
;(MSE)GSSHHHHHHSSGLVPRGSH(MSE)AELKLGYKASAEQFAPRELVELAVAAEAHG(MSE)DSATVSDHFQPWRHQG
GHAPFSLSW(MSE)TAVGERTNRLLLGTSVLTPTFRYNPAVIAQAFAT(MSE)GCLYPNRVFLGVGTGEALNEIATGYEG
AWPEFKERFARLRESVGL(MSE)RQLWSGDRVDFDGDYYRLKGASIYDVPDGGVPVYIAAGGPAVAKYAGRAGDGFICTS
GKGEELYTEKL(MSE)PAVREGAAAADRSVDGIDK(MSE)IEIKISYDPDPELA(MSE)NNTRFWAPLSLTAEQKHSIDD
PIE(MSE)EKAADALPIEQIAKRWIVASDPDEAVEKVGQYVTWGLNHLVFHAPGHDQRRFLELFQSDLAPRLRRLG
;
_entity_poly.pdbx_strand_id   A,B,C,D
#
# COMPACT_ATOMS: atom_id res chain seq x y z
N HIS A 8 5.10 -9.45 -26.27
CA HIS A 8 6.22 -8.68 -25.62
C HIS A 8 6.56 -9.31 -24.27
N HIS A 9 7.72 -9.97 -24.22
CA HIS A 9 8.26 -10.53 -22.99
C HIS A 9 8.61 -9.41 -21.97
N HIS A 10 8.21 -9.63 -20.71
CA HIS A 10 8.65 -8.81 -19.57
C HIS A 10 9.54 -9.59 -18.61
N SER A 11 10.76 -9.11 -18.35
CA SER A 11 11.66 -9.74 -17.40
C SER A 11 11.21 -9.48 -15.94
N SER A 12 11.79 -10.22 -15.01
CA SER A 12 11.49 -10.06 -13.58
C SER A 12 11.99 -8.71 -13.04
N GLY A 13 13.13 -8.25 -13.57
CA GLY A 13 13.78 -7.06 -13.09
C GLY A 13 14.62 -7.28 -11.85
N LEU A 14 14.72 -8.54 -11.41
CA LEU A 14 15.37 -8.82 -10.11
C LEU A 14 16.90 -8.75 -10.14
N VAL A 15 17.45 -7.91 -9.26
CA VAL A 15 18.88 -7.66 -9.13
C VAL A 15 19.45 -8.55 -8.00
N PRO A 16 20.45 -9.39 -8.33
CA PRO A 16 20.98 -10.34 -7.35
C PRO A 16 21.76 -9.64 -6.23
N ARG A 17 21.83 -10.27 -5.04
CA ARG A 17 22.64 -9.77 -3.90
C ARG A 17 23.98 -9.15 -4.31
N GLY A 18 24.70 -9.87 -5.16
CA GLY A 18 26.02 -9.52 -5.71
C GLY A 18 26.46 -8.08 -5.68
N GLU A 23 29.60 -1.41 -2.61
CA GLU A 23 29.03 -0.10 -2.36
C GLU A 23 28.90 0.20 -0.86
N LEU A 24 29.24 1.44 -0.50
CA LEU A 24 28.90 1.96 0.81
C LEU A 24 27.38 2.04 0.92
N LYS A 25 26.83 1.43 1.97
CA LYS A 25 25.38 1.52 2.23
C LYS A 25 25.12 2.32 3.53
N LEU A 26 24.06 3.12 3.52
CA LEU A 26 23.66 3.88 4.72
C LEU A 26 22.26 3.40 5.10
N GLY A 27 22.12 2.86 6.32
CA GLY A 27 20.88 2.27 6.77
C GLY A 27 20.47 2.79 8.13
N TYR A 28 19.32 2.31 8.61
CA TYR A 28 18.64 2.90 9.74
C TYR A 28 18.28 1.84 10.74
N LYS A 29 18.66 2.08 12.02
CA LYS A 29 18.32 1.18 13.08
C LYS A 29 16.94 1.47 13.68
N ALA A 30 16.03 0.53 13.56
CA ALA A 30 14.70 0.71 14.16
C ALA A 30 14.68 0.06 15.52
N SER A 31 14.55 0.88 16.56
CA SER A 31 14.68 0.38 17.93
C SER A 31 13.35 -0.02 18.49
N ALA A 32 13.11 -1.34 18.51
CA ALA A 32 11.94 -1.94 19.10
C ALA A 32 11.84 -1.64 20.60
N GLU A 33 13.00 -1.45 21.23
CA GLU A 33 13.07 -1.08 22.64
C GLU A 33 12.39 0.22 22.98
N GLN A 34 12.27 1.13 22.00
CA GLN A 34 11.90 2.52 22.27
C GLN A 34 10.55 2.94 21.70
N PHE A 35 10.06 2.18 20.72
CA PHE A 35 8.82 2.56 19.99
C PHE A 35 7.79 1.48 19.91
N ALA A 36 6.52 1.90 19.95
CA ALA A 36 5.35 1.00 19.81
C ALA A 36 5.29 0.45 18.35
N PRO A 37 4.50 -0.62 18.14
CA PRO A 37 4.50 -1.36 16.85
C PRO A 37 4.27 -0.49 15.62
N ARG A 38 3.18 0.26 15.61
CA ARG A 38 2.88 1.11 14.48
C ARG A 38 3.91 2.21 14.20
N GLU A 39 4.33 2.95 15.25
CA GLU A 39 5.42 3.93 15.09
C GLU A 39 6.73 3.34 14.51
N LEU A 40 7.15 2.20 15.06
CA LEU A 40 8.32 1.45 14.61
C LEU A 40 8.28 1.15 13.10
N VAL A 41 7.16 0.62 12.60
CA VAL A 41 6.89 0.46 11.15
C VAL A 41 6.95 1.77 10.36
N GLU A 42 6.16 2.76 10.81
CA GLU A 42 6.14 4.03 10.11
C GLU A 42 7.51 4.67 10.10
N LEU A 43 8.35 4.46 11.12
CA LEU A 43 9.70 5.10 11.06
C LEU A 43 10.60 4.44 9.99
N ALA A 44 10.38 3.14 9.74
CA ALA A 44 11.19 2.41 8.73
C ALA A 44 10.76 2.95 7.36
N VAL A 45 9.46 3.21 7.20
CA VAL A 45 8.91 3.84 5.95
C VAL A 45 9.54 5.25 5.68
N ALA A 46 9.59 6.08 6.71
CA ALA A 46 10.28 7.39 6.58
C ALA A 46 11.79 7.31 6.30
N ALA A 47 12.44 6.26 6.77
CA ALA A 47 13.86 6.00 6.45
C ALA A 47 14.04 5.76 4.97
N GLU A 48 13.14 4.98 4.38
CA GLU A 48 13.14 4.87 2.91
C GLU A 48 12.90 6.24 2.24
N ALA A 49 11.91 6.94 2.77
CA ALA A 49 11.55 8.26 2.26
C ALA A 49 12.77 9.20 2.35
N HIS A 50 13.62 9.01 3.33
CA HIS A 50 14.78 9.91 3.55
C HIS A 50 16.09 9.42 2.93
N GLY A 51 15.99 8.46 2.00
CA GLY A 51 17.18 7.97 1.32
C GLY A 51 17.95 6.77 1.87
N ASP A 53 19.27 2.99 2.66
CA ASP A 53 19.40 1.79 1.82
C ASP A 53 18.84 0.55 2.50
N SER A 54 18.71 0.62 3.82
CA SER A 54 18.44 -0.52 4.66
C SER A 54 17.80 -0.05 5.99
N ALA A 55 17.06 -0.93 6.63
CA ALA A 55 16.60 -0.73 8.01
C ALA A 55 16.65 -2.07 8.68
N THR A 56 17.09 -2.08 9.93
CA THR A 56 17.24 -3.27 10.73
C THR A 56 16.51 -3.00 12.03
N VAL A 57 16.00 -4.05 12.60
CA VAL A 57 15.25 -3.94 13.83
C VAL A 57 15.94 -4.83 14.85
N SER A 58 16.02 -4.35 16.09
CA SER A 58 16.40 -5.24 17.18
C SER A 58 15.28 -6.25 17.46
N ASP A 59 15.65 -7.49 17.81
CA ASP A 59 14.70 -8.49 18.22
C ASP A 59 14.84 -8.78 19.72
N HIS A 60 13.75 -8.57 20.45
CA HIS A 60 13.69 -8.63 21.91
CA HIS A 60 13.72 -8.88 21.86
C HIS A 60 12.31 -9.12 22.33
N PHE A 61 12.22 -9.82 23.46
CA PHE A 61 10.94 -10.05 24.11
C PHE A 61 10.66 -8.86 25.11
N GLN A 62 11.70 -8.30 25.67
CA GLN A 62 11.56 -7.21 26.67
C GLN A 62 12.53 -6.09 26.42
N PRO A 63 12.10 -4.83 26.64
CA PRO A 63 13.05 -3.72 26.50
C PRO A 63 14.20 -3.84 27.51
N TRP A 64 15.32 -3.16 27.21
CA TRP A 64 16.42 -2.96 28.15
C TRP A 64 15.91 -2.24 29.42
N ARG A 65 14.97 -1.31 29.22
CA ARG A 65 14.50 -0.35 30.23
C ARG A 65 13.00 -0.49 30.48
N HIS A 66 12.54 -0.17 31.70
CA HIS A 66 11.10 -0.28 32.02
C HIS A 66 10.27 0.95 31.67
N GLN A 67 10.73 2.11 32.11
CA GLN A 67 10.08 3.40 31.86
C GLN A 67 10.18 3.73 30.37
N GLY A 68 9.01 3.76 29.72
CA GLY A 68 8.92 4.02 28.30
C GLY A 68 9.51 2.93 27.42
N GLY A 69 9.57 1.71 27.93
CA GLY A 69 10.10 0.56 27.19
C GLY A 69 9.02 -0.05 26.31
N HIS A 70 9.47 -0.66 25.22
CA HIS A 70 8.59 -1.27 24.25
C HIS A 70 9.30 -2.51 23.70
N ALA A 71 8.53 -3.40 23.11
CA ALA A 71 9.12 -4.54 22.38
C ALA A 71 8.16 -5.11 21.31
N PRO A 72 7.93 -4.40 20.18
CA PRO A 72 7.14 -5.02 19.08
C PRO A 72 7.84 -6.25 18.52
N PHE A 73 7.07 -7.27 18.16
CA PHE A 73 7.58 -8.47 17.55
C PHE A 73 8.30 -8.13 16.23
N SER A 74 9.61 -8.36 16.21
CA SER A 74 10.51 -8.06 15.09
C SER A 74 10.04 -8.60 13.71
N LEU A 75 9.54 -9.83 13.64
CA LEU A 75 9.20 -10.45 12.36
C LEU A 75 7.95 -9.84 11.74
N SER A 76 7.00 -9.41 12.58
CA SER A 76 5.90 -8.56 12.10
C SER A 76 6.36 -7.16 11.61
N TRP A 77 7.29 -6.52 12.32
CA TRP A 77 7.87 -5.29 11.79
C TRP A 77 8.41 -5.50 10.37
N THR A 79 7.84 -7.69 7.97
CA THR A 79 6.88 -8.03 6.94
C THR A 79 6.01 -6.78 6.62
N ALA A 80 5.58 -6.08 7.68
CA ALA A 80 4.78 -4.87 7.50
C ALA A 80 5.60 -3.85 6.73
N VAL A 81 6.83 -3.61 7.19
CA VAL A 81 7.74 -2.70 6.46
C VAL A 81 7.98 -3.25 5.04
N GLY A 82 8.19 -4.55 4.90
CA GLY A 82 8.28 -5.13 3.55
C GLY A 82 7.19 -4.71 2.57
N GLU A 83 5.92 -4.85 2.99
CA GLU A 83 4.76 -4.55 2.18
C GLU A 83 4.62 -3.08 1.86
N ARG A 84 5.20 -2.25 2.71
CA ARG A 84 5.12 -0.77 2.62
C ARG A 84 6.32 -0.07 1.94
N THR A 85 7.39 -0.79 1.64
CA THR A 85 8.66 -0.19 1.11
C THR A 85 9.09 -0.86 -0.22
N ASN A 86 9.91 -0.18 -1.01
CA ASN A 86 10.24 -0.66 -2.35
C ASN A 86 11.71 -1.13 -2.49
N ARG A 87 12.60 -0.52 -1.73
CA ARG A 87 14.04 -0.68 -1.93
C ARG A 87 14.76 -1.20 -0.68
N LEU A 88 14.29 -0.82 0.52
CA LEU A 88 15.02 -1.16 1.76
C LEU A 88 15.43 -2.61 1.90
N LEU A 89 16.71 -2.87 2.12
CA LEU A 89 17.13 -4.16 2.65
C LEU A 89 16.64 -4.21 4.09
N LEU A 90 16.16 -5.36 4.53
CA LEU A 90 15.44 -5.46 5.80
C LEU A 90 16.01 -6.68 6.52
N GLY A 91 16.20 -6.54 7.83
CA GLY A 91 16.65 -7.61 8.66
C GLY A 91 16.64 -7.29 10.14
N THR A 92 17.00 -8.31 10.89
CA THR A 92 17.12 -8.29 12.38
C THR A 92 18.56 -8.00 12.74
N SER A 93 18.73 -7.15 13.74
CA SER A 93 20.06 -6.88 14.28
C SER A 93 20.00 -6.77 15.81
N VAL A 94 19.97 -7.89 16.55
CA VAL A 94 19.99 -9.25 16.00
C VAL A 94 19.00 -10.11 16.74
N LEU A 95 18.74 -11.27 16.16
CA LEU A 95 17.83 -12.24 16.73
C LEU A 95 18.57 -13.45 17.29
N THR A 96 18.12 -13.96 18.44
CA THR A 96 18.69 -15.18 19.05
C THR A 96 17.87 -16.41 18.64
N PRO A 97 18.44 -17.23 17.75
CA PRO A 97 17.68 -18.36 17.21
C PRO A 97 17.82 -19.68 17.98
N THR A 98 18.26 -19.58 19.24
CA THR A 98 18.73 -20.74 20.01
C THR A 98 17.90 -21.13 21.30
N PHE A 99 17.05 -20.21 21.80
CA PHE A 99 16.31 -20.46 23.06
C PHE A 99 14.76 -20.40 22.93
N ARG A 100 14.15 -19.20 23.07
CA ARG A 100 12.68 -19.03 22.95
C ARG A 100 12.20 -19.36 21.49
N TYR A 101 13.05 -19.06 20.52
CA TYR A 101 12.75 -19.43 19.13
C TYR A 101 13.33 -20.78 18.76
N ASN A 102 12.48 -21.59 18.13
CA ASN A 102 12.89 -22.80 17.40
C ASN A 102 13.59 -22.39 16.08
N PRO A 103 14.85 -22.82 15.87
CA PRO A 103 15.59 -22.54 14.63
C PRO A 103 14.94 -23.04 13.32
N ALA A 104 14.22 -24.15 13.35
CA ALA A 104 13.46 -24.62 12.15
C ALA A 104 12.35 -23.63 11.79
N VAL A 105 11.66 -23.10 12.82
CA VAL A 105 10.66 -22.05 12.63
C VAL A 105 11.24 -20.74 12.12
N ILE A 106 12.38 -20.31 12.69
CA ILE A 106 13.13 -19.19 12.15
C ILE A 106 13.49 -19.39 10.68
N ALA A 107 14.03 -20.57 10.38
CA ALA A 107 14.38 -20.87 8.98
C ALA A 107 13.14 -20.72 8.05
N GLN A 108 11.98 -21.21 8.50
CA GLN A 108 10.71 -21.09 7.73
C GLN A 108 10.29 -19.61 7.64
N ALA A 109 10.32 -18.87 8.74
CA ALA A 109 9.99 -17.41 8.70
C ALA A 109 10.83 -16.61 7.68
N PHE A 110 12.16 -16.70 7.77
CA PHE A 110 12.99 -15.96 6.87
C PHE A 110 12.93 -16.44 5.43
N ALA A 111 12.80 -17.74 5.23
CA ALA A 111 12.54 -18.24 3.86
C ALA A 111 11.26 -17.59 3.27
N THR A 112 10.17 -17.61 4.06
CA THR A 112 8.92 -16.98 3.64
C THR A 112 9.08 -15.50 3.37
N GLY A 114 11.85 -13.97 2.63
CA GLY A 114 12.73 -13.78 1.46
C GLY A 114 12.02 -13.99 0.14
N CYS A 115 10.99 -14.86 0.11
CA CYS A 115 10.09 -15.01 -1.03
C CYS A 115 9.20 -13.79 -1.20
N LEU A 116 8.71 -13.29 -0.08
CA LEU A 116 7.75 -12.14 -0.13
C LEU A 116 8.49 -10.92 -0.62
N TYR A 117 9.75 -10.74 -0.19
CA TYR A 117 10.56 -9.51 -0.48
C TYR A 117 11.91 -9.87 -1.13
N PRO A 118 11.85 -10.37 -2.38
CA PRO A 118 13.04 -10.90 -3.08
C PRO A 118 14.28 -10.02 -3.01
N ASN A 119 15.38 -10.62 -2.55
CA ASN A 119 16.72 -10.03 -2.51
C ASN A 119 16.78 -8.87 -1.50
N ARG A 120 15.82 -8.84 -0.59
CA ARG A 120 15.79 -7.72 0.38
C ARG A 120 15.91 -8.19 1.82
N VAL A 121 15.89 -9.50 2.07
CA VAL A 121 15.82 -9.97 3.44
C VAL A 121 17.10 -10.61 3.90
N PHE A 122 17.50 -10.30 5.13
CA PHE A 122 18.54 -11.10 5.78
C PHE A 122 18.15 -11.48 7.19
N LEU A 123 18.81 -12.53 7.65
CA LEU A 123 18.69 -13.02 9.02
C LEU A 123 19.92 -12.62 9.83
N GLY A 124 19.73 -11.67 10.76
CA GLY A 124 20.78 -11.27 11.69
C GLY A 124 20.64 -11.96 13.04
N VAL A 125 21.72 -12.62 13.46
CA VAL A 125 21.69 -13.53 14.63
C VAL A 125 22.81 -13.26 15.64
N GLY A 126 22.50 -13.44 16.93
CA GLY A 126 23.45 -13.25 18.01
C GLY A 126 23.31 -14.34 19.06
N THR A 127 24.13 -14.26 20.12
CA THR A 127 24.25 -15.33 21.12
C THR A 127 23.26 -15.28 22.27
N GLY A 128 22.59 -14.16 22.44
CA GLY A 128 21.47 -14.08 23.38
C GLY A 128 21.70 -13.21 24.61
N GLU A 129 20.59 -12.73 25.17
CA GLU A 129 20.54 -11.97 26.43
C GLU A 129 19.54 -12.70 27.33
N ALA A 130 19.92 -12.99 28.58
CA ALA A 130 18.94 -13.50 29.57
C ALA A 130 17.65 -12.66 29.70
N LEU A 131 17.75 -11.34 29.49
CA LEU A 131 16.57 -10.43 29.46
C LEU A 131 15.42 -10.89 28.52
N ASN A 132 15.75 -11.69 27.52
CA ASN A 132 14.72 -12.21 26.59
C ASN A 132 14.30 -13.64 26.92
N GLU A 133 15.28 -14.42 27.42
CA GLU A 133 15.16 -15.89 27.50
C GLU A 133 14.68 -16.39 28.87
N ILE A 134 15.15 -15.74 29.93
CA ILE A 134 14.75 -16.13 31.31
C ILE A 134 13.25 -15.78 31.50
N ALA A 135 12.88 -14.57 31.09
CA ALA A 135 11.49 -14.09 31.11
C ALA A 135 10.51 -15.06 30.41
N THR A 136 10.93 -15.68 29.30
CA THR A 136 10.04 -16.49 28.48
C THR A 136 10.06 -17.96 28.88
N GLY A 137 10.81 -18.27 29.94
CA GLY A 137 10.69 -19.58 30.56
C GLY A 137 11.85 -20.54 30.46
N TYR A 138 12.99 -20.08 29.94
CA TYR A 138 14.21 -20.90 30.00
C TYR A 138 14.51 -21.32 31.45
N GLU A 139 14.55 -22.63 31.71
CA GLU A 139 14.82 -23.16 33.07
C GLU A 139 16.29 -23.53 33.27
N GLY A 140 16.78 -23.35 34.49
CA GLY A 140 18.17 -23.65 34.79
C GLY A 140 18.92 -22.34 34.69
N ALA A 141 20.21 -22.38 34.98
CA ALA A 141 21.01 -21.18 34.92
C ALA A 141 21.24 -20.75 33.46
N TRP A 142 21.46 -19.45 33.30
CA TRP A 142 21.70 -18.81 32.01
C TRP A 142 23.07 -19.28 31.48
N PRO A 143 23.08 -19.99 30.33
CA PRO A 143 24.34 -20.61 29.86
C PRO A 143 25.46 -19.61 29.60
N GLU A 144 26.70 -20.03 29.88
CA GLU A 144 27.91 -19.22 29.66
C GLU A 144 28.16 -18.98 28.16
N PHE A 145 28.92 -17.92 27.85
CA PHE A 145 29.12 -17.52 26.44
C PHE A 145 29.55 -18.67 25.52
N LYS A 146 30.40 -19.54 26.01
CA LYS A 146 30.90 -20.67 25.19
C LYS A 146 29.77 -21.58 24.65
N GLU A 147 28.86 -22.01 25.52
CA GLU A 147 27.68 -22.76 25.13
C GLU A 147 26.70 -21.97 24.22
N ARG A 148 26.43 -20.69 24.54
CA ARG A 148 25.59 -19.84 23.68
C ARG A 148 26.17 -19.68 22.26
N PHE A 149 27.48 -19.43 22.15
CA PHE A 149 28.18 -19.44 20.86
C PHE A 149 28.02 -20.79 20.14
N ALA A 150 28.19 -21.89 20.87
CA ALA A 150 28.13 -23.26 20.26
C ALA A 150 26.72 -23.65 19.80
N ARG A 151 25.71 -23.38 20.64
CA ARG A 151 24.30 -23.31 20.21
C ARG A 151 24.06 -22.46 18.93
N LEU A 152 24.61 -21.25 18.86
CA LEU A 152 24.43 -20.40 17.68
C LEU A 152 24.97 -21.07 16.41
N ARG A 153 26.23 -21.49 16.47
CA ARG A 153 26.86 -22.21 15.34
C ARG A 153 26.02 -23.41 14.87
N GLU A 154 25.54 -24.23 15.81
CA GLU A 154 24.73 -25.38 15.41
C GLU A 154 23.40 -24.98 14.74
N SER A 155 22.69 -24.02 15.35
CA SER A 155 21.45 -23.49 14.80
C SER A 155 21.57 -22.95 13.38
N VAL A 156 22.63 -22.21 13.10
CA VAL A 156 22.93 -21.76 11.73
C VAL A 156 23.13 -22.90 10.76
N GLY A 157 23.87 -23.93 11.16
CA GLY A 157 24.09 -25.12 10.33
C GLY A 157 22.83 -25.88 10.02
N LEU A 158 21.97 -26.02 11.03
CA LEU A 158 20.66 -26.62 10.87
C LEU A 158 19.84 -25.88 9.79
N ARG A 160 20.89 -23.85 7.35
CA ARG A 160 21.50 -24.08 6.02
C ARG A 160 21.03 -25.35 5.34
N GLN A 161 20.93 -26.41 6.13
CA GLN A 161 20.58 -27.72 5.61
C GLN A 161 19.10 -27.77 5.30
N LEU A 162 18.29 -27.24 6.22
CA LEU A 162 16.86 -27.06 5.97
C LEU A 162 16.49 -26.22 4.73
N TRP A 163 17.28 -25.19 4.44
CA TRP A 163 17.08 -24.29 3.33
C TRP A 163 17.62 -25.03 2.09
N SER A 164 17.24 -24.70 0.88
CA SER A 164 17.81 -25.62 -0.16
C SER A 164 18.88 -25.05 -1.09
N ASP A 166 14.57 -29.80 0.25
CA ASP A 166 15.01 -31.18 0.59
C ASP A 166 14.62 -31.63 1.99
N ARG A 167 14.21 -32.90 2.11
CA ARG A 167 13.77 -33.50 3.38
C ARG A 167 15.01 -33.75 4.25
N VAL A 168 15.00 -33.21 5.48
CA VAL A 168 16.25 -33.09 6.27
C VAL A 168 16.13 -33.78 7.63
N ASP A 169 17.09 -34.65 7.95
CA ASP A 169 17.25 -35.14 9.33
C ASP A 169 18.46 -34.47 9.91
N PHE A 170 18.33 -34.00 11.15
CA PHE A 170 19.42 -33.28 11.80
C PHE A 170 19.49 -33.67 13.28
N ASP A 171 20.68 -33.95 13.76
CA ASP A 171 20.84 -34.52 15.07
C ASP A 171 22.05 -33.88 15.74
N GLY A 172 21.83 -32.73 16.36
CA GLY A 172 22.88 -32.03 17.06
C GLY A 172 22.82 -32.22 18.56
N ASP A 173 23.81 -31.64 19.24
CA ASP A 173 23.84 -31.61 20.69
C ASP A 173 22.68 -30.81 21.29
N TYR A 174 22.05 -29.95 20.48
CA TYR A 174 21.01 -29.03 20.97
C TYR A 174 19.66 -29.07 20.23
N TYR A 175 19.73 -29.16 18.90
CA TYR A 175 18.58 -29.03 18.01
C TYR A 175 18.48 -30.25 17.12
N ARG A 176 17.24 -30.67 16.88
CA ARG A 176 16.96 -31.75 15.94
C ARG A 176 15.88 -31.42 14.89
N LEU A 177 15.98 -32.12 13.77
CA LEU A 177 14.99 -32.14 12.73
C LEU A 177 14.70 -33.60 12.37
N LYS A 178 13.46 -33.90 12.00
CA LYS A 178 13.14 -35.25 11.53
C LYS A 178 12.23 -35.16 10.29
N GLY A 179 12.76 -35.56 9.13
CA GLY A 179 12.02 -35.48 7.87
C GLY A 179 11.48 -34.09 7.53
N ALA A 180 12.19 -33.04 7.97
CA ALA A 180 11.68 -31.67 7.84
C ALA A 180 12.09 -31.04 6.52
N SER A 181 11.18 -30.28 5.93
CA SER A 181 11.46 -29.63 4.65
C SER A 181 10.92 -28.23 4.68
N ILE A 182 11.66 -27.35 4.03
CA ILE A 182 11.13 -26.06 3.68
C ILE A 182 10.89 -25.97 2.20
N TYR A 183 9.60 -25.81 1.89
CA TYR A 183 9.07 -25.94 0.55
C TYR A 183 9.36 -24.68 -0.27
N ASP A 184 9.06 -23.57 0.37
CA ASP A 184 9.17 -22.25 -0.19
C ASP A 184 10.43 -21.56 0.29
N VAL A 185 11.48 -21.67 -0.52
CA VAL A 185 12.81 -21.06 -0.27
C VAL A 185 13.08 -19.97 -1.33
N PRO A 186 13.73 -18.85 -0.95
CA PRO A 186 13.95 -17.84 -1.97
C PRO A 186 15.08 -18.16 -2.97
N ASP A 187 14.88 -17.84 -4.23
CA ASP A 187 15.99 -17.93 -5.20
C ASP A 187 17.11 -16.98 -4.69
N GLY A 188 18.32 -17.51 -4.51
CA GLY A 188 19.35 -16.70 -3.88
C GLY A 188 19.54 -16.96 -2.39
N GLY A 189 18.61 -17.68 -1.76
CA GLY A 189 18.75 -17.97 -0.33
C GLY A 189 18.52 -16.83 0.65
N VAL A 190 19.04 -17.02 1.85
CA VAL A 190 18.79 -16.11 2.98
C VAL A 190 20.16 -15.77 3.53
N PRO A 191 20.63 -14.56 3.30
CA PRO A 191 21.92 -14.21 3.92
C PRO A 191 21.81 -14.16 5.44
N VAL A 192 22.81 -14.74 6.10
CA VAL A 192 22.86 -14.78 7.54
C VAL A 192 24.04 -13.91 8.04
N TYR A 193 23.73 -12.91 8.85
CA TYR A 193 24.68 -11.97 9.37
C TYR A 193 24.87 -12.31 10.86
N ILE A 194 26.12 -12.40 11.30
CA ILE A 194 26.45 -12.76 12.68
C ILE A 194 26.92 -11.52 13.44
N ALA A 195 26.31 -11.28 14.58
CA ALA A 195 26.81 -10.23 15.50
C ALA A 195 28.11 -10.70 16.15
N ALA A 196 29.12 -9.83 16.13
CA ALA A 196 30.45 -10.21 16.55
C ALA A 196 31.06 -9.07 17.31
N GLY A 197 31.60 -9.36 18.48
CA GLY A 197 32.36 -8.37 19.25
C GLY A 197 33.72 -8.87 19.69
N GLY A 198 34.29 -9.78 18.92
CA GLY A 198 35.60 -10.36 19.17
C GLY A 198 36.00 -11.20 17.96
N PRO A 199 37.29 -11.55 17.87
CA PRO A 199 37.80 -12.31 16.71
C PRO A 199 37.28 -13.75 16.56
N ALA A 200 36.86 -14.38 17.65
CA ALA A 200 36.39 -15.77 17.56
C ALA A 200 35.01 -15.84 16.93
N VAL A 201 34.10 -14.91 17.26
CA VAL A 201 32.81 -14.84 16.52
C VAL A 201 32.99 -14.24 15.10
N ALA A 202 33.85 -13.23 14.96
CA ALA A 202 34.20 -12.67 13.64
C ALA A 202 34.80 -13.70 12.67
N LYS A 203 35.72 -14.57 13.16
CA LYS A 203 36.20 -15.72 12.39
C LYS A 203 35.03 -16.63 11.97
N TYR A 204 34.14 -16.97 12.92
CA TYR A 204 32.98 -17.83 12.63
C TYR A 204 32.10 -17.21 11.52
N ALA A 205 31.90 -15.89 11.63
CA ALA A 205 31.11 -15.10 10.69
C ALA A 205 31.64 -15.15 9.25
N GLY A 206 32.97 -15.02 9.08
CA GLY A 206 33.62 -15.22 7.80
C GLY A 206 33.47 -16.64 7.28
N ARG A 207 33.43 -17.62 8.17
CA ARG A 207 33.43 -19.02 7.76
C ARG A 207 32.02 -19.53 7.35
N ALA A 208 31.01 -19.10 8.10
CA ALA A 208 29.63 -19.61 8.04
C ALA A 208 28.53 -18.52 7.81
N GLY A 209 28.89 -17.23 7.94
CA GLY A 209 27.97 -16.15 7.64
C GLY A 209 28.12 -15.50 6.28
N ASP A 210 27.17 -14.61 5.95
CA ASP A 210 27.19 -13.80 4.73
C ASP A 210 27.37 -12.35 5.05
N GLY A 211 27.72 -12.11 6.31
CA GLY A 211 27.81 -10.78 6.86
C GLY A 211 28.16 -10.87 8.33
N PHE A 212 28.81 -9.82 8.80
CA PHE A 212 28.94 -9.61 10.24
C PHE A 212 28.41 -8.25 10.67
N ILE A 213 27.98 -8.21 11.93
CA ILE A 213 27.44 -7.01 12.55
C ILE A 213 28.27 -6.68 13.80
N CYS A 214 28.90 -5.52 13.80
CA CYS A 214 29.48 -5.00 15.00
C CYS A 214 28.82 -3.66 15.35
N THR A 215 29.29 -3.06 16.46
CA THR A 215 28.87 -1.71 16.86
C THR A 215 30.06 -0.73 16.96
N SER A 216 29.73 0.55 16.85
CA SER A 216 30.66 1.65 17.05
C SER A 216 31.21 1.82 18.49
N GLY A 217 32.30 2.56 18.60
CA GLY A 217 32.80 3.01 19.92
C GLY A 217 33.85 2.12 20.55
N LYS A 218 34.16 0.99 19.89
CA LYS A 218 35.09 0.00 20.45
C LYS A 218 36.60 0.26 20.21
N GLY A 219 36.90 1.23 19.35
CA GLY A 219 38.29 1.60 19.08
C GLY A 219 38.92 0.87 17.91
N GLU A 220 39.68 1.62 17.11
CA GLU A 220 40.34 1.20 15.87
C GLU A 220 40.89 -0.24 15.83
N GLU A 221 41.65 -0.62 16.86
CA GLU A 221 42.35 -1.90 16.85
C GLU A 221 41.40 -3.09 17.03
N LEU A 222 40.21 -2.86 17.59
CA LEU A 222 39.17 -3.90 17.55
C LEU A 222 38.86 -4.26 16.10
N TYR A 223 38.58 -3.23 15.29
CA TYR A 223 38.10 -3.42 13.90
C TYR A 223 39.24 -3.85 12.98
N THR A 224 40.34 -3.09 12.99
CA THR A 224 41.46 -3.27 12.04
C THR A 224 42.34 -4.47 12.34
N GLU A 225 42.52 -4.77 13.62
CA GLU A 225 43.48 -5.76 14.08
C GLU A 225 42.84 -7.05 14.63
N LYS A 226 41.61 -6.95 15.16
CA LYS A 226 40.87 -8.13 15.63
C LYS A 226 39.77 -8.58 14.67
N LEU A 227 38.69 -7.80 14.53
CA LEU A 227 37.52 -8.22 13.74
C LEU A 227 37.82 -8.50 12.26
N PRO A 229 40.69 -9.01 10.42
CA PRO A 229 41.64 -10.12 10.09
C PRO A 229 41.01 -11.50 10.30
N ALA A 230 40.29 -11.64 11.41
CA ALA A 230 39.48 -12.81 11.71
C ALA A 230 38.35 -13.10 10.67
N VAL A 231 37.66 -12.07 10.18
CA VAL A 231 36.73 -12.28 9.03
C VAL A 231 37.45 -12.81 7.77
N ARG A 232 38.66 -12.30 7.52
CA ARG A 232 39.46 -12.77 6.38
C ARG A 232 39.87 -14.25 6.53
N GLU A 233 40.28 -14.61 7.75
CA GLU A 233 40.66 -15.98 8.10
C GLU A 233 39.52 -17.01 7.97
N GLY A 234 38.35 -16.67 8.49
CA GLY A 234 37.14 -17.52 8.35
C GLY A 234 36.73 -17.75 6.90
N ALA A 235 36.70 -16.69 6.09
CA ALA A 235 36.29 -16.80 4.67
C ALA A 235 37.28 -17.61 3.84
N ALA A 236 38.57 -17.35 4.03
CA ALA A 236 39.61 -18.14 3.42
C ALA A 236 39.45 -19.63 3.82
N ALA A 237 39.17 -19.91 5.08
CA ALA A 237 38.94 -21.30 5.52
C ALA A 237 37.72 -21.93 4.87
N ALA A 238 36.76 -21.09 4.50
CA ALA A 238 35.57 -21.49 3.74
C ALA A 238 35.75 -21.57 2.20
N ASP A 239 36.92 -21.19 1.68
CA ASP A 239 37.20 -21.08 0.21
C ASP A 239 36.37 -19.99 -0.49
N ARG A 240 36.09 -18.95 0.27
CA ARG A 240 35.19 -17.91 -0.17
C ARG A 240 35.96 -16.60 -0.19
N SER A 241 35.73 -15.77 -1.19
CA SER A 241 36.23 -14.41 -1.17
C SER A 241 35.56 -13.59 -0.04
N VAL A 242 36.40 -12.90 0.73
CA VAL A 242 35.92 -12.03 1.82
C VAL A 242 34.97 -10.91 1.34
N ASP A 243 35.07 -10.59 0.06
CA ASP A 243 34.21 -9.59 -0.58
C ASP A 243 32.77 -10.10 -0.63
N GLY A 244 32.57 -11.40 -0.46
CA GLY A 244 31.23 -11.93 -0.23
C GLY A 244 30.61 -11.65 1.15
N ILE A 245 31.40 -11.17 2.11
CA ILE A 245 30.88 -10.89 3.48
C ILE A 245 30.58 -9.38 3.61
N ASP A 246 29.33 -9.04 3.88
CA ASP A 246 28.90 -7.65 4.08
C ASP A 246 29.38 -7.26 5.47
N LYS A 247 29.94 -6.06 5.58
CA LYS A 247 30.62 -5.61 6.80
C LYS A 247 29.82 -4.49 7.43
N ILE A 249 28.03 -2.27 10.53
CA ILE A 249 28.25 -1.70 11.84
C ILE A 249 27.08 -0.84 12.23
N GLU A 250 26.64 -1.01 13.47
CA GLU A 250 25.65 -0.12 14.05
C GLU A 250 26.39 1.11 14.59
N ILE A 251 26.22 2.25 13.93
CA ILE A 251 26.79 3.54 14.32
C ILE A 251 25.87 4.20 15.35
N LYS A 252 26.34 4.24 16.58
CA LYS A 252 25.65 4.93 17.71
C LYS A 252 25.90 6.44 17.66
N ILE A 253 24.97 7.18 17.09
CA ILE A 253 25.16 8.60 16.84
C ILE A 253 24.03 9.42 17.43
N SER A 254 24.40 10.37 18.26
CA SER A 254 23.47 11.37 18.79
C SER A 254 23.87 12.72 18.20
N TYR A 255 23.27 13.01 17.05
CA TYR A 255 23.53 14.21 16.29
C TYR A 255 22.36 15.23 16.49
N ASP A 256 22.71 16.44 16.94
CA ASP A 256 21.75 17.55 17.07
C ASP A 256 22.52 18.88 17.14
N PRO A 257 22.04 19.92 16.42
CA PRO A 257 22.66 21.28 16.48
C PRO A 257 22.75 21.86 17.90
N ASP A 258 21.87 21.42 18.80
CA ASP A 258 21.98 21.71 20.23
C ASP A 258 22.82 20.62 20.96
N PRO A 259 24.08 20.96 21.35
CA PRO A 259 25.01 20.02 22.01
C PRO A 259 24.50 19.41 23.33
N GLU A 260 23.81 20.23 24.12
CA GLU A 260 23.19 19.78 25.38
C GLU A 260 22.13 18.71 25.15
N LEU A 261 21.30 18.94 24.14
CA LEU A 261 20.25 18.03 23.74
C LEU A 261 20.86 16.75 23.10
N ALA A 262 21.93 16.92 22.32
CA ALA A 262 22.60 15.76 21.69
C ALA A 262 23.17 14.84 22.79
N ASN A 264 21.97 14.83 26.19
CA ASN A 264 20.86 14.36 27.04
C ASN A 264 19.96 13.34 26.37
N ASN A 265 19.83 13.42 25.05
CA ASN A 265 19.16 12.40 24.26
C ASN A 265 19.67 10.95 24.37
N THR A 266 20.89 10.75 24.89
CA THR A 266 21.39 9.38 25.16
C THR A 266 20.83 8.65 26.42
N ARG A 267 20.17 9.40 27.31
CA ARG A 267 19.70 8.84 28.59
C ARG A 267 18.81 7.59 28.40
N PHE A 268 17.90 7.63 27.43
CA PHE A 268 17.07 6.46 27.13
C PHE A 268 17.91 5.18 27.03
N TRP A 269 19.11 5.32 26.49
CA TRP A 269 19.97 4.18 26.19
C TRP A 269 21.08 3.92 27.20
N ALA A 270 20.91 4.49 28.39
CA ALA A 270 21.78 4.24 29.53
C ALA A 270 22.16 2.75 29.69
N PRO A 271 21.19 1.80 29.55
CA PRO A 271 21.56 0.41 29.72
C PRO A 271 22.76 -0.06 28.86
N LEU A 272 22.92 0.50 27.66
CA LEU A 272 24.04 0.16 26.73
C LEU A 272 25.41 0.54 27.34
N SER A 273 25.39 1.42 28.35
CA SER A 273 26.59 1.85 29.06
C SER A 273 26.99 0.93 30.22
N LEU A 274 26.20 -0.11 30.49
CA LEU A 274 26.53 -1.05 31.55
C LEU A 274 27.57 -2.00 30.94
N THR A 275 28.17 -2.86 31.77
CA THR A 275 29.13 -3.87 31.27
C THR A 275 28.48 -4.92 30.36
N ALA A 276 29.30 -5.66 29.62
CA ALA A 276 28.83 -6.72 28.73
C ALA A 276 28.13 -7.81 29.57
N GLU A 277 28.75 -8.18 30.68
CA GLU A 277 28.18 -8.99 31.76
C GLU A 277 26.72 -8.68 32.06
N GLN A 278 26.50 -7.47 32.57
CA GLN A 278 25.17 -7.01 32.96
C GLN A 278 24.20 -7.07 31.76
N LYS A 279 24.64 -6.60 30.58
CA LYS A 279 23.75 -6.57 29.41
C LYS A 279 23.25 -7.94 28.94
N HIS A 280 24.13 -8.94 29.01
CA HIS A 280 23.81 -10.30 28.56
C HIS A 280 23.19 -11.20 29.63
N SER A 281 23.34 -10.84 30.92
CA SER A 281 22.93 -11.73 32.01
C SER A 281 21.84 -11.18 32.98
N ILE A 282 21.66 -9.86 33.02
CA ILE A 282 20.59 -9.30 33.81
C ILE A 282 19.24 -9.63 33.13
N ASP A 283 18.34 -10.29 33.85
CA ASP A 283 17.11 -10.82 33.24
C ASP A 283 15.83 -9.95 33.39
N ASP A 284 15.98 -8.72 33.87
CA ASP A 284 14.84 -7.92 34.41
C ASP A 284 15.03 -6.46 34.08
N PRO A 285 14.15 -5.89 33.22
CA PRO A 285 14.30 -4.51 32.75
C PRO A 285 14.30 -3.50 33.92
N ILE A 286 13.52 -3.79 34.96
CA ILE A 286 13.51 -2.96 36.19
C ILE A 286 14.91 -2.93 36.79
N GLU A 287 15.55 -4.10 36.83
CA GLU A 287 16.88 -4.29 37.42
C GLU A 287 17.99 -3.61 36.59
N GLU A 289 17.48 -1.20 34.46
CA GLU A 289 17.18 0.22 34.51
C GLU A 289 17.74 0.92 35.74
N LYS A 290 17.58 0.28 36.91
CA LYS A 290 18.14 0.77 38.18
C LYS A 290 19.66 0.87 38.12
N ALA A 291 20.32 -0.20 37.62
CA ALA A 291 21.76 -0.19 37.40
C ALA A 291 22.16 0.95 36.47
N ALA A 292 21.50 1.01 35.29
CA ALA A 292 21.75 1.98 34.23
C ALA A 292 21.51 3.45 34.63
N ASP A 293 20.41 3.71 35.36
CA ASP A 293 20.09 5.11 35.73
C ASP A 293 20.87 5.74 36.88
N ALA A 294 21.66 4.94 37.59
CA ALA A 294 22.52 5.50 38.64
C ALA A 294 23.70 6.26 38.01
N LEU A 295 23.99 5.90 36.77
CA LEU A 295 25.09 6.48 35.97
C LEU A 295 24.72 7.88 35.52
N PRO A 296 25.64 8.87 35.68
CA PRO A 296 25.44 10.25 35.23
C PRO A 296 25.53 10.33 33.73
N ILE A 297 24.97 11.42 33.22
CA ILE A 297 24.78 11.55 31.76
C ILE A 297 26.09 11.55 30.95
N GLU A 298 27.14 12.21 31.50
CA GLU A 298 28.43 12.23 30.80
C GLU A 298 29.02 10.81 30.60
N GLN A 299 28.76 9.89 31.54
CA GLN A 299 29.19 8.47 31.38
C GLN A 299 28.45 7.69 30.25
N ILE A 300 27.15 7.86 30.20
CA ILE A 300 26.31 7.31 29.13
C ILE A 300 26.69 7.87 27.76
N ALA A 301 26.91 9.19 27.69
CA ALA A 301 27.27 9.83 26.42
C ALA A 301 28.59 9.29 25.82
N LYS A 302 29.49 8.82 26.68
CA LYS A 302 30.74 8.16 26.24
C LYS A 302 30.51 7.05 25.20
N ARG A 303 29.35 6.39 25.26
CA ARG A 303 29.07 5.27 24.36
C ARG A 303 28.73 5.75 22.93
N TRP A 304 28.40 7.04 22.84
CA TRP A 304 27.82 7.68 21.67
C TRP A 304 28.76 8.65 20.99
N ILE A 305 28.67 8.69 19.67
CA ILE A 305 29.21 9.79 18.86
C ILE A 305 28.26 10.97 19.08
N VAL A 306 28.69 11.96 19.87
CA VAL A 306 27.84 13.10 20.16
C VAL A 306 28.38 14.32 19.41
N ALA A 307 27.54 14.94 18.57
CA ALA A 307 28.00 15.90 17.56
C ALA A 307 26.92 16.91 17.25
N SER A 308 27.30 18.16 16.96
CA SER A 308 26.32 19.21 16.68
C SER A 308 26.66 19.92 15.38
N ASP A 309 27.71 19.41 14.73
CA ASP A 309 28.19 19.97 13.50
C ASP A 309 28.34 18.82 12.45
N PRO A 310 27.91 19.04 11.19
CA PRO A 310 27.93 17.98 10.17
C PRO A 310 29.33 17.44 9.93
N ASP A 311 30.30 18.31 10.04
CA ASP A 311 31.70 17.99 9.82
C ASP A 311 32.34 17.11 10.88
N GLU A 312 32.12 17.40 12.16
CA GLU A 312 32.65 16.54 13.22
C GLU A 312 32.02 15.15 13.12
N ALA A 313 30.70 15.14 12.90
CA ALA A 313 29.90 13.96 12.67
C ALA A 313 30.52 13.12 11.58
N VAL A 314 30.66 13.69 10.39
CA VAL A 314 31.12 12.92 9.24
C VAL A 314 32.57 12.45 9.44
N GLU A 315 33.36 13.24 10.15
CA GLU A 315 34.74 12.82 10.48
C GLU A 315 34.77 11.55 11.35
N LYS A 316 33.99 11.53 12.43
CA LYS A 316 33.95 10.39 13.34
C LYS A 316 33.31 9.15 12.69
N VAL A 317 32.26 9.38 11.89
CA VAL A 317 31.56 8.27 11.19
C VAL A 317 32.46 7.65 10.11
N GLY A 318 33.09 8.53 9.31
CA GLY A 318 34.05 8.13 8.26
C GLY A 318 35.25 7.31 8.67
N GLN A 319 35.58 7.32 9.97
CA GLN A 319 36.62 6.43 10.52
C GLN A 319 36.34 4.97 10.20
N TYR A 320 35.08 4.57 10.33
CA TYR A 320 34.66 3.18 10.20
C TYR A 320 34.78 2.64 8.78
N VAL A 321 34.51 3.51 7.82
CA VAL A 321 34.74 3.25 6.41
C VAL A 321 36.24 3.00 6.19
N THR A 322 37.09 3.83 6.80
CA THR A 322 38.55 3.67 6.70
C THR A 322 38.99 2.31 7.30
N TRP A 323 38.36 1.90 8.39
CA TRP A 323 38.68 0.59 9.00
C TRP A 323 38.08 -0.67 8.33
N GLY A 324 37.30 -0.48 7.27
CA GLY A 324 36.85 -1.61 6.44
C GLY A 324 35.36 -1.88 6.41
N LEU A 325 34.59 -1.15 7.20
CA LEU A 325 33.13 -1.41 7.23
C LEU A 325 32.49 -0.75 6.02
N ASN A 326 31.50 -1.42 5.42
CA ASN A 326 30.85 -0.90 4.24
C ASN A 326 29.34 -0.71 4.42
N HIS A 327 28.77 -1.23 5.50
CA HIS A 327 27.31 -1.14 5.69
C HIS A 327 27.05 -0.42 7.03
N LEU A 328 26.74 0.86 6.95
CA LEU A 328 26.67 1.72 8.12
C LEU A 328 25.19 1.94 8.47
N VAL A 329 24.76 1.33 9.59
CA VAL A 329 23.39 1.42 10.04
C VAL A 329 23.33 2.37 11.25
N PHE A 330 22.54 3.41 11.12
CA PHE A 330 22.59 4.49 12.11
C PHE A 330 21.52 4.34 13.16
N HIS A 331 21.99 4.36 14.40
CA HIS A 331 21.15 4.31 15.55
C HIS A 331 21.23 5.67 16.26
N ALA A 332 20.13 6.40 16.20
CA ALA A 332 19.99 7.70 16.85
C ALA A 332 19.18 7.46 18.12
N PRO A 333 19.65 7.97 19.26
CA PRO A 333 19.04 7.62 20.57
C PRO A 333 17.77 8.40 20.96
N GLY A 334 17.57 9.58 20.38
CA GLY A 334 16.46 10.44 20.80
C GLY A 334 15.09 9.89 20.42
N HIS A 335 14.06 10.37 21.09
CA HIS A 335 12.71 9.99 20.72
C HIS A 335 12.26 10.53 19.35
N ASP A 336 12.76 11.71 18.98
CA ASP A 336 12.35 12.31 17.72
C ASP A 336 13.14 11.74 16.56
N GLN A 337 12.72 10.58 16.11
CA GLN A 337 13.48 9.88 15.06
C GLN A 337 13.38 10.59 13.70
N ARG A 338 12.21 11.18 13.43
CA ARG A 338 11.94 11.91 12.19
C ARG A 338 12.86 13.15 12.01
N ARG A 339 13.15 13.84 13.12
CA ARG A 339 14.14 14.95 13.11
C ARG A 339 15.51 14.39 12.69
N PHE A 340 15.88 13.27 13.27
CA PHE A 340 17.16 12.68 12.96
C PHE A 340 17.26 12.24 11.48
N LEU A 341 16.19 11.66 10.94
CA LEU A 341 16.16 11.29 9.53
C LEU A 341 16.28 12.52 8.61
N GLU A 342 15.59 13.59 9.01
CA GLU A 342 15.65 14.86 8.28
C GLU A 342 17.07 15.43 8.31
N LEU A 343 17.66 15.50 9.49
CA LEU A 343 19.01 16.00 9.68
C LEU A 343 20.01 15.12 8.91
N PHE A 344 19.88 13.81 9.07
CA PHE A 344 20.75 12.86 8.36
C PHE A 344 20.74 13.17 6.85
N GLN A 345 19.55 13.18 6.26
CA GLN A 345 19.42 13.32 4.81
C GLN A 345 19.99 14.64 4.29
N SER A 346 19.71 15.74 4.97
CA SER A 346 20.17 17.03 4.48
C SER A 346 21.65 17.33 4.82
N ASP A 347 22.05 17.12 6.06
CA ASP A 347 23.40 17.45 6.55
C ASP A 347 24.45 16.33 6.35
N LEU A 348 24.08 15.07 6.58
CA LEU A 348 25.08 14.02 6.71
C LEU A 348 25.25 13.15 5.49
N ALA A 349 24.13 12.68 4.95
CA ALA A 349 24.14 11.73 3.85
C ALA A 349 24.99 12.17 2.65
N PRO A 350 24.88 13.46 2.22
CA PRO A 350 25.63 13.87 1.03
C PRO A 350 27.15 13.80 1.22
N ARG A 351 27.62 14.11 2.43
CA ARG A 351 29.04 14.05 2.76
C ARG A 351 29.47 12.56 2.89
N LEU A 352 28.61 11.74 3.51
CA LEU A 352 28.92 10.34 3.69
C LEU A 352 28.98 9.54 2.39
N ARG A 353 28.07 9.78 1.46
CA ARG A 353 28.09 9.12 0.14
C ARG A 353 29.42 9.38 -0.60
N ARG A 354 29.96 10.60 -0.45
CA ARG A 354 31.32 10.99 -0.90
C ARG A 354 31.46 12.46 -1.33
N ALA B 22 -21.92 -12.81 17.49
CA ALA B 22 -22.62 -13.85 16.72
C ALA B 22 -23.56 -13.37 15.60
N GLU B 23 -23.27 -12.19 15.06
CA GLU B 23 -23.72 -11.75 13.73
C GLU B 23 -23.14 -12.66 12.65
N LEU B 24 -23.83 -12.78 11.51
CA LEU B 24 -23.32 -13.57 10.38
C LEU B 24 -22.12 -12.92 9.66
N LYS B 25 -21.03 -13.66 9.58
CA LYS B 25 -19.85 -13.23 8.84
C LYS B 25 -19.50 -14.26 7.76
N LEU B 26 -19.02 -13.79 6.61
CA LEU B 26 -18.53 -14.68 5.54
C LEU B 26 -17.01 -14.40 5.31
N GLY B 27 -16.19 -15.43 5.40
CA GLY B 27 -14.74 -15.24 5.31
C GLY B 27 -14.11 -16.27 4.40
N TYR B 28 -12.79 -16.15 4.32
CA TYR B 28 -12.05 -16.89 3.34
C TYR B 28 -10.88 -17.62 4.00
N LYS B 29 -10.78 -18.89 3.68
CA LYS B 29 -9.67 -19.76 4.05
C LYS B 29 -8.55 -19.68 3.03
N ALA B 30 -7.45 -19.14 3.50
CA ALA B 30 -6.21 -19.10 2.79
C ALA B 30 -5.39 -20.37 3.09
N SER B 31 -5.21 -21.23 2.10
CA SER B 31 -4.59 -22.50 2.33
C SER B 31 -3.10 -22.44 2.07
N ALA B 32 -2.36 -22.27 3.16
CA ALA B 32 -0.91 -22.30 3.17
C ALA B 32 -0.36 -23.62 2.62
N GLU B 33 -1.15 -24.70 2.70
CA GLU B 33 -0.74 -26.02 2.22
C GLU B 33 -0.54 -25.99 0.69
N GLN B 34 -1.26 -25.09 0.00
CA GLN B 34 -1.49 -25.18 -1.47
C GLN B 34 -0.81 -24.12 -2.35
N PHE B 35 -0.38 -23.06 -1.70
CA PHE B 35 0.14 -21.89 -2.36
C PHE B 35 1.43 -21.34 -1.74
N ALA B 36 2.30 -20.83 -2.63
CA ALA B 36 3.54 -20.12 -2.25
C ALA B 36 3.27 -18.78 -1.51
N PRO B 37 4.28 -18.21 -0.79
CA PRO B 37 3.96 -17.04 0.06
C PRO B 37 3.28 -15.86 -0.61
N ARG B 38 3.81 -15.40 -1.75
CA ARG B 38 3.28 -14.21 -2.39
C ARG B 38 1.84 -14.38 -2.83
N GLU B 39 1.59 -15.46 -3.58
CA GLU B 39 0.23 -15.85 -3.96
C GLU B 39 -0.75 -15.99 -2.77
N LEU B 40 -0.28 -16.55 -1.67
CA LEU B 40 -1.13 -16.70 -0.49
C LEU B 40 -1.61 -15.34 0.10
N VAL B 41 -0.72 -14.35 0.19
CA VAL B 41 -1.05 -12.96 0.51
C VAL B 41 -2.00 -12.28 -0.50
N GLU B 42 -1.65 -12.31 -1.78
CA GLU B 42 -2.48 -11.71 -2.82
C GLU B 42 -3.88 -12.31 -2.88
N LEU B 43 -4.02 -13.63 -2.76
CA LEU B 43 -5.38 -14.26 -2.62
C LEU B 43 -6.23 -13.68 -1.46
N ALA B 44 -5.60 -13.42 -0.32
CA ALA B 44 -6.31 -12.87 0.83
C ALA B 44 -6.73 -11.41 0.50
N VAL B 45 -5.86 -10.69 -0.22
CA VAL B 45 -6.21 -9.33 -0.69
C VAL B 45 -7.40 -9.37 -1.66
N ALA B 46 -7.36 -10.28 -2.63
CA ALA B 46 -8.52 -10.54 -3.50
C ALA B 46 -9.79 -10.91 -2.70
N ALA B 47 -9.64 -11.61 -1.59
CA ALA B 47 -10.80 -11.97 -0.75
C ALA B 47 -11.48 -10.69 -0.22
N GLU B 48 -10.69 -9.70 0.21
CA GLU B 48 -11.22 -8.40 0.60
C GLU B 48 -11.92 -7.71 -0.56
N ALA B 49 -11.22 -7.62 -1.70
CA ALA B 49 -11.76 -7.07 -2.94
C ALA B 49 -13.13 -7.65 -3.24
N HIS B 50 -13.31 -8.96 -2.97
CA HIS B 50 -14.57 -9.73 -3.25
C HIS B 50 -15.63 -9.78 -2.13
N GLY B 51 -15.45 -8.94 -1.11
CA GLY B 51 -16.44 -8.77 -0.04
C GLY B 51 -16.37 -9.63 1.22
N ASP B 53 -15.40 -10.79 4.93
CA ASP B 53 -15.33 -10.13 6.21
C ASP B 53 -14.05 -10.51 6.95
N SER B 54 -13.48 -11.67 6.61
CA SER B 54 -12.34 -12.23 7.33
C SER B 54 -11.52 -13.14 6.43
N ALA B 55 -10.29 -13.41 6.84
CA ALA B 55 -9.48 -14.45 6.22
C ALA B 55 -8.64 -15.12 7.29
N THR B 56 -8.48 -16.43 7.16
CA THR B 56 -7.78 -17.23 8.18
C THR B 56 -6.81 -18.18 7.49
N VAL B 57 -5.71 -18.48 8.17
CA VAL B 57 -4.71 -19.37 7.55
C VAL B 57 -4.40 -20.58 8.45
N SER B 58 -4.13 -21.76 7.84
CA SER B 58 -3.59 -22.90 8.52
C SER B 58 -2.13 -22.57 8.93
N ASP B 59 -1.71 -23.06 10.09
CA ASP B 59 -0.34 -22.91 10.53
C ASP B 59 0.30 -24.27 10.52
N HIS B 60 1.24 -24.43 9.63
CA HIS B 60 1.93 -25.69 9.40
CA HIS B 60 1.95 -25.67 9.55
C HIS B 60 3.40 -25.36 9.29
N PHE B 61 4.24 -26.30 9.66
CA PHE B 61 5.63 -26.17 9.34
C PHE B 61 5.85 -26.85 7.98
N GLN B 62 5.10 -27.91 7.72
CA GLN B 62 5.07 -28.56 6.41
C GLN B 62 3.72 -29.23 6.07
N PRO B 63 3.30 -29.17 4.80
CA PRO B 63 1.95 -29.65 4.40
C PRO B 63 1.93 -31.18 4.32
N HIS B 66 3.56 -33.38 -0.18
CA HIS B 66 4.74 -32.79 -0.79
C HIS B 66 4.52 -32.31 -2.23
N GLN B 67 3.77 -33.09 -3.00
CA GLN B 67 3.55 -32.79 -4.41
C GLN B 67 2.65 -31.58 -4.61
N GLY B 68 3.26 -30.43 -4.88
CA GLY B 68 2.50 -29.18 -4.97
C GLY B 68 2.25 -28.62 -3.59
N GLY B 69 3.02 -29.12 -2.62
CA GLY B 69 2.92 -28.70 -1.24
C GLY B 69 3.65 -27.40 -0.97
N HIS B 70 3.16 -26.62 -0.01
CA HIS B 70 3.75 -25.35 0.41
C HIS B 70 3.55 -25.20 1.94
N ALA B 71 4.22 -24.24 2.60
CA ALA B 71 3.88 -23.90 4.00
C ALA B 71 4.43 -22.51 4.31
N PRO B 72 3.82 -21.46 3.70
CA PRO B 72 4.35 -20.16 4.10
C PRO B 72 4.05 -19.86 5.56
N PHE B 73 5.02 -19.23 6.18
CA PHE B 73 4.96 -18.88 7.60
C PHE B 73 3.70 -18.05 7.88
N SER B 74 2.82 -18.63 8.70
CA SER B 74 1.48 -18.08 8.97
C SER B 74 1.49 -16.63 9.44
N LEU B 75 2.38 -16.31 10.38
CA LEU B 75 2.44 -14.95 11.00
C LEU B 75 2.93 -13.87 10.02
N SER B 76 3.86 -14.23 9.12
CA SER B 76 4.18 -13.37 7.97
C SER B 76 2.96 -13.16 7.07
N TRP B 77 2.22 -14.23 6.75
CA TRP B 77 0.97 -14.04 5.99
C TRP B 77 0.03 -13.07 6.72
N THR B 79 0.53 -10.63 8.83
CA THR B 79 1.06 -9.28 8.82
C THR B 79 1.04 -8.62 7.44
N ALA B 80 1.52 -9.35 6.42
CA ALA B 80 1.50 -8.82 5.06
C ALA B 80 0.09 -8.49 4.62
N VAL B 81 -0.87 -9.41 4.82
CA VAL B 81 -2.25 -9.14 4.44
C VAL B 81 -2.85 -7.95 5.25
N GLY B 82 -2.61 -7.95 6.56
CA GLY B 82 -3.02 -6.83 7.45
C GLY B 82 -2.57 -5.49 6.89
N GLU B 83 -1.30 -5.44 6.47
CA GLU B 83 -0.70 -4.18 6.06
C GLU B 83 -1.30 -3.77 4.71
N ARG B 84 -1.79 -4.76 3.95
CA ARG B 84 -2.38 -4.57 2.60
C ARG B 84 -3.92 -4.46 2.52
N THR B 85 -4.59 -4.59 3.67
CA THR B 85 -6.04 -4.64 3.75
C THR B 85 -6.58 -3.68 4.82
N ASN B 86 -7.87 -3.44 4.78
CA ASN B 86 -8.53 -2.37 5.53
C ASN B 86 -9.59 -2.87 6.51
N ARG B 87 -10.25 -3.98 6.15
CA ARG B 87 -11.34 -4.51 6.97
C ARG B 87 -11.27 -5.95 7.42
N LEU B 88 -10.69 -6.88 6.62
CA LEU B 88 -10.59 -8.31 7.03
C LEU B 88 -10.18 -8.52 8.49
N LEU B 89 -10.99 -9.27 9.24
CA LEU B 89 -10.50 -9.90 10.47
C LEU B 89 -9.50 -10.99 10.08
N LEU B 90 -8.37 -11.06 10.77
CA LEU B 90 -7.33 -11.99 10.40
C LEU B 90 -6.93 -12.84 11.57
N GLY B 91 -6.64 -14.12 11.27
CA GLY B 91 -6.15 -15.03 12.27
C GLY B 91 -5.82 -16.41 11.75
N THR B 92 -5.40 -17.25 12.70
CA THR B 92 -4.98 -18.62 12.43
C THR B 92 -6.15 -19.58 12.66
N SER B 93 -6.20 -20.59 11.81
CA SER B 93 -7.19 -21.65 11.92
C SER B 93 -6.52 -23.01 11.57
N VAL B 94 -5.76 -23.64 12.48
CA VAL B 94 -5.29 -23.06 13.75
C VAL B 94 -3.80 -23.24 13.94
N LEU B 95 -3.29 -22.61 15.01
CA LEU B 95 -1.89 -22.66 15.38
C LEU B 95 -1.81 -23.41 16.71
N THR B 96 -0.77 -24.23 16.88
CA THR B 96 -0.46 -24.93 18.09
C THR B 96 0.51 -24.10 18.97
N PRO B 97 0.03 -23.57 20.13
CA PRO B 97 0.88 -22.66 20.91
C PRO B 97 1.67 -23.35 22.01
N THR B 98 1.92 -24.64 21.84
CA THR B 98 2.32 -25.52 22.94
C THR B 98 3.64 -26.29 22.77
N PHE B 99 4.15 -26.42 21.55
CA PHE B 99 5.34 -27.27 21.30
C PHE B 99 6.52 -26.51 20.67
N ARG B 100 6.57 -26.36 19.33
CA ARG B 100 7.69 -25.64 18.64
C ARG B 100 7.64 -24.12 18.88
N TYR B 101 6.43 -23.65 19.16
CA TYR B 101 6.20 -22.27 19.48
C TYR B 101 6.13 -22.06 21.01
N ASN B 102 6.99 -21.20 21.54
CA ASN B 102 6.91 -20.67 22.91
C ASN B 102 5.64 -19.78 23.08
N PRO B 103 4.76 -20.12 24.02
CA PRO B 103 3.51 -19.35 24.12
C PRO B 103 3.69 -17.89 24.47
N ALA B 104 4.80 -17.52 25.13
CA ALA B 104 5.08 -16.11 25.44
C ALA B 104 5.40 -15.34 24.16
N VAL B 105 6.08 -16.00 23.23
CA VAL B 105 6.41 -15.37 21.98
C VAL B 105 5.18 -15.25 21.10
N ILE B 106 4.32 -16.26 21.15
CA ILE B 106 3.04 -16.16 20.48
C ILE B 106 2.22 -15.00 21.09
N ALA B 107 2.23 -14.86 22.40
CA ALA B 107 1.49 -13.75 23.00
C ALA B 107 2.03 -12.42 22.48
N GLN B 108 3.35 -12.33 22.36
CA GLN B 108 3.97 -11.09 21.91
C GLN B 108 3.64 -10.83 20.45
N ALA B 109 3.76 -11.87 19.61
CA ALA B 109 3.48 -11.72 18.20
C ALA B 109 2.05 -11.24 17.95
N PHE B 110 1.06 -11.79 18.63
CA PHE B 110 -0.29 -11.47 18.28
C PHE B 110 -0.73 -10.19 18.91
N ALA B 111 -0.18 -9.90 20.07
CA ALA B 111 -0.34 -8.55 20.67
C ALA B 111 0.21 -7.48 19.73
N THR B 112 1.42 -7.70 19.18
CA THR B 112 1.98 -6.76 18.20
C THR B 112 1.08 -6.60 16.98
N GLY B 114 -1.98 -7.13 16.83
CA GLY B 114 -3.22 -6.49 17.33
C GLY B 114 -3.07 -4.99 17.41
N CYS B 115 -1.84 -4.52 17.68
CA CYS B 115 -1.54 -3.08 17.71
C CYS B 115 -1.50 -2.50 16.31
N LEU B 116 -0.83 -3.22 15.39
CA LEU B 116 -0.74 -2.88 13.97
C LEU B 116 -2.06 -2.84 13.19
N TYR B 117 -2.97 -3.75 13.51
CA TYR B 117 -4.32 -3.88 12.82
C TYR B 117 -5.42 -3.90 13.90
N PRO B 118 -5.71 -2.72 14.49
CA PRO B 118 -6.68 -2.67 15.60
C PRO B 118 -8.02 -3.34 15.33
N ASN B 119 -8.40 -4.21 16.25
CA ASN B 119 -9.70 -4.91 16.24
C ASN B 119 -9.90 -5.85 15.08
N ARG B 120 -8.79 -6.32 14.52
CA ARG B 120 -8.80 -7.12 13.30
C ARG B 120 -7.96 -8.38 13.43
N VAL B 121 -7.48 -8.68 14.63
CA VAL B 121 -6.68 -9.87 14.84
C VAL B 121 -7.27 -10.87 15.84
N PHE B 122 -7.28 -12.15 15.49
CA PHE B 122 -7.50 -13.17 16.54
C PHE B 122 -6.47 -14.32 16.51
N LEU B 123 -6.35 -14.99 17.65
CA LEU B 123 -5.55 -16.18 17.78
C LEU B 123 -6.44 -17.44 17.77
N GLY B 124 -6.34 -18.22 16.67
CA GLY B 124 -7.00 -19.55 16.58
C GLY B 124 -6.01 -20.63 16.97
N VAL B 125 -6.39 -21.42 17.99
CA VAL B 125 -5.53 -22.42 18.59
C VAL B 125 -6.14 -23.82 18.50
N GLY B 126 -5.26 -24.82 18.44
CA GLY B 126 -5.60 -26.24 18.53
C GLY B 126 -4.64 -27.04 19.41
N THR B 127 -4.92 -28.34 19.52
CA THR B 127 -4.16 -29.26 20.41
C THR B 127 -2.91 -29.82 19.74
N GLY B 128 -2.81 -29.71 18.41
CA GLY B 128 -1.54 -30.02 17.75
C GLY B 128 -1.54 -31.26 16.87
N GLU B 129 -0.55 -31.28 15.97
CA GLU B 129 -0.28 -32.39 15.08
C GLU B 129 1.17 -32.84 15.21
N ALA B 130 1.37 -34.14 15.50
CA ALA B 130 2.68 -34.79 15.50
C ALA B 130 3.61 -34.39 14.36
N LEU B 131 3.02 -34.26 13.17
CA LEU B 131 3.78 -34.03 11.94
C LEU B 131 4.61 -32.74 11.98
N ASN B 132 3.96 -31.62 12.30
CA ASN B 132 4.64 -30.33 12.57
C ASN B 132 5.70 -30.41 13.67
N GLU B 133 5.34 -31.07 14.78
CA GLU B 133 6.19 -31.02 15.98
C GLU B 133 7.40 -31.99 15.94
N ILE B 134 7.19 -33.21 15.47
CA ILE B 134 8.31 -34.16 15.33
C ILE B 134 9.32 -33.60 14.31
N ALA B 135 8.81 -33.06 13.19
CA ALA B 135 9.68 -32.53 12.12
C ALA B 135 10.63 -31.43 12.61
N THR B 136 10.13 -30.56 13.48
CA THR B 136 10.93 -29.44 14.00
C THR B 136 11.67 -29.75 15.31
N GLY B 137 11.75 -31.03 15.67
CA GLY B 137 12.68 -31.46 16.70
C GLY B 137 12.14 -31.92 18.04
N TYR B 138 10.83 -32.19 18.09
CA TYR B 138 10.22 -32.74 19.30
C TYR B 138 10.75 -34.16 19.64
N GLU B 139 11.23 -34.34 20.87
CA GLU B 139 11.81 -35.62 21.28
C GLU B 139 10.89 -36.43 22.17
N GLY B 140 11.02 -37.73 22.09
CA GLY B 140 10.21 -38.62 22.91
C GLY B 140 8.85 -38.80 22.29
N ALA B 141 8.02 -39.62 22.94
CA ALA B 141 6.71 -40.00 22.41
C ALA B 141 5.80 -38.79 22.23
N TRP B 142 5.09 -38.76 21.11
CA TRP B 142 4.09 -37.74 20.85
C TRP B 142 2.95 -37.84 21.90
N PRO B 143 2.81 -36.81 22.77
CA PRO B 143 1.82 -36.84 23.86
C PRO B 143 0.42 -37.20 23.45
N GLU B 144 -0.23 -37.99 24.30
CA GLU B 144 -1.62 -38.39 24.11
C GLU B 144 -2.54 -37.19 24.24
N PHE B 145 -3.71 -37.29 23.61
CA PHE B 145 -4.73 -36.23 23.60
C PHE B 145 -4.90 -35.48 24.93
N LYS B 146 -4.97 -36.21 26.05
CA LYS B 146 -5.21 -35.60 27.36
C LYS B 146 -4.16 -34.54 27.70
N GLU B 147 -2.88 -34.88 27.48
CA GLU B 147 -1.78 -33.94 27.72
C GLU B 147 -1.79 -32.77 26.73
N ARG B 148 -2.12 -33.03 25.48
CA ARG B 148 -2.17 -31.98 24.46
C ARG B 148 -3.24 -30.92 24.74
N PHE B 149 -4.38 -31.38 25.26
CA PHE B 149 -5.48 -30.56 25.77
C PHE B 149 -5.02 -29.78 27.04
N ALA B 150 -4.37 -30.43 28.00
CA ALA B 150 -3.95 -29.73 29.24
C ALA B 150 -2.87 -28.70 28.94
N ARG B 151 -1.94 -29.07 28.06
CA ARG B 151 -0.98 -28.09 27.53
C ARG B 151 -1.69 -26.89 26.90
N LEU B 152 -2.71 -27.15 26.09
CA LEU B 152 -3.48 -26.09 25.44
C LEU B 152 -4.16 -25.16 26.47
N ARG B 153 -4.90 -25.73 27.40
CA ARG B 153 -5.57 -24.91 28.45
C ARG B 153 -4.58 -24.02 29.19
N GLU B 154 -3.45 -24.59 29.60
CA GLU B 154 -2.41 -23.90 30.38
C GLU B 154 -1.77 -22.80 29.61
N SER B 155 -1.44 -23.06 28.34
CA SER B 155 -0.91 -22.02 27.46
C SER B 155 -1.87 -20.83 27.22
N VAL B 156 -3.18 -21.08 27.11
CA VAL B 156 -4.12 -20.00 26.85
C VAL B 156 -4.21 -19.05 28.06
N GLY B 157 -4.20 -19.60 29.26
CA GLY B 157 -4.22 -18.79 30.47
C GLY B 157 -2.92 -18.03 30.65
N LEU B 158 -1.78 -18.67 30.37
CA LEU B 158 -0.49 -18.02 30.37
C LEU B 158 -0.50 -16.79 29.44
N ARG B 160 -3.13 -15.07 28.11
CA ARG B 160 -4.05 -14.08 28.68
C ARG B 160 -3.50 -13.24 29.86
N GLN B 161 -2.76 -13.86 30.77
CA GLN B 161 -2.10 -13.13 31.87
C GLN B 161 -1.09 -12.15 31.29
N LEU B 162 -0.32 -12.61 30.29
CA LEU B 162 0.58 -11.72 29.56
C LEU B 162 -0.13 -10.52 28.88
N TRP B 163 -1.26 -10.75 28.22
CA TRP B 163 -2.00 -9.65 27.59
C TRP B 163 -2.68 -8.65 28.52
N SER B 164 -2.65 -8.88 29.82
CA SER B 164 -3.04 -7.83 30.78
C SER B 164 -2.07 -6.66 30.68
N GLY B 165 -0.82 -6.93 30.29
CA GLY B 165 0.18 -5.86 30.18
C GLY B 165 0.97 -5.61 31.46
N ASP B 166 0.59 -6.33 32.51
CA ASP B 166 1.34 -6.40 33.77
C ASP B 166 2.41 -7.50 33.78
N ARG B 167 3.29 -7.43 34.78
CA ARG B 167 4.35 -8.42 34.98
C ARG B 167 3.74 -9.73 35.46
N VAL B 168 4.17 -10.82 34.83
CA VAL B 168 3.73 -12.19 35.11
C VAL B 168 4.85 -13.15 35.53
N ASP B 169 4.60 -13.78 36.68
CA ASP B 169 5.31 -14.93 37.15
C ASP B 169 4.39 -16.12 37.00
N PHE B 170 4.86 -17.12 36.25
CA PHE B 170 4.04 -18.28 35.95
C PHE B 170 4.88 -19.55 36.16
N ASP B 171 4.29 -20.53 36.85
CA ASP B 171 4.95 -21.84 37.03
C ASP B 171 3.90 -22.93 36.87
N GLY B 172 3.64 -23.36 35.63
CA GLY B 172 2.67 -24.42 35.36
C GLY B 172 3.34 -25.77 35.24
N ASP B 173 2.57 -26.82 34.96
CA ASP B 173 3.17 -28.15 34.74
C ASP B 173 4.03 -28.20 33.51
N TYR B 174 3.77 -27.27 32.59
CA TYR B 174 4.42 -27.27 31.29
C TYR B 174 5.23 -26.05 30.90
N TYR B 175 4.73 -24.84 31.21
CA TYR B 175 5.34 -23.55 30.78
C TYR B 175 5.64 -22.63 31.95
N ARG B 176 6.55 -21.68 31.70
CA ARG B 176 7.05 -20.79 32.76
C ARG B 176 7.33 -19.39 32.25
N LEU B 177 7.17 -18.43 33.13
CA LEU B 177 7.53 -17.05 32.87
C LEU B 177 8.15 -16.54 34.15
N LYS B 178 9.19 -15.74 34.03
CA LYS B 178 9.79 -15.08 35.18
C LYS B 178 9.80 -13.56 34.94
N GLY B 179 8.95 -12.86 35.69
CA GLY B 179 8.81 -11.40 35.57
C GLY B 179 8.53 -10.82 34.19
N ALA B 180 7.77 -11.58 33.38
CA ALA B 180 7.55 -11.25 31.98
C ALA B 180 6.37 -10.29 31.78
N SER B 181 6.55 -9.33 30.88
CA SER B 181 5.49 -8.43 30.47
C SER B 181 5.50 -8.41 28.96
N ILE B 182 4.34 -8.11 28.40
CA ILE B 182 4.21 -7.65 27.03
C ILE B 182 3.99 -6.13 27.12
N TYR B 183 4.99 -5.38 26.66
CA TYR B 183 5.01 -3.91 26.73
C TYR B 183 4.03 -3.25 25.75
N ASP B 184 3.74 -3.96 24.65
CA ASP B 184 2.87 -3.44 23.59
C ASP B 184 1.64 -4.33 23.43
N VAL B 185 0.55 -3.94 24.12
CA VAL B 185 -0.68 -4.71 24.13
CA VAL B 185 -0.69 -4.69 24.16
C VAL B 185 -1.84 -3.90 23.54
N PRO B 186 -2.61 -4.54 22.65
CA PRO B 186 -3.75 -3.89 22.07
C PRO B 186 -4.89 -3.64 23.07
N ASP B 187 -5.53 -2.51 22.84
CA ASP B 187 -6.65 -2.05 23.62
C ASP B 187 -7.74 -3.11 23.81
N GLY B 188 -8.19 -3.72 22.70
CA GLY B 188 -9.17 -4.79 22.77
C GLY B 188 -8.65 -6.19 23.07
N GLY B 189 -7.44 -6.31 23.58
CA GLY B 189 -6.85 -7.65 23.81
C GLY B 189 -6.68 -8.52 22.55
N VAL B 190 -6.45 -9.80 22.73
CA VAL B 190 -6.29 -10.72 21.60
C VAL B 190 -7.31 -11.79 21.81
N PRO B 191 -8.37 -11.78 21.02
CA PRO B 191 -9.44 -12.75 21.14
C PRO B 191 -8.89 -14.15 20.80
N VAL B 192 -9.27 -15.13 21.60
CA VAL B 192 -8.81 -16.50 21.42
C VAL B 192 -9.96 -17.37 20.91
N TYR B 193 -9.73 -17.93 19.74
CA TYR B 193 -10.66 -18.89 19.17
C TYR B 193 -10.12 -20.31 19.36
N ILE B 194 -10.95 -21.19 19.91
CA ILE B 194 -10.55 -22.56 20.25
C ILE B 194 -11.19 -23.60 19.31
N ALA B 195 -10.34 -24.30 18.55
CA ALA B 195 -10.79 -25.33 17.60
C ALA B 195 -11.09 -26.70 18.28
N ALA B 196 -12.18 -27.32 17.87
CA ALA B 196 -12.59 -28.62 18.39
C ALA B 196 -13.20 -29.46 17.29
N GLY B 197 -12.80 -30.74 17.26
CA GLY B 197 -13.50 -31.80 16.54
C GLY B 197 -14.29 -32.72 17.45
N GLY B 198 -14.26 -32.44 18.76
CA GLY B 198 -14.97 -33.28 19.74
C GLY B 198 -15.60 -32.50 20.89
N PRO B 199 -16.50 -33.13 21.65
CA PRO B 199 -17.20 -32.49 22.79
C PRO B 199 -16.33 -31.88 23.88
N ALA B 200 -15.20 -32.53 24.21
CA ALA B 200 -14.30 -32.10 25.30
C ALA B 200 -13.68 -30.73 25.13
N VAL B 201 -13.14 -30.49 23.94
CA VAL B 201 -12.56 -29.18 23.63
C VAL B 201 -13.64 -28.16 23.26
N ALA B 202 -14.74 -28.61 22.64
CA ALA B 202 -15.87 -27.72 22.39
C ALA B 202 -16.36 -27.08 23.71
N LYS B 203 -16.40 -27.90 24.77
CA LYS B 203 -16.87 -27.47 26.07
C LYS B 203 -15.90 -26.48 26.67
N TYR B 204 -14.60 -26.81 26.61
CA TYR B 204 -13.57 -25.86 26.95
C TYR B 204 -13.71 -24.52 26.18
N ALA B 205 -13.93 -24.58 24.84
CA ALA B 205 -14.28 -23.41 24.02
C ALA B 205 -15.48 -22.58 24.56
N GLY B 206 -16.59 -23.25 24.89
CA GLY B 206 -17.72 -22.57 25.54
C GLY B 206 -17.40 -21.90 26.88
N ARG B 207 -16.56 -22.56 27.68
CA ARG B 207 -16.14 -22.04 28.98
C ARG B 207 -15.16 -20.87 28.90
N ALA B 208 -14.27 -20.90 27.91
CA ALA B 208 -13.09 -20.03 27.97
C ALA B 208 -12.79 -19.25 26.71
N GLY B 209 -13.31 -19.73 25.59
CA GLY B 209 -13.06 -19.13 24.28
C GLY B 209 -13.79 -17.82 23.97
N ASP B 210 -13.07 -16.90 23.33
CA ASP B 210 -13.73 -15.79 22.64
C ASP B 210 -14.41 -16.26 21.39
N GLY B 211 -13.91 -17.36 20.84
CA GLY B 211 -14.42 -17.89 19.61
C GLY B 211 -14.30 -19.37 19.68
N PHE B 212 -15.00 -20.04 18.78
CA PHE B 212 -14.98 -21.48 18.66
C PHE B 212 -14.82 -21.74 17.15
N ILE B 213 -14.01 -22.75 16.83
CA ILE B 213 -13.81 -23.17 15.43
C ILE B 213 -14.05 -24.65 15.21
N CYS B 214 -14.86 -24.97 14.21
CA CYS B 214 -14.88 -26.36 13.74
C CYS B 214 -14.78 -26.42 12.20
N THR B 215 -14.77 -27.64 11.64
CA THR B 215 -14.77 -27.80 10.19
C THR B 215 -15.99 -28.61 9.78
N SER B 216 -16.49 -28.32 8.59
CA SER B 216 -17.74 -28.87 8.02
C SER B 216 -17.59 -30.30 7.45
N GLY B 217 -18.71 -30.91 7.09
CA GLY B 217 -18.71 -32.07 6.20
C GLY B 217 -18.66 -33.38 6.94
N LYS B 218 -18.71 -33.32 8.27
CA LYS B 218 -18.44 -34.51 9.08
C LYS B 218 -19.65 -35.21 9.68
N GLY B 219 -20.85 -34.85 9.23
CA GLY B 219 -22.09 -35.49 9.66
C GLY B 219 -22.89 -34.59 10.56
N GLU B 220 -24.19 -34.47 10.26
CA GLU B 220 -25.11 -33.62 11.01
C GLU B 220 -25.01 -33.83 12.52
N GLU B 221 -24.74 -35.08 12.92
CA GLU B 221 -24.69 -35.51 14.33
C GLU B 221 -23.60 -34.79 15.10
N LEU B 222 -22.42 -34.70 14.51
CA LEU B 222 -21.29 -34.05 15.18
C LEU B 222 -21.66 -32.63 15.62
N TYR B 223 -22.33 -31.88 14.76
CA TYR B 223 -22.63 -30.47 15.03
C TYR B 223 -23.75 -30.30 16.08
N THR B 224 -24.87 -30.99 15.84
CA THR B 224 -26.08 -30.85 16.66
C THR B 224 -26.07 -31.66 17.97
N GLU B 225 -25.36 -32.79 17.97
CA GLU B 225 -25.39 -33.72 19.10
C GLU B 225 -24.16 -33.68 19.97
N LYS B 226 -23.00 -33.36 19.38
CA LYS B 226 -21.77 -33.28 20.15
C LYS B 226 -21.33 -31.81 20.39
N LEU B 227 -21.04 -31.11 19.29
CA LEU B 227 -20.33 -29.81 19.33
C LEU B 227 -21.12 -28.62 19.89
N PRO B 229 -24.05 -28.59 21.55
CA PRO B 229 -24.43 -28.74 22.98
C PRO B 229 -23.24 -28.65 23.95
N ALA B 230 -22.07 -29.17 23.55
CA ALA B 230 -20.85 -28.99 24.32
C ALA B 230 -20.50 -27.51 24.56
N VAL B 231 -20.55 -26.67 23.52
CA VAL B 231 -20.27 -25.21 23.61
C VAL B 231 -21.26 -24.52 24.57
N ARG B 232 -22.53 -24.89 24.45
CA ARG B 232 -23.57 -24.33 25.30
C ARG B 232 -23.38 -24.75 26.75
N GLU B 233 -22.96 -26.00 26.94
CA GLU B 233 -22.64 -26.56 28.26
C GLU B 233 -21.50 -25.80 28.97
N GLY B 234 -20.39 -25.64 28.25
CA GLY B 234 -19.28 -24.81 28.69
C GLY B 234 -19.66 -23.36 29.00
N ALA B 235 -20.37 -22.70 28.08
CA ALA B 235 -20.81 -21.32 28.31
C ALA B 235 -21.68 -21.24 29.56
N ALA B 236 -22.67 -22.14 29.67
CA ALA B 236 -23.52 -22.24 30.88
C ALA B 236 -22.73 -22.43 32.16
N ALA B 237 -21.90 -23.48 32.17
CA ALA B 237 -20.95 -23.78 33.24
C ALA B 237 -20.10 -22.59 33.74
N ALA B 238 -19.67 -21.71 32.83
CA ALA B 238 -18.86 -20.55 33.20
C ALA B 238 -19.71 -19.26 33.33
N ASP B 239 -21.05 -19.42 33.34
CA ASP B 239 -22.00 -18.31 33.43
C ASP B 239 -21.79 -17.27 32.32
N ARG B 240 -21.73 -17.77 31.08
CA ARG B 240 -21.51 -16.95 29.92
C ARG B 240 -22.68 -17.00 28.96
N SER B 241 -22.86 -15.88 28.28
CA SER B 241 -23.80 -15.81 27.19
C SER B 241 -23.18 -16.55 26.00
N VAL B 242 -23.89 -17.58 25.56
CA VAL B 242 -23.53 -18.38 24.39
C VAL B 242 -23.46 -17.46 23.16
N ASP B 243 -24.29 -16.43 23.15
CA ASP B 243 -24.41 -15.49 22.04
C ASP B 243 -23.14 -14.66 21.79
N GLY B 244 -22.33 -14.45 22.84
CA GLY B 244 -21.14 -13.62 22.73
C GLY B 244 -19.88 -14.33 22.20
N ILE B 245 -19.99 -15.65 22.01
CA ILE B 245 -18.94 -16.45 21.40
C ILE B 245 -19.13 -16.49 19.89
N ASP B 246 -18.11 -16.06 19.17
CA ASP B 246 -18.06 -16.22 17.75
C ASP B 246 -17.89 -17.71 17.36
N LYS B 247 -18.92 -18.28 16.73
CA LYS B 247 -18.94 -19.71 16.37
C LYS B 247 -18.64 -19.87 14.88
N ILE B 249 -16.89 -21.71 11.53
CA ILE B 249 -16.72 -23.02 10.86
C ILE B 249 -16.05 -22.86 9.49
N GLU B 250 -15.11 -23.72 9.19
CA GLU B 250 -14.54 -23.75 7.84
C GLU B 250 -15.48 -24.58 6.95
N ILE B 251 -16.21 -23.94 6.06
CA ILE B 251 -17.11 -24.63 5.10
C ILE B 251 -16.24 -25.19 3.95
N LYS B 252 -16.16 -26.51 3.85
CA LYS B 252 -15.50 -27.22 2.71
C LYS B 252 -16.48 -27.21 1.53
N ILE B 253 -16.30 -26.25 0.64
CA ILE B 253 -17.20 -26.09 -0.49
C ILE B 253 -16.48 -26.24 -1.83
N SER B 254 -17.00 -27.12 -2.66
CA SER B 254 -16.52 -27.21 -4.01
C SER B 254 -17.69 -26.89 -4.92
N TYR B 255 -18.03 -25.59 -4.98
CA TYR B 255 -19.05 -25.04 -5.88
C TYR B 255 -18.45 -24.53 -7.20
N ASP B 256 -18.79 -25.21 -8.31
CA ASP B 256 -18.38 -24.77 -9.64
C ASP B 256 -19.47 -25.19 -10.66
N PRO B 257 -19.98 -24.24 -11.48
CA PRO B 257 -20.93 -24.60 -12.54
C PRO B 257 -20.42 -25.72 -13.47
N ASP B 258 -19.10 -25.88 -13.55
CA ASP B 258 -18.48 -27.04 -14.21
C ASP B 258 -18.27 -28.24 -13.24
N PRO B 259 -19.15 -29.27 -13.30
CA PRO B 259 -19.13 -30.42 -12.35
C PRO B 259 -17.84 -31.24 -12.26
N GLU B 260 -17.15 -31.35 -13.39
CA GLU B 260 -15.84 -31.99 -13.43
C GLU B 260 -14.84 -31.31 -12.54
N LEU B 261 -14.74 -29.99 -12.65
CA LEU B 261 -13.93 -29.19 -11.73
C LEU B 261 -14.43 -29.27 -10.27
N ALA B 262 -15.73 -29.08 -10.03
CA ALA B 262 -16.30 -29.27 -8.68
C ALA B 262 -15.86 -30.60 -7.99
N ASN B 264 -13.27 -32.82 -9.34
CA ASN B 264 -11.82 -33.06 -9.45
C ASN B 264 -10.98 -32.16 -8.54
N ASN B 265 -11.51 -30.97 -8.23
CA ASN B 265 -10.79 -30.03 -7.35
C ASN B 265 -10.57 -30.57 -5.92
N THR B 266 -11.43 -31.50 -5.48
CA THR B 266 -11.33 -32.05 -4.12
C THR B 266 -10.09 -32.94 -3.88
N ARG B 267 -9.49 -33.43 -4.98
CA ARG B 267 -8.44 -34.46 -4.89
C ARG B 267 -7.22 -34.01 -4.08
N PHE B 268 -6.72 -32.80 -4.36
CA PHE B 268 -5.61 -32.22 -3.57
C PHE B 268 -5.81 -32.39 -2.04
N TRP B 269 -7.05 -32.25 -1.59
CA TRP B 269 -7.37 -32.30 -0.18
C TRP B 269 -7.67 -33.67 0.47
N ALA B 270 -7.19 -34.77 -0.15
CA ALA B 270 -7.28 -36.14 0.45
C ALA B 270 -6.85 -36.24 1.95
N PRO B 271 -5.73 -35.59 2.35
CA PRO B 271 -5.37 -35.66 3.79
C PRO B 271 -6.49 -35.25 4.76
N LEU B 272 -7.34 -34.28 4.38
CA LEU B 272 -8.45 -33.89 5.23
C LEU B 272 -9.46 -35.02 5.44
N SER B 273 -9.44 -36.02 4.55
CA SER B 273 -10.37 -37.16 4.63
C SER B 273 -9.83 -38.39 5.36
N LEU B 274 -8.60 -38.28 5.84
CA LEU B 274 -8.03 -39.24 6.76
C LEU B 274 -8.73 -39.10 8.11
N THR B 275 -8.61 -40.14 8.94
CA THR B 275 -9.21 -40.15 10.28
C THR B 275 -8.57 -39.12 11.19
N ALA B 276 -9.24 -38.77 12.28
CA ALA B 276 -8.70 -37.79 13.23
C ALA B 276 -7.30 -38.19 13.74
N GLU B 277 -7.10 -39.48 14.02
CA GLU B 277 -5.85 -39.89 14.67
C GLU B 277 -4.67 -39.94 13.70
N GLN B 278 -4.96 -40.17 12.43
CA GLN B 278 -3.94 -40.17 11.39
C GLN B 278 -3.44 -38.75 11.22
N LYS B 279 -4.40 -37.81 11.15
CA LYS B 279 -4.10 -36.38 11.04
C LYS B 279 -3.26 -35.85 12.22
N HIS B 280 -3.60 -36.23 13.46
CA HIS B 280 -2.88 -35.71 14.67
C HIS B 280 -1.59 -36.46 15.09
N SER B 281 -1.51 -37.74 14.75
CA SER B 281 -0.53 -38.67 15.34
C SER B 281 0.53 -39.24 14.40
N ILE B 282 0.22 -39.37 13.11
CA ILE B 282 1.24 -39.76 12.12
C ILE B 282 2.29 -38.66 12.12
N ASP B 283 3.52 -39.07 12.41
CA ASP B 283 4.66 -38.17 12.56
C ASP B 283 5.53 -38.19 11.32
N ASP B 284 5.23 -39.13 10.41
CA ASP B 284 6.04 -39.31 9.21
C ASP B 284 5.24 -38.85 7.98
N PRO B 285 5.78 -37.84 7.27
CA PRO B 285 5.16 -37.26 6.08
C PRO B 285 5.12 -38.23 4.90
N ILE B 286 6.05 -39.17 4.87
CA ILE B 286 5.92 -40.30 3.93
C ILE B 286 4.67 -41.14 4.27
N GLU B 287 4.58 -41.59 5.52
CA GLU B 287 3.39 -42.28 6.04
C GLU B 287 2.10 -41.51 5.70
N GLU B 289 1.45 -39.06 3.30
CA GLU B 289 1.11 -38.95 1.87
C GLU B 289 0.61 -40.28 1.34
N LYS B 290 1.15 -41.39 1.84
CA LYS B 290 0.75 -42.76 1.46
C LYS B 290 -0.73 -43.01 1.76
N ALA B 291 -1.13 -42.62 2.97
CA ALA B 291 -2.48 -42.82 3.46
C ALA B 291 -3.47 -41.86 2.81
N ALA B 292 -3.03 -40.62 2.51
CA ALA B 292 -3.82 -39.71 1.67
C ALA B 292 -3.99 -40.28 0.26
N ASP B 293 -2.89 -40.76 -0.34
CA ASP B 293 -2.91 -41.32 -1.71
C ASP B 293 -3.85 -42.55 -1.87
N ALA B 294 -4.02 -43.27 -0.76
CA ALA B 294 -4.86 -44.46 -0.65
C ALA B 294 -6.37 -44.20 -0.75
N LEU B 295 -6.76 -42.93 -0.67
CA LEU B 295 -8.17 -42.58 -0.65
C LEU B 295 -8.68 -42.39 -2.07
N PRO B 296 -9.76 -43.13 -2.39
CA PRO B 296 -10.49 -42.90 -3.64
C PRO B 296 -11.15 -41.50 -3.63
N ILE B 297 -11.22 -40.86 -4.80
CA ILE B 297 -11.77 -39.50 -4.89
C ILE B 297 -13.23 -39.44 -4.42
N GLU B 298 -14.00 -40.50 -4.72
CA GLU B 298 -15.36 -40.57 -4.25
C GLU B 298 -15.44 -40.49 -2.74
N GLN B 299 -14.45 -41.03 -2.05
CA GLN B 299 -14.45 -40.96 -0.60
C GLN B 299 -14.00 -39.59 -0.06
N ILE B 300 -12.98 -39.00 -0.69
CA ILE B 300 -12.55 -37.61 -0.45
C ILE B 300 -13.75 -36.66 -0.51
N ALA B 301 -14.55 -36.77 -1.58
CA ALA B 301 -15.59 -35.82 -1.90
C ALA B 301 -16.69 -35.70 -0.87
N LYS B 302 -16.93 -36.77 -0.11
CA LYS B 302 -17.96 -36.82 0.91
C LYS B 302 -17.85 -35.69 1.97
N ARG B 303 -16.61 -35.29 2.25
CA ARG B 303 -16.22 -34.20 3.15
C ARG B 303 -16.62 -32.81 2.59
N TRP B 304 -16.81 -32.73 1.27
CA TRP B 304 -17.02 -31.49 0.54
C TRP B 304 -18.48 -31.26 0.11
N ILE B 305 -18.89 -29.99 0.09
CA ILE B 305 -20.11 -29.61 -0.64
C ILE B 305 -19.80 -29.49 -2.15
N VAL B 306 -20.14 -30.54 -2.89
CA VAL B 306 -19.89 -30.59 -4.34
C VAL B 306 -21.18 -30.22 -5.02
N ALA B 307 -21.14 -29.10 -5.75
CA ALA B 307 -22.36 -28.52 -6.27
C ALA B 307 -22.10 -27.67 -7.49
N SER B 308 -23.03 -27.73 -8.44
CA SER B 308 -23.00 -26.87 -9.61
C SER B 308 -24.18 -25.88 -9.65
N ASP B 309 -25.12 -26.04 -8.73
CA ASP B 309 -26.25 -25.13 -8.57
C ASP B 309 -26.05 -24.22 -7.31
N PRO B 310 -26.17 -22.88 -7.48
CA PRO B 310 -25.88 -21.99 -6.35
C PRO B 310 -26.93 -22.09 -5.25
N ASP B 311 -28.17 -22.38 -5.63
CA ASP B 311 -29.24 -22.49 -4.63
C ASP B 311 -29.02 -23.69 -3.76
N GLU B 312 -28.67 -24.80 -4.39
CA GLU B 312 -28.40 -26.04 -3.69
C GLU B 312 -27.16 -25.90 -2.80
N ALA B 313 -26.10 -25.28 -3.31
CA ALA B 313 -24.90 -25.05 -2.50
C ALA B 313 -25.24 -24.29 -1.21
N VAL B 314 -26.01 -23.20 -1.34
CA VAL B 314 -26.30 -22.36 -0.19
C VAL B 314 -27.20 -23.07 0.82
N GLU B 315 -28.21 -23.80 0.34
CA GLU B 315 -28.99 -24.67 1.21
C GLU B 315 -28.15 -25.59 2.09
N LYS B 316 -27.10 -26.20 1.52
CA LYS B 316 -26.17 -27.06 2.28
C LYS B 316 -25.40 -26.24 3.35
N VAL B 317 -24.86 -25.10 2.93
CA VAL B 317 -24.19 -24.18 3.87
C VAL B 317 -25.18 -23.67 4.94
N GLY B 318 -26.36 -23.23 4.50
CA GLY B 318 -27.39 -22.71 5.41
C GLY B 318 -27.73 -23.63 6.58
N GLN B 319 -27.49 -24.93 6.42
CA GLN B 319 -27.71 -25.93 7.48
C GLN B 319 -26.88 -25.69 8.75
N TYR B 320 -25.63 -25.25 8.55
CA TYR B 320 -24.70 -24.97 9.62
C TYR B 320 -25.15 -23.72 10.39
N VAL B 321 -25.72 -22.75 9.68
CA VAL B 321 -26.30 -21.56 10.28
C VAL B 321 -27.50 -21.94 11.14
N THR B 322 -28.31 -22.89 10.66
CA THR B 322 -29.38 -23.51 11.47
C THR B 322 -28.87 -24.24 12.71
N TRP B 323 -27.74 -24.92 12.56
CA TRP B 323 -27.16 -25.64 13.68
C TRP B 323 -26.47 -24.75 14.71
N GLY B 324 -26.38 -23.47 14.44
CA GLY B 324 -25.86 -22.52 15.44
C GLY B 324 -24.56 -21.82 15.05
N LEU B 325 -24.00 -22.13 13.89
CA LEU B 325 -22.78 -21.42 13.43
C LEU B 325 -23.06 -20.07 12.77
N ASN B 326 -22.22 -19.10 13.11
CA ASN B 326 -22.42 -17.73 12.65
C ASN B 326 -21.23 -17.15 11.83
N HIS B 327 -20.04 -17.65 12.02
CA HIS B 327 -18.90 -17.15 11.23
C HIS B 327 -18.50 -18.24 10.24
N LEU B 328 -18.84 -18.06 8.97
CA LEU B 328 -18.61 -19.12 7.97
C LEU B 328 -17.46 -18.78 7.10
N VAL B 329 -16.40 -19.58 7.20
CA VAL B 329 -15.18 -19.35 6.48
C VAL B 329 -15.02 -20.43 5.39
N PHE B 330 -15.13 -19.99 4.14
CA PHE B 330 -15.16 -20.81 2.94
C PHE B 330 -13.76 -21.20 2.48
N HIS B 331 -13.51 -22.51 2.54
CA HIS B 331 -12.36 -23.15 1.94
C HIS B 331 -12.78 -23.83 0.64
N ALA B 332 -12.32 -23.27 -0.48
CA ALA B 332 -12.53 -23.89 -1.80
C ALA B 332 -11.28 -24.70 -2.16
N PRO B 333 -11.46 -25.91 -2.73
CA PRO B 333 -10.33 -26.86 -2.93
C PRO B 333 -9.35 -26.62 -4.09
N GLY B 334 -9.77 -25.92 -5.13
CA GLY B 334 -8.97 -25.85 -6.36
C GLY B 334 -7.85 -24.81 -6.38
N HIS B 335 -6.91 -24.98 -7.31
CA HIS B 335 -5.79 -24.06 -7.46
C HIS B 335 -6.22 -22.67 -7.94
N ASP B 336 -7.27 -22.64 -8.73
CA ASP B 336 -7.79 -21.38 -9.23
C ASP B 336 -8.68 -20.69 -8.17
N GLN B 337 -8.05 -19.98 -7.25
CA GLN B 337 -8.82 -19.45 -6.15
C GLN B 337 -9.58 -18.20 -6.58
N ARG B 338 -9.01 -17.46 -7.53
CA ARG B 338 -9.67 -16.24 -8.09
C ARG B 338 -10.99 -16.54 -8.77
N ARG B 339 -11.04 -17.66 -9.53
CA ARG B 339 -12.28 -18.24 -9.97
C ARG B 339 -13.26 -18.47 -8.83
N PHE B 340 -12.81 -19.10 -7.75
CA PHE B 340 -13.73 -19.27 -6.58
C PHE B 340 -14.32 -17.96 -6.09
N LEU B 341 -13.45 -16.98 -5.85
CA LEU B 341 -13.88 -15.66 -5.37
C LEU B 341 -14.87 -14.93 -6.30
N GLU B 342 -14.61 -14.90 -7.60
CA GLU B 342 -15.57 -14.42 -8.59
C GLU B 342 -16.97 -15.06 -8.39
N LEU B 343 -16.99 -16.39 -8.39
CA LEU B 343 -18.23 -17.15 -8.20
C LEU B 343 -18.88 -16.92 -6.83
N PHE B 344 -18.06 -16.74 -5.79
CA PHE B 344 -18.56 -16.47 -4.46
C PHE B 344 -19.35 -15.17 -4.45
N GLN B 345 -18.71 -14.12 -4.94
CA GLN B 345 -19.26 -12.78 -5.00
C GLN B 345 -20.57 -12.69 -5.84
N SER B 346 -20.57 -13.26 -7.04
CA SER B 346 -21.73 -13.14 -7.92
C SER B 346 -22.87 -14.10 -7.57
N ASP B 347 -22.54 -15.30 -7.12
CA ASP B 347 -23.50 -16.42 -7.02
C ASP B 347 -23.86 -16.81 -5.58
N LEU B 348 -22.87 -16.90 -4.70
CA LEU B 348 -23.11 -17.38 -3.35
C LEU B 348 -23.42 -16.31 -2.29
N ALA B 349 -22.61 -15.27 -2.27
CA ALA B 349 -22.69 -14.26 -1.22
C ALA B 349 -24.06 -13.60 -1.14
N PRO B 350 -24.66 -13.20 -2.29
CA PRO B 350 -25.96 -12.56 -2.16
C PRO B 350 -26.99 -13.45 -1.46
N ARG B 351 -27.00 -14.75 -1.78
CA ARG B 351 -27.86 -15.74 -1.14
C ARG B 351 -27.53 -15.97 0.31
N LEU B 352 -26.24 -16.01 0.62
CA LEU B 352 -25.73 -16.35 1.94
C LEU B 352 -26.06 -15.26 2.93
N ARG B 353 -25.86 -14.01 2.50
CA ARG B 353 -26.19 -12.81 3.29
C ARG B 353 -27.67 -12.86 3.67
N ARG B 354 -28.47 -13.47 2.76
CA ARG B 354 -29.87 -13.96 2.93
C ARG B 354 -30.80 -13.76 1.72
N GLU C 23 22.69 19.28 -7.61
CA GLU C 23 23.05 17.90 -7.11
C GLU C 23 22.65 16.85 -8.13
N LEU C 24 23.54 15.88 -8.36
CA LEU C 24 23.28 14.79 -9.30
C LEU C 24 22.10 13.89 -8.90
N LYS C 25 21.05 13.85 -9.73
CA LYS C 25 19.93 12.88 -9.56
C LYS C 25 19.79 11.95 -10.76
N LEU C 26 19.41 10.70 -10.49
CA LEU C 26 19.16 9.67 -11.52
C LEU C 26 17.68 9.24 -11.48
N GLY C 27 16.98 9.43 -12.59
CA GLY C 27 15.55 9.29 -12.64
C GLY C 27 15.08 8.45 -13.84
N TYR C 28 13.80 8.17 -13.89
CA TYR C 28 13.24 7.21 -14.83
C TYR C 28 12.07 7.81 -15.59
N LYS C 29 12.07 7.60 -16.91
CA LYS C 29 11.05 8.12 -17.78
C LYS C 29 10.00 7.07 -18.03
N ALA C 30 8.78 7.37 -17.57
CA ALA C 30 7.66 6.46 -17.75
C ALA C 30 6.87 6.83 -19.02
N SER C 31 6.92 5.95 -20.03
CA SER C 31 6.35 6.24 -21.35
C SER C 31 4.92 5.85 -21.47
N ALA C 32 4.08 6.86 -21.28
CA ALA C 32 2.64 6.70 -21.33
C ALA C 32 2.22 6.36 -22.77
N GLU C 33 3.07 6.73 -23.73
CA GLU C 33 2.89 6.36 -25.15
C GLU C 33 2.90 4.85 -25.41
N GLN C 34 3.62 4.12 -24.57
CA GLN C 34 4.04 2.73 -24.82
C GLN C 34 3.35 1.67 -23.94
N PHE C 35 2.85 2.09 -22.77
CA PHE C 35 2.28 1.17 -21.77
C PHE C 35 0.90 1.53 -21.26
N ALA C 36 0.12 0.50 -20.91
CA ALA C 36 -1.23 0.66 -20.37
C ALA C 36 -1.13 1.11 -18.88
N PRO C 37 -2.23 1.62 -18.29
CA PRO C 37 -2.16 2.33 -16.99
C PRO C 37 -1.51 1.55 -15.86
N ARG C 38 -1.97 0.33 -15.62
CA ARG C 38 -1.46 -0.48 -14.51
C ARG C 38 0.02 -0.77 -14.65
N GLU C 39 0.43 -1.27 -15.82
CA GLU C 39 1.84 -1.44 -16.13
C GLU C 39 2.70 -0.16 -15.89
N LEU C 40 2.20 0.98 -16.34
CA LEU C 40 2.92 2.22 -16.24
C LEU C 40 3.17 2.59 -14.78
N VAL C 41 2.18 2.36 -13.92
CA VAL C 41 2.28 2.61 -12.46
C VAL C 41 3.30 1.65 -11.85
N GLU C 42 3.18 0.36 -12.19
CA GLU C 42 4.03 -0.68 -11.63
C GLU C 42 5.49 -0.44 -12.04
N LEU C 43 5.71 0.08 -13.25
CA LEU C 43 7.10 0.36 -13.70
C LEU C 43 7.74 1.53 -12.95
N ALA C 44 6.95 2.54 -12.57
CA ALA C 44 7.48 3.63 -11.75
C ALA C 44 7.78 3.14 -10.35
N VAL C 45 6.98 2.21 -9.84
CA VAL C 45 7.22 1.60 -8.52
C VAL C 45 8.51 0.76 -8.56
N ALA C 46 8.68 0.03 -9.68
CA ALA C 46 9.91 -0.72 -9.94
C ALA C 46 11.13 0.22 -9.99
N ALA C 47 10.95 1.41 -10.57
CA ALA C 47 12.03 2.42 -10.64
C ALA C 47 12.52 2.84 -9.23
N GLU C 48 11.57 3.08 -8.31
CA GLU C 48 11.95 3.34 -6.91
C GLU C 48 12.70 2.15 -6.32
N ALA C 49 12.16 0.94 -6.55
CA ALA C 49 12.76 -0.29 -6.11
C ALA C 49 14.20 -0.45 -6.62
N HIS C 50 14.49 0.04 -7.82
CA HIS C 50 15.84 -0.01 -8.39
C HIS C 50 16.72 1.24 -8.11
N GLY C 51 16.32 2.03 -7.10
CA GLY C 51 17.12 3.15 -6.60
C GLY C 51 17.11 4.44 -7.43
N ASP C 53 15.86 8.23 -8.20
CA ASP C 53 15.56 9.43 -7.44
C ASP C 53 14.23 10.07 -7.82
N SER C 54 13.85 9.86 -9.07
CA SER C 54 12.68 10.50 -9.66
C SER C 54 12.03 9.62 -10.75
N ALA C 55 10.77 9.93 -11.06
CA ALA C 55 10.15 9.39 -12.26
C ALA C 55 9.23 10.46 -12.87
N THR C 56 9.22 10.53 -14.18
CA THR C 56 8.47 11.53 -14.90
C THR C 56 7.70 10.78 -15.97
N VAL C 57 6.55 11.33 -16.32
CA VAL C 57 5.65 10.74 -17.29
C VAL C 57 5.39 11.71 -18.45
N SER C 58 5.23 11.17 -19.66
CA SER C 58 4.76 11.99 -20.76
C SER C 58 3.24 12.29 -20.60
N ASP C 59 2.81 13.47 -21.06
CA ASP C 59 1.39 13.82 -21.04
C ASP C 59 0.91 14.01 -22.49
N HIS C 60 0.13 13.05 -22.94
CA HIS C 60 -0.46 13.08 -24.27
CA HIS C 60 -0.50 13.16 -24.24
C HIS C 60 -1.93 12.69 -24.14
N PHE C 61 -2.76 13.20 -25.05
CA PHE C 61 -4.07 12.60 -25.24
C PHE C 61 -3.88 11.56 -26.33
N GLN C 62 -3.23 11.98 -27.41
CA GLN C 62 -2.95 11.13 -28.55
C GLN C 62 -1.45 10.79 -28.53
N PRO C 63 -1.12 9.49 -28.44
CA PRO C 63 0.25 9.02 -28.61
C PRO C 63 0.73 9.24 -30.04
N TRP C 64 2.05 9.26 -30.23
CA TRP C 64 2.66 9.38 -31.55
C TRP C 64 2.11 8.33 -32.53
N ARG C 65 2.10 7.06 -32.10
CA ARG C 65 1.60 5.96 -32.91
C ARG C 65 0.18 5.58 -32.56
N HIS C 66 -0.59 5.17 -33.57
CA HIS C 66 -1.89 4.56 -33.34
C HIS C 66 -1.71 3.07 -32.91
N GLN C 67 -1.00 2.29 -33.72
CA GLN C 67 -0.71 0.89 -33.39
C GLN C 67 0.26 0.75 -32.21
N GLY C 68 -0.09 -0.12 -31.26
CA GLY C 68 0.71 -0.27 -30.04
C GLY C 68 0.69 0.96 -29.14
N GLY C 69 -0.14 1.93 -29.48
CA GLY C 69 -0.21 3.16 -28.73
C GLY C 69 -1.05 3.07 -27.46
N HIS C 70 -0.61 3.78 -26.43
CA HIS C 70 -1.38 3.91 -25.21
C HIS C 70 -1.41 5.40 -24.79
N ALA C 71 -2.26 5.74 -23.83
CA ALA C 71 -2.22 7.10 -23.24
C ALA C 71 -2.87 7.14 -21.88
N PRO C 72 -2.27 6.44 -20.89
CA PRO C 72 -2.91 6.56 -19.59
C PRO C 72 -2.82 8.02 -19.10
N PHE C 73 -3.91 8.52 -18.53
CA PHE C 73 -3.94 9.89 -17.97
C PHE C 73 -2.77 10.17 -17.01
N SER C 74 -1.91 11.12 -17.40
CA SER C 74 -0.69 11.48 -16.62
C SER C 74 -0.97 11.79 -15.12
N LEU C 75 -2.02 12.55 -14.83
CA LEU C 75 -2.30 12.94 -13.43
C LEU C 75 -2.78 11.74 -12.58
N SER C 76 -3.44 10.78 -13.21
CA SER C 76 -3.73 9.51 -12.53
C SER C 76 -2.45 8.72 -12.20
N TRP C 77 -1.52 8.66 -13.14
CA TRP C 77 -0.24 7.94 -12.88
C TRP C 77 0.47 8.58 -11.72
N THR C 79 -0.51 10.32 -9.16
CA THR C 79 -1.13 10.10 -7.86
C THR C 79 -0.99 8.65 -7.39
N ALA C 80 -1.29 7.72 -8.31
CA ALA C 80 -1.20 6.26 -8.01
C ALA C 80 0.23 5.90 -7.59
N VAL C 81 1.21 6.42 -8.32
CA VAL C 81 2.62 6.18 -8.01
C VAL C 81 2.99 6.86 -6.70
N GLY C 82 2.53 8.09 -6.49
CA GLY C 82 2.75 8.79 -5.24
C GLY C 82 2.34 8.01 -3.99
N GLU C 83 1.11 7.47 -4.02
CA GLU C 83 0.54 6.70 -2.92
C GLU C 83 1.30 5.40 -2.64
N ARG C 84 1.93 4.88 -3.69
CA ARG C 84 2.69 3.64 -3.70
C ARG C 84 4.21 3.75 -3.48
N THR C 85 4.74 4.96 -3.42
CA THR C 85 6.20 5.17 -3.35
C THR C 85 6.55 6.13 -2.17
N ASN C 86 7.81 6.11 -1.76
CA ASN C 86 8.17 6.87 -0.58
C ASN C 86 9.08 8.08 -0.86
N ARG C 87 9.88 7.99 -1.93
CA ARG C 87 11.00 8.92 -2.17
C ARG C 87 10.90 9.65 -3.52
N LEU C 88 10.51 8.93 -4.56
CA LEU C 88 10.43 9.50 -5.89
C LEU C 88 9.84 10.93 -5.92
N LEU C 89 10.59 11.83 -6.57
CA LEU C 89 10.08 13.11 -7.06
C LEU C 89 9.29 12.70 -8.30
N LEU C 90 8.11 13.29 -8.49
CA LEU C 90 7.22 12.91 -9.56
C LEU C 90 6.74 14.17 -10.29
N GLY C 91 6.65 14.07 -11.61
CA GLY C 91 6.13 15.16 -12.42
C GLY C 91 5.90 14.76 -13.86
N THR C 92 5.47 15.73 -14.66
CA THR C 92 5.26 15.53 -16.08
C THR C 92 6.45 16.04 -16.88
N SER C 93 6.73 15.33 -17.95
CA SER C 93 7.77 15.71 -18.91
C SER C 93 7.23 15.40 -20.33
N VAL C 94 6.42 16.29 -20.91
CA VAL C 94 5.83 17.45 -20.24
C VAL C 94 4.33 17.53 -20.51
N LEU C 95 3.67 18.37 -19.73
CA LEU C 95 2.26 18.70 -19.92
C LEU C 95 2.13 20.09 -20.57
N THR C 96 1.20 20.20 -21.52
CA THR C 96 0.84 21.47 -22.15
C THR C 96 -0.36 22.07 -21.39
N PRO C 97 -0.14 23.14 -20.61
CA PRO C 97 -1.20 23.66 -19.75
C PRO C 97 -2.08 24.77 -20.43
N THR C 98 -2.20 24.73 -21.75
CA THR C 98 -2.66 25.88 -22.50
C THR C 98 -3.92 25.73 -23.39
N PHE C 99 -4.26 24.52 -23.81
CA PHE C 99 -5.38 24.30 -24.75
C PHE C 99 -6.49 23.40 -24.20
N ARG C 100 -6.25 22.08 -24.19
CA ARG C 100 -7.26 21.12 -23.72
C ARG C 100 -7.41 21.20 -22.21
N TYR C 101 -6.34 21.58 -21.53
CA TYR C 101 -6.35 21.84 -20.10
C TYR C 101 -6.60 23.31 -19.77
N ASN C 102 -7.63 23.56 -18.96
CA ASN C 102 -7.82 24.79 -18.19
C ASN C 102 -6.70 24.90 -17.13
N PRO C 103 -5.83 25.93 -17.22
CA PRO C 103 -4.71 26.00 -16.26
C PRO C 103 -5.08 26.15 -14.78
N ALA C 104 -6.25 26.70 -14.48
CA ALA C 104 -6.72 26.76 -13.09
C ALA C 104 -6.95 25.34 -12.52
N VAL C 105 -7.45 24.43 -13.38
CA VAL C 105 -7.70 23.05 -12.99
C VAL C 105 -6.38 22.32 -12.76
N ILE C 106 -5.41 22.56 -13.65
CA ILE C 106 -4.02 22.07 -13.52
C ILE C 106 -3.38 22.59 -12.23
N ALA C 107 -3.53 23.89 -11.95
CA ALA C 107 -3.12 24.47 -10.67
C ALA C 107 -3.63 23.67 -9.47
N GLN C 108 -4.95 23.46 -9.41
CA GLN C 108 -5.63 22.73 -8.31
C GLN C 108 -5.13 21.29 -8.21
N ALA C 109 -5.06 20.59 -9.35
CA ALA C 109 -4.60 19.17 -9.38
C ALA C 109 -3.18 19.02 -8.80
N PHE C 110 -2.28 19.91 -9.24
CA PHE C 110 -0.91 19.84 -8.78
C PHE C 110 -0.76 20.32 -7.31
N ALA C 111 -1.54 21.32 -6.90
CA ALA C 111 -1.61 21.72 -5.49
C ALA C 111 -2.01 20.54 -4.61
N THR C 112 -3.09 19.90 -5.00
CA THR C 112 -3.61 18.73 -4.31
C THR C 112 -2.56 17.63 -4.22
N GLY C 114 0.59 18.04 -4.30
CA GLY C 114 1.70 18.57 -3.51
C GLY C 114 1.42 18.46 -2.03
N CYS C 115 0.15 18.64 -1.64
CA CYS C 115 -0.34 18.35 -0.28
C CYS C 115 -0.24 16.85 0.08
N LEU C 116 -0.59 16.01 -0.89
CA LEU C 116 -0.67 14.57 -0.72
C LEU C 116 0.72 13.95 -0.63
N TYR C 117 1.64 14.48 -1.43
CA TYR C 117 3.05 13.98 -1.55
C TYR C 117 4.01 15.14 -1.38
N PRO C 118 4.18 15.59 -0.12
CA PRO C 118 4.97 16.82 0.16
C PRO C 118 6.40 16.77 -0.40
N ASN C 119 6.81 17.87 -1.05
CA ASN C 119 8.16 18.01 -1.62
C ASN C 119 8.49 16.99 -2.76
N ARG C 120 7.48 16.25 -3.20
CA ARG C 120 7.69 15.20 -4.19
C ARG C 120 7.02 15.46 -5.53
N VAL C 121 6.50 16.67 -5.72
CA VAL C 121 5.73 16.97 -6.92
C VAL C 121 6.32 18.15 -7.72
N PHE C 122 6.43 17.97 -9.04
CA PHE C 122 6.72 19.13 -9.89
C PHE C 122 5.80 19.17 -11.09
N LEU C 123 5.58 20.37 -11.61
CA LEU C 123 4.82 20.51 -12.88
C LEU C 123 5.77 20.71 -14.05
N GLY C 124 5.88 19.72 -14.93
CA GLY C 124 6.64 19.88 -16.19
C GLY C 124 5.77 20.35 -17.33
N VAL C 125 6.15 21.47 -17.94
CA VAL C 125 5.34 22.16 -18.97
C VAL C 125 6.07 22.38 -20.30
N GLY C 126 5.31 22.35 -21.40
CA GLY C 126 5.84 22.67 -22.74
C GLY C 126 4.77 23.38 -23.57
N THR C 127 5.09 23.62 -24.83
CA THR C 127 4.27 24.54 -25.66
C THR C 127 3.18 23.86 -26.51
N GLY C 128 3.23 22.54 -26.58
CA GLY C 128 2.13 21.81 -27.16
C GLY C 128 2.42 21.11 -28.45
N GLU C 129 1.64 20.07 -28.71
CA GLU C 129 1.71 19.35 -29.96
C GLU C 129 0.33 19.46 -30.57
N ALA C 130 0.26 19.58 -31.89
CA ALA C 130 -1.03 19.56 -32.60
C ALA C 130 -1.74 18.23 -32.39
N LEU C 131 -0.97 17.17 -32.24
CA LEU C 131 -1.50 15.82 -32.03
C LEU C 131 -2.55 15.76 -30.92
N ASN C 132 -2.21 16.26 -29.74
CA ASN C 132 -3.15 16.25 -28.60
C ASN C 132 -4.28 17.26 -28.70
N GLU C 133 -3.99 18.42 -29.28
CA GLU C 133 -4.91 19.55 -29.16
C GLU C 133 -6.03 19.59 -30.20
N ILE C 134 -5.68 19.29 -31.45
CA ILE C 134 -6.64 19.19 -32.53
C ILE C 134 -7.62 18.03 -32.29
N ALA C 135 -7.07 16.89 -31.83
CA ALA C 135 -7.84 15.68 -31.50
C ALA C 135 -8.93 15.97 -30.49
N THR C 136 -8.58 16.75 -29.46
CA THR C 136 -9.46 17.03 -28.32
C THR C 136 -10.31 18.30 -28.47
N GLY C 137 -10.45 18.76 -29.71
CA GLY C 137 -11.43 19.77 -30.05
C GLY C 137 -11.01 21.18 -30.36
N TYR C 138 -9.69 21.44 -30.38
CA TYR C 138 -9.20 22.76 -30.75
C TYR C 138 -9.65 23.11 -32.17
N GLU C 139 -10.34 24.26 -32.30
CA GLU C 139 -11.01 24.64 -33.54
C GLU C 139 -10.20 25.73 -34.25
N GLY C 140 -9.99 25.54 -35.55
CA GLY C 140 -9.20 26.49 -36.34
C GLY C 140 -7.71 26.18 -36.36
N ALA C 141 -6.95 27.01 -37.08
CA ALA C 141 -5.50 26.81 -37.26
C ALA C 141 -4.75 26.56 -35.95
N TRP C 142 -3.98 25.47 -35.93
CA TRP C 142 -2.97 25.24 -34.90
C TRP C 142 -2.05 26.46 -34.87
N PRO C 143 -2.01 27.17 -33.72
CA PRO C 143 -1.26 28.44 -33.55
C PRO C 143 0.23 28.31 -33.90
N GLU C 144 0.83 29.40 -34.38
CA GLU C 144 2.27 29.41 -34.70
C GLU C 144 3.09 29.58 -33.42
N PHE C 145 4.40 29.37 -33.51
CA PHE C 145 5.27 29.33 -32.30
C PHE C 145 5.09 30.51 -31.35
N LYS C 146 4.99 31.72 -31.90
CA LYS C 146 4.93 32.92 -31.07
C LYS C 146 3.84 32.81 -30.03
N GLU C 147 2.64 32.41 -30.47
CA GLU C 147 1.45 32.28 -29.61
C GLU C 147 1.50 31.11 -28.58
N ARG C 148 1.89 29.92 -29.01
CA ARG C 148 2.03 28.76 -28.11
C ARG C 148 2.91 29.10 -26.90
N PHE C 149 4.05 29.72 -27.20
CA PHE C 149 5.00 30.23 -26.22
C PHE C 149 4.39 31.34 -25.33
N ALA C 150 3.79 32.37 -25.94
CA ALA C 150 3.07 33.43 -25.21
C ALA C 150 1.95 32.88 -24.31
N ARG C 151 1.20 31.91 -24.83
CA ARG C 151 0.19 31.20 -24.07
C ARG C 151 0.82 30.49 -22.88
N LEU C 152 1.95 29.82 -23.09
CA LEU C 152 2.61 29.09 -21.98
C LEU C 152 3.02 30.03 -20.82
N ARG C 153 3.63 31.15 -21.19
CA ARG C 153 4.19 32.10 -20.22
C ARG C 153 3.05 32.66 -19.36
N GLU C 154 1.94 33.00 -20.00
CA GLU C 154 0.75 33.52 -19.34
C GLU C 154 0.12 32.49 -18.45
N SER C 155 0.03 31.26 -18.97
CA SER C 155 -0.51 30.14 -18.20
C SER C 155 0.33 29.83 -16.95
N VAL C 156 1.65 29.85 -17.08
CA VAL C 156 2.56 29.67 -15.95
C VAL C 156 2.33 30.76 -14.89
N GLY C 157 2.28 32.02 -15.34
CA GLY C 157 1.83 33.16 -14.52
C GLY C 157 0.50 32.94 -13.83
N LEU C 158 -0.56 32.58 -14.57
CA LEU C 158 -1.86 32.32 -13.93
C LEU C 158 -1.76 31.36 -12.74
N ARG C 160 0.89 30.05 -10.89
CA ARG C 160 1.68 30.51 -9.75
C ARG C 160 0.98 31.66 -8.97
N GLN C 161 0.19 32.49 -9.64
CA GLN C 161 -0.66 33.43 -8.87
C GLN C 161 -1.64 32.66 -8.00
N LEU C 162 -2.19 31.57 -8.56
CA LEU C 162 -3.14 30.74 -7.82
C LEU C 162 -2.51 29.96 -6.64
N TRP C 163 -1.30 29.45 -6.84
CA TRP C 163 -0.56 28.74 -5.79
C TRP C 163 -0.13 29.61 -4.60
N SER C 164 -0.42 30.91 -4.65
CA SER C 164 -0.16 31.82 -3.52
C SER C 164 -1.12 31.57 -2.36
N GLY C 165 -2.25 30.94 -2.66
CA GLY C 165 -3.27 30.63 -1.67
C GLY C 165 -4.24 31.79 -1.55
N ASP C 166 -3.87 32.92 -2.17
CA ASP C 166 -4.66 34.16 -2.19
C ASP C 166 -5.76 34.15 -3.25
N ARG C 167 -6.79 34.96 -3.01
CA ARG C 167 -7.87 35.19 -3.96
C ARG C 167 -7.33 35.86 -5.23
N VAL C 168 -7.69 35.34 -6.40
CA VAL C 168 -7.09 35.81 -7.67
C VAL C 168 -8.10 36.29 -8.69
N ASP C 169 -7.90 37.51 -9.18
CA ASP C 169 -8.50 38.00 -10.42
C ASP C 169 -7.42 38.06 -11.54
N PHE C 170 -7.76 37.54 -12.72
CA PHE C 170 -6.79 37.42 -13.81
C PHE C 170 -7.43 37.71 -15.15
N ASP C 171 -6.93 38.73 -15.85
CA ASP C 171 -7.35 39.01 -17.22
C ASP C 171 -6.12 39.05 -18.11
N GLY C 172 -5.88 37.94 -18.81
CA GLY C 172 -4.78 37.84 -19.75
C GLY C 172 -5.26 37.92 -21.19
N ASP C 173 -4.36 37.70 -22.14
CA ASP C 173 -4.71 37.61 -23.57
C ASP C 173 -5.43 36.30 -23.94
N TYR C 174 -5.33 35.29 -23.10
CA TYR C 174 -5.90 33.97 -23.39
C TYR C 174 -6.78 33.37 -22.27
N TYR C 175 -6.42 33.61 -21.01
CA TYR C 175 -7.06 32.94 -19.85
C TYR C 175 -7.59 33.94 -18.82
N ARG C 176 -8.53 33.48 -18.01
CA ARG C 176 -9.24 34.35 -17.09
C ARG C 176 -9.48 33.66 -15.74
N LEU C 177 -9.51 34.47 -14.68
CA LEU C 177 -9.94 34.03 -13.36
C LEU C 177 -10.80 35.16 -12.76
N LYS C 178 -11.84 34.77 -12.02
CA LYS C 178 -12.66 35.74 -11.30
C LYS C 178 -12.80 35.26 -9.85
N GLY C 179 -12.11 35.94 -8.94
CA GLY C 179 -12.17 35.61 -7.53
C GLY C 179 -11.86 34.16 -7.20
N ALA C 180 -10.94 33.56 -7.95
CA ALA C 180 -10.55 32.16 -7.78
C ALA C 180 -9.53 31.95 -6.67
N SER C 181 -9.71 30.87 -5.91
CA SER C 181 -8.68 30.44 -4.95
C SER C 181 -8.38 28.94 -5.01
N ILE C 182 -7.14 28.61 -4.67
CA ILE C 182 -6.73 27.24 -4.39
C ILE C 182 -6.69 27.15 -2.88
N TYR C 183 -7.56 26.29 -2.35
CA TYR C 183 -7.74 26.22 -0.88
C TYR C 183 -6.70 25.31 -0.23
N ASP C 184 -6.15 24.40 -1.02
CA ASP C 184 -5.23 23.37 -0.54
C ASP C 184 -3.94 23.39 -1.40
N VAL C 185 -2.90 24.04 -0.88
CA VAL C 185 -1.62 24.19 -1.60
C VAL C 185 -0.49 24.22 -0.55
N PRO C 186 0.66 23.56 -0.83
CA PRO C 186 1.85 23.66 0.02
C PRO C 186 2.39 25.08 0.00
N ASP C 187 2.98 25.54 1.11
CA ASP C 187 3.54 26.89 1.12
C ASP C 187 4.69 26.96 0.13
N GLY C 188 4.69 28.02 -0.68
CA GLY C 188 5.68 28.13 -1.74
C GLY C 188 5.18 27.47 -3.02
N GLY C 189 4.04 26.78 -2.91
CA GLY C 189 3.35 26.25 -4.08
C GLY C 189 4.02 25.04 -4.71
N VAL C 190 4.04 25.05 -6.04
CA VAL C 190 4.45 23.92 -6.87
C VAL C 190 5.57 24.31 -7.80
N PRO C 191 6.71 23.60 -7.75
CA PRO C 191 7.80 23.91 -8.68
C PRO C 191 7.44 23.70 -10.15
N VAL C 192 7.85 24.65 -11.00
CA VAL C 192 7.54 24.57 -12.43
C VAL C 192 8.85 24.30 -13.21
N TYR C 193 8.85 23.25 -14.01
CA TYR C 193 9.98 22.91 -14.89
C TYR C 193 9.54 23.22 -16.30
N ILE C 194 10.35 23.98 -17.04
CA ILE C 194 10.02 24.41 -18.41
C ILE C 194 10.89 23.60 -19.39
N ALA C 195 10.24 22.92 -20.34
CA ALA C 195 10.96 22.25 -21.42
C ALA C 195 11.24 23.19 -22.60
N ALA C 196 12.41 23.03 -23.23
CA ALA C 196 12.77 23.77 -24.44
C ALA C 196 13.58 22.90 -25.41
N GLY C 197 13.29 23.07 -26.71
CA GLY C 197 14.09 22.51 -27.81
C GLY C 197 14.86 23.59 -28.57
N GLY C 198 14.77 24.82 -28.08
CA GLY C 198 15.44 25.93 -28.71
C GLY C 198 15.73 27.02 -27.71
N PRO C 199 16.48 28.05 -28.14
CA PRO C 199 17.00 28.94 -27.11
C PRO C 199 15.98 29.97 -26.60
N ALA C 200 14.90 30.16 -27.34
CA ALA C 200 13.87 31.13 -26.99
C ALA C 200 13.07 30.65 -25.75
N VAL C 201 12.64 29.39 -25.75
CA VAL C 201 12.00 28.82 -24.54
C VAL C 201 13.05 28.52 -23.44
N ALA C 202 14.28 28.15 -23.82
CA ALA C 202 15.36 27.93 -22.85
C ALA C 202 15.66 29.20 -22.01
N LYS C 203 15.62 30.35 -22.66
CA LYS C 203 15.83 31.64 -21.97
C LYS C 203 14.71 31.94 -20.94
N TYR C 204 13.46 31.71 -21.34
CA TYR C 204 12.34 31.78 -20.41
C TYR C 204 12.56 30.86 -19.20
N ALA C 205 13.00 29.63 -19.48
CA ALA C 205 13.31 28.63 -18.44
C ALA C 205 14.32 29.17 -17.42
N GLY C 206 15.37 29.82 -17.91
CA GLY C 206 16.39 30.43 -17.05
C GLY C 206 15.85 31.56 -16.19
N ARG C 207 14.95 32.37 -16.76
CA ARG C 207 14.33 33.52 -16.09
C ARG C 207 13.22 33.14 -15.11
N ALA C 208 12.50 32.05 -15.42
CA ALA C 208 11.24 31.76 -14.73
C ALA C 208 11.11 30.35 -14.10
N GLY C 209 11.86 29.39 -14.65
CA GLY C 209 11.75 27.99 -14.23
C GLY C 209 12.39 27.68 -12.89
N ASP C 210 11.73 26.82 -12.11
CA ASP C 210 12.35 26.14 -10.97
C ASP C 210 13.31 25.06 -11.50
N GLY C 211 12.96 24.52 -12.66
CA GLY C 211 13.80 23.59 -13.43
C GLY C 211 13.60 23.81 -14.92
N PHE C 212 14.43 23.12 -15.69
CA PHE C 212 14.52 23.25 -17.14
C PHE C 212 14.53 21.84 -17.70
N ILE C 213 13.80 21.60 -18.77
CA ILE C 213 13.78 20.25 -19.36
C ILE C 213 14.25 20.23 -20.81
N CYS C 214 15.24 19.42 -21.11
CA CYS C 214 15.60 19.15 -22.50
C CYS C 214 15.66 17.62 -22.70
N THR C 215 15.84 17.17 -23.93
CA THR C 215 15.96 15.75 -24.26
C THR C 215 17.30 15.51 -25.01
N SER C 216 17.91 14.34 -24.78
CA SER C 216 19.24 13.99 -25.31
C SER C 216 19.28 13.68 -26.84
N GLY C 217 20.48 13.46 -27.39
CA GLY C 217 20.63 12.87 -28.72
C GLY C 217 20.53 13.77 -29.95
N LYS C 218 20.37 15.07 -29.74
CA LYS C 218 20.18 15.99 -30.84
C LYS C 218 21.45 16.74 -31.24
N GLY C 219 22.59 16.29 -30.70
CA GLY C 219 23.91 16.73 -31.15
C GLY C 219 24.57 17.73 -30.23
N GLU C 220 25.90 17.62 -30.09
CA GLU C 220 26.67 18.44 -29.13
C GLU C 220 26.27 19.91 -29.10
N GLU C 221 26.22 20.54 -30.28
CA GLU C 221 26.00 21.98 -30.41
C GLU C 221 24.70 22.49 -29.75
N LEU C 222 23.60 21.76 -29.93
CA LEU C 222 22.31 22.17 -29.36
C LEU C 222 22.41 22.49 -27.86
N TYR C 223 23.15 21.68 -27.13
CA TYR C 223 23.26 21.80 -25.67
C TYR C 223 24.29 22.86 -25.27
N THR C 224 25.47 22.77 -25.87
CA THR C 224 26.62 23.55 -25.49
C THR C 224 26.59 24.99 -26.06
N GLU C 225 25.99 25.12 -27.24
CA GLU C 225 26.03 26.39 -27.98
C GLU C 225 24.67 27.10 -28.03
N LYS C 226 23.58 26.38 -27.75
CA LYS C 226 22.24 26.97 -27.85
C LYS C 226 21.41 26.95 -26.56
N LEU C 227 21.10 25.74 -26.04
CA LEU C 227 20.24 25.58 -24.87
C LEU C 227 20.87 26.05 -23.54
N PRO C 229 23.65 28.03 -23.09
CA PRO C 229 23.88 29.50 -23.05
C PRO C 229 22.61 30.31 -22.78
N ALA C 230 21.52 29.92 -23.44
CA ALA C 230 20.21 30.57 -23.29
C ALA C 230 19.65 30.50 -21.86
N VAL C 231 19.78 29.34 -21.23
CA VAL C 231 19.41 29.17 -19.82
C VAL C 231 20.23 30.10 -18.93
N ARG C 232 21.57 30.01 -19.03
CA ARG C 232 22.49 30.88 -18.31
C ARG C 232 22.18 32.35 -18.57
N GLU C 233 21.95 32.70 -19.84
CA GLU C 233 21.60 34.06 -20.26
C GLU C 233 20.23 34.53 -19.73
N GLY C 234 19.26 33.62 -19.66
CA GLY C 234 17.97 33.91 -19.05
C GLY C 234 18.05 34.03 -17.54
N ALA C 235 18.94 33.24 -16.94
CA ALA C 235 19.23 33.32 -15.50
C ALA C 235 19.91 34.63 -15.16
N ALA C 236 20.87 35.02 -16.00
CA ALA C 236 21.55 36.32 -15.89
C ALA C 236 20.56 37.48 -15.99
N ALA C 237 19.62 37.38 -16.93
CA ALA C 237 18.60 38.42 -17.12
C ALA C 237 17.73 38.63 -15.88
N ALA C 238 17.20 37.53 -15.32
CA ALA C 238 16.39 37.61 -14.10
C ALA C 238 17.25 37.76 -12.83
N ASP C 239 18.54 38.07 -13.06
CA ASP C 239 19.58 38.19 -12.02
C ASP C 239 19.61 37.04 -10.99
N ARG C 240 19.16 35.86 -11.42
CA ARG C 240 19.23 34.64 -10.63
C ARG C 240 20.59 33.99 -10.86
N SER C 241 20.71 32.74 -10.44
CA SER C 241 21.87 31.91 -10.73
C SER C 241 21.39 30.52 -11.20
N VAL C 242 21.97 30.01 -12.29
CA VAL C 242 21.55 28.70 -12.81
C VAL C 242 21.90 27.51 -11.90
N ASP C 243 22.65 27.77 -10.84
CA ASP C 243 22.92 26.79 -9.80
C ASP C 243 21.62 26.30 -9.15
N GLY C 244 20.70 27.24 -8.90
CA GLY C 244 19.42 26.97 -8.23
C GLY C 244 18.34 26.41 -9.13
N ILE C 245 18.67 26.19 -10.41
CA ILE C 245 17.72 25.56 -11.32
C ILE C 245 18.10 24.09 -11.50
N ASP C 246 17.17 23.20 -11.15
CA ASP C 246 17.30 21.79 -11.50
C ASP C 246 17.37 21.71 -13.02
N LYS C 247 18.52 21.29 -13.53
CA LYS C 247 18.73 21.18 -14.97
C LYS C 247 18.54 19.74 -15.39
N ILE C 249 17.39 16.55 -17.91
CA ILE C 249 17.44 16.01 -19.28
C ILE C 249 16.92 14.56 -19.39
N GLU C 250 16.13 14.33 -20.41
CA GLU C 250 15.71 12.97 -20.80
C GLU C 250 16.76 12.27 -21.65
N ILE C 251 17.58 11.44 -21.01
CA ILE C 251 18.61 10.63 -21.68
C ILE C 251 17.99 9.45 -22.46
N LYS C 252 18.07 9.54 -23.79
CA LYS C 252 17.66 8.46 -24.70
C LYS C 252 18.79 7.41 -24.83
N ILE C 253 18.59 6.28 -24.15
CA ILE C 253 19.63 5.26 -23.98
C ILE C 253 19.04 3.92 -24.29
N SER C 254 19.66 3.21 -25.22
CA SER C 254 19.30 1.82 -25.50
C SER C 254 20.56 1.01 -25.20
N TYR C 255 20.63 0.62 -23.93
CA TYR C 255 21.71 -0.19 -23.41
C TYR C 255 21.24 -1.65 -23.30
N ASP C 256 21.98 -2.55 -23.93
CA ASP C 256 21.70 -3.99 -23.88
C ASP C 256 22.93 -4.80 -24.29
N PRO C 257 23.36 -5.76 -23.43
CA PRO C 257 24.47 -6.67 -23.72
C PRO C 257 24.38 -7.27 -25.14
N ASP C 258 23.17 -7.45 -25.65
CA ASP C 258 22.94 -7.83 -27.06
C ASP C 258 22.81 -6.57 -27.95
N PRO C 259 23.80 -6.35 -28.83
CA PRO C 259 23.92 -5.11 -29.64
C PRO C 259 22.82 -4.93 -30.69
N GLU C 260 22.20 -6.06 -31.06
CA GLU C 260 21.12 -6.08 -32.04
C GLU C 260 19.82 -5.67 -31.35
N LEU C 261 19.72 -6.00 -30.07
CA LEU C 261 18.55 -5.63 -29.32
C LEU C 261 18.65 -4.16 -29.04
N ALA C 262 19.87 -3.70 -28.77
CA ALA C 262 20.11 -2.31 -28.40
C ALA C 262 19.70 -1.41 -29.57
N ASN C 264 17.62 -2.47 -32.31
CA ASN C 264 16.25 -2.71 -32.75
C ASN C 264 15.21 -2.19 -31.77
N ASN C 265 15.54 -2.18 -30.48
CA ASN C 265 14.64 -1.64 -29.46
C ASN C 265 14.14 -0.22 -29.65
N THR C 266 14.87 0.61 -30.36
CA THR C 266 14.45 1.99 -30.69
C THR C 266 13.28 2.16 -31.70
N ARG C 267 12.84 1.08 -32.37
CA ARG C 267 11.84 1.13 -33.46
C ARG C 267 10.54 1.83 -33.05
N PHE C 268 9.95 1.43 -31.92
CA PHE C 268 8.71 2.04 -31.43
C PHE C 268 8.83 3.60 -31.28
N TRP C 269 10.05 4.07 -31.09
CA TRP C 269 10.32 5.51 -30.92
C TRP C 269 10.74 6.32 -32.16
N ALA C 270 10.55 5.71 -33.32
CA ALA C 270 10.69 6.33 -34.64
C ALA C 270 10.07 7.75 -34.79
N PRO C 271 8.86 8.02 -34.23
CA PRO C 271 8.39 9.42 -34.26
C PRO C 271 9.32 10.47 -33.64
N LEU C 272 10.10 10.11 -32.61
CA LEU C 272 11.06 11.05 -31.98
C LEU C 272 12.25 11.46 -32.88
N SER C 273 12.42 10.72 -33.98
CA SER C 273 13.44 11.00 -34.98
C SER C 273 12.95 11.89 -36.11
N LEU C 274 11.65 12.25 -36.06
CA LEU C 274 11.09 13.24 -36.99
C LEU C 274 11.54 14.67 -36.60
N THR C 275 11.27 15.65 -37.47
CA THR C 275 11.59 17.07 -37.17
C THR C 275 10.70 17.64 -36.04
N ALA C 276 11.14 18.71 -35.40
CA ALA C 276 10.35 19.37 -34.35
C ALA C 276 9.01 19.87 -34.92
N GLU C 277 9.06 20.39 -36.17
CA GLU C 277 7.85 20.83 -36.85
C GLU C 277 6.93 19.66 -37.16
N GLN C 278 7.48 18.54 -37.62
CA GLN C 278 6.70 17.32 -37.79
C GLN C 278 6.11 16.84 -36.46
N LYS C 279 6.93 16.78 -35.42
CA LYS C 279 6.49 16.30 -34.10
C LYS C 279 5.41 17.16 -33.44
N HIS C 280 5.51 18.48 -33.62
CA HIS C 280 4.59 19.42 -32.96
C HIS C 280 3.44 19.88 -33.86
N SER C 281 3.52 19.60 -35.17
CA SER C 281 2.54 20.13 -36.12
C SER C 281 1.68 19.11 -36.86
N ILE C 282 2.18 17.89 -37.06
CA ILE C 282 1.36 16.78 -37.59
C ILE C 282 0.19 16.45 -36.63
N ASP C 283 -1.04 16.48 -37.15
CA ASP C 283 -2.25 16.33 -36.33
C ASP C 283 -3.06 15.06 -36.63
N ASP C 284 -2.35 13.98 -36.97
CA ASP C 284 -2.99 12.73 -37.37
C ASP C 284 -2.01 11.61 -37.06
N PRO C 285 -2.35 10.74 -36.08
CA PRO C 285 -1.36 9.76 -35.61
C PRO C 285 -1.12 8.63 -36.60
N ILE C 286 -2.02 8.48 -37.58
CA ILE C 286 -1.79 7.55 -38.69
C ILE C 286 -0.69 8.07 -39.64
N GLU C 287 -0.69 9.38 -39.93
CA GLU C 287 0.32 10.00 -40.82
C GLU C 287 1.64 10.37 -40.12
N GLU C 289 2.70 8.15 -37.88
CA GLU C 289 3.11 6.76 -38.01
C GLU C 289 3.77 6.45 -39.37
N LYS C 290 3.13 6.92 -40.45
CA LYS C 290 3.63 6.85 -41.83
C LYS C 290 5.01 7.53 -41.98
N ALA C 291 5.06 8.81 -41.59
CA ALA C 291 6.29 9.61 -41.59
C ALA C 291 7.43 8.96 -40.77
N ALA C 292 7.05 8.37 -39.63
CA ALA C 292 7.98 7.72 -38.72
C ALA C 292 8.56 6.42 -39.27
N ASP C 293 7.70 5.51 -39.76
CA ASP C 293 8.17 4.18 -40.17
C ASP C 293 8.75 4.15 -41.62
N ALA C 294 8.88 5.33 -42.22
CA ALA C 294 9.68 5.48 -43.44
C ALA C 294 11.16 5.78 -43.11
N LEU C 295 11.46 5.90 -41.82
CA LEU C 295 12.84 5.98 -41.34
C LEU C 295 13.41 4.57 -41.17
N PRO C 296 14.66 4.33 -41.63
CA PRO C 296 15.33 3.08 -41.36
C PRO C 296 15.73 3.04 -39.87
N ILE C 297 15.95 1.83 -39.34
CA ILE C 297 16.34 1.64 -37.93
C ILE C 297 17.67 2.35 -37.59
N GLU C 298 18.57 2.49 -38.57
CA GLU C 298 19.83 3.20 -38.33
C GLU C 298 19.67 4.70 -38.18
N GLN C 299 18.62 5.28 -38.75
CA GLN C 299 18.35 6.73 -38.64
C GLN C 299 17.59 7.08 -37.35
N ILE C 300 16.64 6.22 -36.98
CA ILE C 300 15.96 6.30 -35.70
C ILE C 300 16.97 6.26 -34.53
N ALA C 301 17.92 5.34 -34.63
CA ALA C 301 18.98 5.12 -33.67
C ALA C 301 19.96 6.31 -33.43
N LYS C 302 20.04 7.25 -34.38
CA LYS C 302 20.91 8.46 -34.27
C LYS C 302 20.62 9.24 -32.96
N ARG C 303 19.36 9.21 -32.56
CA ARG C 303 18.80 9.98 -31.47
C ARG C 303 19.14 9.34 -30.11
N TRP C 304 19.56 8.06 -30.18
CA TRP C 304 19.77 7.20 -29.02
C TRP C 304 21.23 6.83 -28.76
N ILE C 305 21.55 6.72 -27.48
CA ILE C 305 22.82 6.16 -27.01
C ILE C 305 22.68 4.64 -27.12
N VAL C 306 23.30 4.07 -28.16
CA VAL C 306 23.12 2.64 -28.41
C VAL C 306 24.37 1.93 -27.94
N ALA C 307 24.29 1.24 -26.80
CA ALA C 307 25.49 0.59 -26.26
C ALA C 307 25.28 -0.83 -25.78
N SER C 308 26.36 -1.62 -25.83
CA SER C 308 26.33 -2.95 -25.21
C SER C 308 27.43 -3.12 -24.12
N ASP C 309 28.21 -2.04 -23.98
CA ASP C 309 29.37 -1.88 -23.09
C ASP C 309 29.02 -0.75 -22.08
N PRO C 310 28.94 -1.08 -20.77
CA PRO C 310 28.52 -0.18 -19.70
C PRO C 310 29.40 1.06 -19.55
N ASP C 311 30.70 0.91 -19.80
CA ASP C 311 31.64 2.05 -19.73
C ASP C 311 31.45 3.05 -20.88
N GLU C 312 31.12 2.51 -22.06
CA GLU C 312 30.82 3.27 -23.26
C GLU C 312 29.53 4.07 -23.08
N ALA C 313 28.50 3.40 -22.57
CA ALA C 313 27.23 4.00 -22.26
C ALA C 313 27.43 5.14 -21.29
N VAL C 314 28.13 4.88 -20.18
CA VAL C 314 28.30 5.91 -19.16
C VAL C 314 29.12 7.11 -19.65
N GLU C 315 30.15 6.86 -20.44
CA GLU C 315 30.88 7.93 -21.15
C GLU C 315 29.97 8.87 -21.99
N LYS C 316 29.03 8.30 -22.73
CA LYS C 316 28.10 9.10 -23.55
C LYS C 316 27.13 9.90 -22.65
N VAL C 317 26.57 9.23 -21.64
CA VAL C 317 25.72 9.87 -20.65
C VAL C 317 26.46 11.02 -19.91
N GLY C 318 27.68 10.74 -19.46
CA GLY C 318 28.55 11.73 -18.82
C GLY C 318 28.77 13.02 -19.59
N GLN C 319 28.75 12.97 -20.92
CA GLN C 319 28.90 14.20 -21.72
C GLN C 319 27.91 15.25 -21.22
N TYR C 320 26.65 14.84 -21.07
CA TYR C 320 25.59 15.77 -20.66
C TYR C 320 25.88 16.42 -19.31
N VAL C 321 26.49 15.66 -18.39
CA VAL C 321 26.88 16.17 -17.09
C VAL C 321 27.99 17.23 -17.25
N THR C 322 28.92 16.97 -18.16
CA THR C 322 29.94 17.94 -18.51
C THR C 322 29.30 19.24 -19.06
N TRP C 323 28.25 19.10 -19.85
CA TRP C 323 27.62 20.26 -20.49
C TRP C 323 26.72 21.04 -19.53
N GLY C 324 26.59 20.54 -18.31
CA GLY C 324 25.90 21.25 -17.25
C GLY C 324 24.53 20.74 -16.82
N LEU C 325 24.11 19.58 -17.34
CA LEU C 325 22.89 18.90 -16.86
C LEU C 325 23.15 18.07 -15.55
N ASN C 326 22.22 18.12 -14.59
CA ASN C 326 22.42 17.47 -13.27
C ASN C 326 21.32 16.45 -12.92
N HIS C 327 20.21 16.50 -13.64
CA HIS C 327 19.11 15.63 -13.27
C HIS C 327 18.84 14.79 -14.51
N LEU C 328 19.37 13.58 -14.47
CA LEU C 328 19.36 12.68 -15.63
C LEU C 328 18.21 11.66 -15.57
N VAL C 329 17.21 11.86 -16.42
CA VAL C 329 16.01 10.99 -16.42
C VAL C 329 16.12 9.97 -17.58
N PHE C 330 16.11 8.68 -17.26
CA PHE C 330 16.49 7.64 -18.25
C PHE C 330 15.28 7.05 -18.94
N HIS C 331 15.30 7.22 -20.27
CA HIS C 331 14.26 6.75 -21.18
C HIS C 331 14.89 5.61 -21.99
N ALA C 332 14.39 4.41 -21.73
CA ALA C 332 14.76 3.20 -22.42
C ALA C 332 13.62 2.83 -23.38
N PRO C 333 13.94 2.45 -24.61
CA PRO C 333 12.93 2.27 -25.69
C PRO C 333 12.15 0.95 -25.76
N GLY C 334 12.75 -0.15 -25.31
CA GLY C 334 12.12 -1.49 -25.43
C GLY C 334 10.88 -1.64 -24.55
N HIS C 335 10.04 -2.61 -24.93
CA HIS C 335 8.85 -2.93 -24.16
CA HIS C 335 8.85 -2.93 -24.17
C HIS C 335 9.24 -3.64 -22.87
N ASP C 336 10.48 -4.17 -22.81
CA ASP C 336 10.97 -4.81 -21.57
C ASP C 336 11.71 -3.83 -20.63
N GLN C 337 10.95 -2.93 -20.02
CA GLN C 337 11.49 -1.96 -19.06
C GLN C 337 12.09 -2.49 -17.77
N ARG C 338 11.58 -3.62 -17.26
CA ARG C 338 12.16 -4.24 -16.03
C ARG C 338 13.55 -4.77 -16.30
N ARG C 339 13.78 -5.18 -17.54
CA ARG C 339 15.10 -5.57 -17.97
C ARG C 339 16.01 -4.34 -17.96
N PHE C 340 15.51 -3.20 -18.43
CA PHE C 340 16.31 -1.96 -18.37
C PHE C 340 16.70 -1.63 -16.92
N LEU C 341 15.72 -1.66 -16.02
CA LEU C 341 15.89 -1.23 -14.63
C LEU C 341 16.90 -2.09 -13.92
N GLU C 342 16.80 -3.39 -14.17
CA GLU C 342 17.80 -4.37 -13.74
C GLU C 342 19.23 -3.98 -14.23
N LEU C 343 19.41 -3.71 -15.52
CA LEU C 343 20.71 -3.38 -16.08
C LEU C 343 21.19 -2.01 -15.61
N PHE C 344 20.25 -1.07 -15.45
CA PHE C 344 20.61 0.22 -14.91
C PHE C 344 21.18 0.08 -13.50
N GLN C 345 20.49 -0.65 -12.63
CA GLN C 345 20.94 -0.79 -11.24
C GLN C 345 22.27 -1.50 -11.12
N SER C 346 22.43 -2.57 -11.88
CA SER C 346 23.60 -3.42 -11.72
C SER C 346 24.83 -2.95 -12.52
N ASP C 347 24.62 -2.36 -13.70
CA ASP C 347 25.73 -1.92 -14.59
C ASP C 347 25.93 -0.38 -14.57
N LEU C 348 24.85 0.41 -14.71
CA LEU C 348 25.05 1.84 -15.03
C LEU C 348 25.06 2.75 -13.80
N ALA C 349 24.08 2.57 -12.91
CA ALA C 349 23.96 3.42 -11.69
C ALA C 349 25.25 3.64 -10.86
N PRO C 350 26.04 2.56 -10.58
CA PRO C 350 27.31 2.73 -9.80
C PRO C 350 28.36 3.66 -10.41
N ARG C 351 28.61 3.47 -11.70
CA ARG C 351 29.46 4.34 -12.52
C ARG C 351 28.88 5.76 -12.54
N LEU C 352 27.60 5.87 -12.87
CA LEU C 352 26.88 7.15 -12.89
C LEU C 352 26.94 7.98 -11.62
N ARG C 353 26.59 7.39 -10.47
CA ARG C 353 26.64 8.07 -9.18
C ARG C 353 28.02 8.69 -8.96
N ARG C 354 29.03 7.94 -9.40
CA ARG C 354 30.43 8.36 -9.63
C ARG C 354 31.35 7.13 -9.67
N GLU D 23 -28.54 -4.35 -6.51
CA GLU D 23 -28.62 -4.78 -5.09
C GLU D 23 -28.55 -3.56 -4.15
N LEU D 24 -28.91 -3.77 -2.88
CA LEU D 24 -28.70 -2.78 -1.85
C LEU D 24 -27.20 -2.51 -1.62
N LYS D 25 -26.84 -1.24 -1.62
CA LYS D 25 -25.47 -0.83 -1.31
C LYS D 25 -25.40 0.32 -0.32
N LEU D 26 -24.37 0.31 0.51
CA LEU D 26 -24.16 1.33 1.53
C LEU D 26 -22.80 2.01 1.36
N GLY D 27 -22.84 3.32 1.17
CA GLY D 27 -21.68 4.11 0.81
C GLY D 27 -21.42 5.35 1.66
N TYR D 28 -20.27 5.94 1.41
CA TYR D 28 -19.79 7.07 2.16
C TYR D 28 -19.55 8.27 1.21
N LYS D 29 -20.09 9.42 1.60
CA LYS D 29 -19.78 10.68 0.92
C LYS D 29 -18.51 11.31 1.51
N ALA D 30 -17.47 11.48 0.69
CA ALA D 30 -16.26 12.20 1.10
C ALA D 30 -16.47 13.67 0.72
N SER D 31 -16.51 14.55 1.72
CA SER D 31 -16.73 15.98 1.47
C SER D 31 -15.45 16.78 1.20
N ALA D 32 -15.18 16.93 -0.10
CA ALA D 32 -14.08 17.76 -0.57
C ALA D 32 -14.23 19.23 -0.08
N GLU D 33 -15.44 19.66 0.22
CA GLU D 33 -15.70 21.04 0.69
C GLU D 33 -15.13 21.35 2.07
N GLN D 34 -14.95 20.29 2.85
CA GLN D 34 -14.77 20.30 4.32
C GLN D 34 -13.41 19.82 4.82
N PHE D 35 -12.67 19.15 3.95
CA PHE D 35 -11.43 18.44 4.32
C PHE D 35 -10.31 18.66 3.34
N ALA D 36 -9.11 18.77 3.90
CA ALA D 36 -7.88 18.93 3.15
C ALA D 36 -7.56 17.58 2.44
N PRO D 37 -6.70 17.62 1.40
CA PRO D 37 -6.38 16.43 0.59
C PRO D 37 -6.05 15.15 1.36
N ARG D 38 -5.08 15.16 2.27
CA ARG D 38 -4.69 13.89 2.91
C ARG D 38 -5.81 13.28 3.80
N GLU D 39 -6.43 14.11 4.61
CA GLU D 39 -7.58 13.69 5.40
C GLU D 39 -8.72 13.10 4.60
N LEU D 40 -9.04 13.71 3.44
CA LEU D 40 -10.13 13.27 2.60
C LEU D 40 -9.86 11.87 2.06
N VAL D 41 -8.62 11.63 1.65
CA VAL D 41 -8.14 10.27 1.29
C VAL D 41 -8.25 9.24 2.45
N GLU D 42 -7.66 9.59 3.59
CA GLU D 42 -7.66 8.74 4.77
C GLU D 42 -9.07 8.40 5.22
N LEU D 43 -9.99 9.36 5.13
CA LEU D 43 -11.39 9.11 5.56
C LEU D 43 -12.12 8.08 4.70
N ALA D 44 -11.81 8.10 3.42
CA ALA D 44 -12.37 7.16 2.51
C ALA D 44 -11.74 5.77 2.75
N VAL D 45 -10.46 5.73 3.20
CA VAL D 45 -9.81 4.45 3.53
C VAL D 45 -10.52 3.94 4.77
N ALA D 46 -10.73 4.85 5.72
CA ALA D 46 -11.51 4.56 6.91
C ALA D 46 -12.91 4.00 6.61
N ALA D 47 -13.57 4.50 5.58
CA ALA D 47 -14.90 3.97 5.29
C ALA D 47 -14.84 2.51 4.77
N GLU D 48 -13.81 2.17 3.99
CA GLU D 48 -13.63 0.77 3.60
C GLU D 48 -13.40 -0.09 4.85
N ALA D 49 -12.49 0.36 5.74
CA ALA D 49 -12.21 -0.25 7.04
C ALA D 49 -13.51 -0.52 7.81
N HIS D 50 -14.47 0.41 7.72
CA HIS D 50 -15.76 0.33 8.45
C HIS D 50 -16.91 -0.33 7.68
N GLY D 51 -16.63 -0.96 6.56
CA GLY D 51 -17.58 -1.85 5.87
C GLY D 51 -18.41 -1.25 4.73
N ASP D 53 -19.50 -0.02 1.02
CA ASP D 53 -19.48 -0.65 -0.29
C ASP D 53 -18.85 0.31 -1.29
N SER D 54 -18.90 1.60 -0.97
CA SER D 54 -18.61 2.67 -1.93
C SER D 54 -18.22 3.97 -1.25
N ALA D 55 -17.63 4.84 -2.05
CA ALA D 55 -17.30 6.22 -1.66
C ALA D 55 -17.24 7.16 -2.88
N THR D 56 -17.91 8.30 -2.71
CA THR D 56 -18.02 9.29 -3.74
C THR D 56 -17.61 10.63 -3.18
N VAL D 57 -17.19 11.50 -4.08
CA VAL D 57 -16.58 12.78 -3.71
C VAL D 57 -17.28 13.88 -4.48
N SER D 58 -17.38 15.05 -3.87
CA SER D 58 -17.85 16.22 -4.57
C SER D 58 -16.72 16.73 -5.44
N ASP D 59 -17.08 17.16 -6.64
CA ASP D 59 -16.14 17.82 -7.48
C ASP D 59 -16.44 19.32 -7.52
N HIS D 60 -15.55 20.09 -6.92
CA HIS D 60 -15.65 21.54 -6.97
CA HIS D 60 -15.65 21.53 -7.03
C HIS D 60 -14.24 22.12 -7.07
N PHE D 61 -14.16 23.33 -7.60
CA PHE D 61 -12.97 24.14 -7.54
C PHE D 61 -13.19 25.19 -6.42
N GLN D 62 -14.41 25.71 -6.31
CA GLN D 62 -14.81 26.61 -5.22
C GLN D 62 -15.80 25.93 -4.28
N PRO D 63 -15.43 25.76 -2.99
CA PRO D 63 -16.39 25.21 -2.00
C PRO D 63 -17.56 26.17 -1.75
N TRP D 64 -18.60 25.72 -1.07
CA TRP D 64 -19.76 26.58 -0.76
C TRP D 64 -19.37 27.75 0.16
N ARG D 65 -18.33 27.55 0.99
CA ARG D 65 -17.81 28.56 1.92
C ARG D 65 -16.38 28.98 1.58
N HIS D 66 -16.04 30.25 1.85
CA HIS D 66 -14.63 30.68 1.86
C HIS D 66 -13.92 30.25 3.15
N GLN D 67 -14.46 30.66 4.29
CA GLN D 67 -13.94 30.32 5.63
C GLN D 67 -14.11 28.83 5.95
N GLY D 68 -12.99 28.14 6.23
CA GLY D 68 -12.98 26.68 6.45
C GLY D 68 -13.26 25.86 5.19
N GLY D 69 -13.14 26.48 4.02
CA GLY D 69 -13.40 25.76 2.79
C GLY D 69 -12.17 25.03 2.31
N HIS D 70 -12.40 23.83 1.76
CA HIS D 70 -11.36 23.05 1.13
C HIS D 70 -11.82 22.71 -0.28
N ALA D 71 -10.89 22.32 -1.17
CA ALA D 71 -11.26 21.83 -2.51
C ALA D 71 -10.18 20.91 -3.06
N PRO D 72 -9.93 19.76 -2.40
CA PRO D 72 -8.96 18.85 -3.06
C PRO D 72 -9.49 18.36 -4.42
N PHE D 73 -8.61 18.31 -5.43
CA PHE D 73 -8.91 17.79 -6.77
C PHE D 73 -9.50 16.38 -6.65
N SER D 74 -10.71 16.24 -7.18
CA SER D 74 -11.55 15.02 -7.04
C SER D 74 -10.87 13.78 -7.65
N LEU D 75 -10.25 13.95 -8.82
CA LEU D 75 -9.63 12.81 -9.54
C LEU D 75 -8.35 12.28 -8.89
N SER D 76 -7.60 13.18 -8.23
CA SER D 76 -6.49 12.78 -7.41
C SER D 76 -7.01 12.03 -6.18
N TRP D 77 -8.11 12.49 -5.58
CA TRP D 77 -8.68 11.72 -4.43
C TRP D 77 -9.06 10.30 -4.84
N THR D 79 -8.02 8.41 -7.25
CA THR D 79 -6.86 7.62 -7.56
C THR D 79 -6.09 7.15 -6.33
N ALA D 80 -5.95 8.05 -5.35
CA ALA D 80 -5.19 7.78 -4.12
C ALA D 80 -5.93 6.73 -3.27
N VAL D 81 -7.20 7.00 -3.02
CA VAL D 81 -8.10 6.02 -2.44
C VAL D 81 -8.10 4.72 -3.24
N GLY D 82 -8.28 4.76 -4.56
CA GLY D 82 -8.11 3.57 -5.39
C GLY D 82 -6.93 2.63 -5.07
N GLU D 83 -5.73 3.22 -4.95
CA GLU D 83 -4.50 2.51 -4.79
C GLU D 83 -4.41 1.93 -3.36
N ARG D 84 -5.05 2.61 -2.41
CA ARG D 84 -5.09 2.25 -1.00
C ARG D 84 -6.25 1.33 -0.56
N THR D 85 -7.16 1.02 -1.46
CA THR D 85 -8.37 0.28 -1.09
C THR D 85 -8.59 -0.90 -2.02
N ASN D 86 -9.36 -1.88 -1.56
CA ASN D 86 -9.50 -3.13 -2.33
C ASN D 86 -10.89 -3.37 -2.91
N ARG D 87 -11.91 -2.82 -2.24
CA ARG D 87 -13.32 -3.07 -2.63
C ARG D 87 -14.13 -1.86 -3.08
N LEU D 88 -13.95 -0.71 -2.43
CA LEU D 88 -14.85 0.40 -2.68
C LEU D 88 -15.08 0.70 -4.14
N LEU D 89 -16.35 0.82 -4.52
CA LEU D 89 -16.68 1.50 -5.77
C LEU D 89 -16.43 3.01 -5.56
N LEU D 90 -15.73 3.62 -6.51
CA LEU D 90 -15.38 5.03 -6.40
C LEU D 90 -15.88 5.83 -7.59
N GLY D 91 -16.32 7.05 -7.28
CA GLY D 91 -16.69 8.02 -8.32
C GLY D 91 -17.01 9.41 -7.82
N THR D 92 -17.41 10.27 -8.75
CA THR D 92 -17.76 11.68 -8.45
C THR D 92 -19.27 11.78 -8.17
N SER D 93 -19.61 12.64 -7.21
CA SER D 93 -21.01 12.98 -6.95
C SER D 93 -21.14 14.51 -6.62
N VAL D 94 -21.18 15.37 -7.64
CA VAL D 94 -21.03 15.00 -9.06
C VAL D 94 -20.03 15.97 -9.66
N LEU D 95 -19.59 15.67 -10.87
CA LEU D 95 -18.67 16.50 -11.63
C LEU D 95 -19.36 17.06 -12.89
N THR D 96 -19.05 18.29 -13.23
CA THR D 96 -19.57 18.95 -14.44
C THR D 96 -18.62 18.77 -15.64
N PRO D 97 -18.95 17.88 -16.59
CA PRO D 97 -17.98 17.67 -17.68
C PRO D 97 -18.16 18.59 -18.91
N THR D 98 -18.55 19.84 -18.68
CA THR D 98 -19.10 20.73 -19.72
C THR D 98 -18.52 22.18 -19.82
N PHE D 99 -17.82 22.64 -18.78
CA PHE D 99 -17.24 23.99 -18.80
C PHE D 99 -15.72 23.98 -18.63
N ARG D 100 -15.24 24.06 -17.38
CA ARG D 100 -13.79 24.00 -17.10
C ARG D 100 -13.10 22.70 -17.53
N TYR D 101 -13.84 21.58 -17.55
CA TYR D 101 -13.30 20.31 -18.02
C TYR D 101 -13.58 20.05 -19.48
N ASN D 102 -12.52 19.76 -20.23
CA ASN D 102 -12.66 19.13 -21.52
C ASN D 102 -13.27 17.71 -21.39
N PRO D 103 -14.41 17.46 -22.06
CA PRO D 103 -15.03 16.13 -22.04
C PRO D 103 -14.13 14.99 -22.54
N ALA D 104 -13.26 15.26 -23.52
CA ALA D 104 -12.29 14.25 -23.96
C ALA D 104 -11.34 13.87 -22.82
N VAL D 105 -10.87 14.88 -22.10
CA VAL D 105 -9.94 14.68 -20.99
C VAL D 105 -10.61 13.93 -19.85
N ILE D 106 -11.84 14.31 -19.52
CA ILE D 106 -12.62 13.53 -18.57
C ILE D 106 -12.79 12.06 -19.01
N ALA D 107 -13.06 11.79 -20.28
CA ALA D 107 -13.15 10.39 -20.75
C ALA D 107 -11.83 9.59 -20.55
N GLN D 108 -10.70 10.25 -20.82
CA GLN D 108 -9.38 9.69 -20.67
C GLN D 108 -9.17 9.38 -19.18
N ALA D 109 -9.43 10.37 -18.34
CA ALA D 109 -9.11 10.23 -16.93
C ALA D 109 -9.89 9.06 -16.35
N PHE D 110 -11.18 9.00 -16.62
CA PHE D 110 -12.01 7.94 -16.05
C PHE D 110 -11.79 6.59 -16.69
N ALA D 111 -11.40 6.60 -17.96
CA ALA D 111 -10.96 5.38 -18.62
C ALA D 111 -9.69 4.84 -17.97
N THR D 112 -8.75 5.74 -17.68
CA THR D 112 -7.52 5.35 -17.01
C THR D 112 -7.76 4.83 -15.59
N GLY D 114 -10.39 3.46 -14.48
CA GLY D 114 -11.17 2.21 -14.56
C GLY D 114 -10.28 1.04 -14.89
N CYS D 115 -9.20 1.32 -15.63
CA CYS D 115 -8.12 0.38 -15.84
C CYS D 115 -7.34 0.01 -14.58
N LEU D 116 -6.95 1.04 -13.82
CA LEU D 116 -6.21 0.89 -12.55
C LEU D 116 -7.03 0.15 -11.47
N TYR D 117 -8.35 0.38 -11.46
CA TYR D 117 -9.29 -0.11 -10.42
C TYR D 117 -10.49 -0.79 -11.13
N PRO D 118 -10.24 -1.97 -11.73
CA PRO D 118 -11.23 -2.70 -12.55
C PRO D 118 -12.58 -2.88 -11.85
N ASN D 119 -13.64 -2.47 -12.53
CA ASN D 119 -15.05 -2.57 -12.03
C ASN D 119 -15.35 -1.72 -10.78
N ARG D 120 -14.46 -0.78 -10.44
CA ARG D 120 -14.60 -0.02 -9.19
C ARG D 120 -14.68 1.47 -9.43
N VAL D 121 -15.00 1.84 -10.65
CA VAL D 121 -14.94 3.24 -11.02
C VAL D 121 -16.24 3.63 -11.74
N PHE D 122 -16.85 4.73 -11.31
CA PHE D 122 -17.92 5.38 -12.09
C PHE D 122 -17.71 6.91 -12.22
N LEU D 123 -18.26 7.46 -13.31
CA LEU D 123 -18.41 8.91 -13.49
C LEU D 123 -19.79 9.45 -13.08
N GLY D 124 -19.82 10.31 -12.06
CA GLY D 124 -21.07 10.96 -11.66
C GLY D 124 -21.06 12.40 -12.16
N VAL D 125 -22.05 12.72 -12.97
CA VAL D 125 -22.10 13.99 -13.68
C VAL D 125 -23.33 14.80 -13.32
N GLY D 126 -23.20 16.13 -13.39
CA GLY D 126 -24.31 17.07 -13.23
C GLY D 126 -24.16 18.29 -14.12
N THR D 127 -25.12 19.21 -14.01
CA THR D 127 -25.29 20.30 -14.99
C THR D 127 -24.47 21.54 -14.68
N GLY D 128 -23.99 21.65 -13.44
CA GLY D 128 -22.94 22.62 -13.12
C GLY D 128 -23.40 23.75 -12.25
N GLU D 129 -22.44 24.36 -11.56
CA GLU D 129 -22.67 25.54 -10.75
C GLU D 129 -21.79 26.62 -11.31
N ALA D 130 -22.33 27.85 -11.32
CA ALA D 130 -21.58 29.02 -11.70
C ALA D 130 -20.37 29.28 -10.80
N LEU D 131 -20.49 28.91 -9.53
CA LEU D 131 -19.42 29.11 -8.54
C LEU D 131 -18.08 28.51 -9.03
N ASN D 132 -18.11 27.30 -9.58
CA ASN D 132 -16.87 26.69 -10.10
C ASN D 132 -16.46 27.25 -11.44
N GLU D 133 -17.43 27.60 -12.25
CA GLU D 133 -17.17 27.89 -13.66
C GLU D 133 -16.79 29.34 -13.95
N ILE D 134 -17.42 30.29 -13.23
CA ILE D 134 -17.02 31.70 -13.30
C ILE D 134 -15.63 31.95 -12.63
N ALA D 135 -15.37 31.34 -11.47
CA ALA D 135 -14.04 31.43 -10.83
C ALA D 135 -12.91 31.01 -11.77
N THR D 136 -13.19 30.01 -12.61
CA THR D 136 -12.13 29.41 -13.41
C THR D 136 -12.08 29.95 -14.82
N GLY D 137 -12.84 30.99 -15.09
CA GLY D 137 -12.63 31.79 -16.30
C GLY D 137 -13.70 31.84 -17.37
N TYR D 138 -14.84 31.16 -17.14
CA TYR D 138 -16.00 31.28 -18.05
C TYR D 138 -16.43 32.75 -18.20
N GLY D 140 -18.89 34.53 -20.69
CA GLY D 140 -20.01 35.46 -20.72
C GLY D 140 -21.01 35.19 -19.62
N ALA D 141 -22.29 35.39 -19.92
CA ALA D 141 -23.41 35.07 -19.01
C ALA D 141 -23.54 33.58 -18.71
N TRP D 142 -23.81 33.24 -17.45
CA TRP D 142 -23.94 31.87 -16.99
C TRP D 142 -25.21 31.29 -17.61
N PRO D 143 -25.06 30.23 -18.44
CA PRO D 143 -26.21 29.64 -19.14
C PRO D 143 -27.36 29.19 -18.23
N GLU D 144 -28.59 29.41 -18.70
CA GLU D 144 -29.79 28.90 -18.01
C GLU D 144 -29.84 27.38 -18.18
N PHE D 145 -30.72 26.72 -17.44
CA PHE D 145 -30.73 25.25 -17.32
C PHE D 145 -30.81 24.50 -18.66
N LYS D 146 -31.72 24.88 -19.55
CA LYS D 146 -31.87 24.20 -20.84
C LYS D 146 -30.55 24.04 -21.62
N GLU D 147 -29.67 25.05 -21.59
CA GLU D 147 -28.37 24.91 -22.23
C GLU D 147 -27.43 23.99 -21.45
N ARG D 148 -27.37 24.18 -20.12
CA ARG D 148 -26.54 23.34 -19.26
C ARG D 148 -26.96 21.86 -19.40
N PHE D 149 -28.27 21.61 -19.39
CA PHE D 149 -28.80 20.25 -19.59
C PHE D 149 -28.38 19.69 -20.96
N ALA D 150 -28.56 20.49 -22.01
CA ALA D 150 -28.20 20.10 -23.39
C ALA D 150 -26.69 19.90 -23.56
N ARG D 151 -25.90 20.66 -22.82
CA ARG D 151 -24.43 20.48 -22.82
C ARG D 151 -24.05 19.13 -22.21
N LEU D 152 -24.67 18.82 -21.08
CA LEU D 152 -24.50 17.55 -20.39
C LEU D 152 -24.79 16.32 -21.29
N ARG D 153 -25.95 16.34 -21.93
CA ARG D 153 -26.38 15.24 -22.85
C ARG D 153 -25.38 15.03 -24.00
N GLU D 154 -24.99 16.14 -24.65
CA GLU D 154 -23.96 16.11 -25.69
C GLU D 154 -22.60 15.58 -25.14
N SER D 155 -22.21 16.06 -23.98
CA SER D 155 -20.91 15.64 -23.39
C SER D 155 -20.90 14.16 -23.01
N VAL D 156 -21.99 13.63 -22.46
CA VAL D 156 -22.04 12.20 -22.11
C VAL D 156 -21.93 11.32 -23.37
N GLY D 157 -22.69 11.64 -24.40
CA GLY D 157 -22.60 10.96 -25.69
C GLY D 157 -21.21 10.96 -26.30
N LEU D 158 -20.51 12.08 -26.22
CA LEU D 158 -19.17 12.22 -26.79
C LEU D 158 -18.19 11.30 -26.04
N ARG D 160 -18.92 8.62 -24.21
CA ARG D 160 -19.30 7.23 -24.55
C ARG D 160 -18.84 6.78 -25.93
N GLN D 161 -18.92 7.67 -26.92
CA GLN D 161 -18.27 7.45 -28.21
C GLN D 161 -16.76 7.25 -28.05
N LEU D 162 -16.12 8.12 -27.26
CA LEU D 162 -14.69 7.95 -26.97
C LEU D 162 -14.36 6.58 -26.30
N TRP D 163 -15.17 6.14 -25.33
CA TRP D 163 -14.96 4.85 -24.64
C TRP D 163 -15.05 3.56 -25.50
N SER D 164 -15.54 3.67 -26.74
CA SER D 164 -15.51 2.54 -27.69
C SER D 164 -14.10 1.96 -27.89
N ASP D 166 -11.93 3.10 -30.36
CA ASP D 166 -12.41 3.57 -31.66
C ASP D 166 -12.16 5.05 -31.92
N ARG D 167 -11.64 5.33 -33.11
CA ARG D 167 -11.31 6.68 -33.60
C ARG D 167 -12.60 7.50 -33.82
N VAL D 168 -12.64 8.72 -33.29
CA VAL D 168 -13.90 9.48 -33.11
C VAL D 168 -13.86 10.91 -33.62
N ASP D 169 -14.81 11.20 -34.52
CA ASP D 169 -15.05 12.54 -35.01
C ASP D 169 -16.40 13.02 -34.53
N PHE D 170 -16.39 14.23 -34.00
CA PHE D 170 -17.54 14.78 -33.32
C PHE D 170 -17.53 16.26 -33.66
N ASP D 171 -18.69 16.74 -34.11
CA ASP D 171 -18.93 18.15 -34.38
C ASP D 171 -20.30 18.50 -33.81
N GLY D 172 -20.33 18.75 -32.49
CA GLY D 172 -21.58 19.09 -31.80
C GLY D 172 -21.83 20.58 -31.67
N ASP D 173 -22.90 20.92 -30.97
CA ASP D 173 -23.28 22.31 -30.69
C ASP D 173 -22.38 23.01 -29.69
N TYR D 174 -21.70 22.23 -28.84
CA TYR D 174 -20.74 22.79 -27.90
C TYR D 174 -19.36 22.13 -27.98
N TYR D 175 -19.30 20.88 -28.47
CA TYR D 175 -18.07 20.05 -28.36
C TYR D 175 -17.58 19.43 -29.66
N ARG D 176 -16.26 19.39 -29.82
CA ARG D 176 -15.61 18.83 -31.02
C ARG D 176 -14.56 17.78 -30.69
N LEU D 177 -14.46 16.77 -31.54
CA LEU D 177 -13.36 15.83 -31.58
C LEU D 177 -12.97 15.57 -33.03
N LYS D 178 -11.69 15.33 -33.28
CA LYS D 178 -11.22 14.96 -34.62
C LYS D 178 -10.24 13.80 -34.58
N GLY D 179 -10.69 12.62 -35.03
CA GLY D 179 -9.85 11.41 -35.05
C GLY D 179 -9.30 11.07 -33.66
N ALA D 180 -10.14 11.25 -32.64
CA ALA D 180 -9.74 11.06 -31.25
C ALA D 180 -10.07 9.67 -30.77
N SER D 181 -9.10 9.09 -30.05
CA SER D 181 -9.17 7.74 -29.58
C SER D 181 -8.79 7.74 -28.13
N ILE D 182 -9.48 6.89 -27.36
CA ILE D 182 -9.04 6.53 -26.02
C ILE D 182 -8.44 5.15 -26.19
N TYR D 183 -7.16 5.05 -25.84
CA TYR D 183 -6.34 3.88 -26.11
C TYR D 183 -6.43 2.82 -25.03
N ASP D 184 -6.75 3.27 -23.82
CA ASP D 184 -6.79 2.43 -22.68
C ASP D 184 -8.17 2.62 -22.04
N VAL D 185 -9.09 1.69 -22.36
CA VAL D 185 -10.46 1.69 -21.78
C VAL D 185 -10.73 0.33 -21.11
N PRO D 186 -11.37 0.33 -19.92
CA PRO D 186 -11.61 -0.90 -19.14
C PRO D 186 -12.62 -1.81 -19.84
N ASP D 187 -12.54 -3.11 -19.61
CA ASP D 187 -13.47 -4.06 -20.26
C ASP D 187 -14.92 -3.72 -19.93
N GLY D 188 -15.17 -3.32 -18.67
CA GLY D 188 -16.50 -2.90 -18.21
C GLY D 188 -16.95 -1.50 -18.59
N GLY D 189 -16.08 -0.76 -19.28
CA GLY D 189 -16.37 0.62 -19.63
C GLY D 189 -16.45 1.51 -18.39
N VAL D 190 -17.02 2.70 -18.55
CA VAL D 190 -17.15 3.62 -17.45
C VAL D 190 -18.65 3.91 -17.21
N PRO D 191 -19.23 3.32 -16.15
CA PRO D 191 -20.66 3.62 -15.86
C PRO D 191 -20.86 5.12 -15.57
N VAL D 192 -21.86 5.72 -16.21
CA VAL D 192 -22.20 7.13 -16.03
C VAL D 192 -23.43 7.25 -15.12
N TYR D 193 -23.29 7.95 -14.00
CA TYR D 193 -24.42 8.20 -13.11
C TYR D 193 -24.83 9.63 -13.32
N ILE D 194 -26.12 9.83 -13.59
CA ILE D 194 -26.68 11.14 -13.87
C ILE D 194 -27.43 11.69 -12.66
N ALA D 195 -26.94 12.79 -12.10
CA ALA D 195 -27.59 13.45 -10.98
C ALA D 195 -28.76 14.30 -11.48
N ALA D 196 -29.84 14.32 -10.73
CA ALA D 196 -31.02 15.12 -11.08
C ALA D 196 -31.71 15.67 -9.85
N GLY D 197 -32.18 16.91 -9.97
CA GLY D 197 -32.94 17.56 -8.90
C GLY D 197 -34.42 17.65 -9.23
N GLY D 198 -34.76 17.36 -10.48
CA GLY D 198 -36.15 17.32 -10.87
C GLY D 198 -36.42 16.38 -12.03
N PRO D 199 -37.68 16.36 -12.48
CA PRO D 199 -38.25 15.43 -13.47
C PRO D 199 -37.49 15.38 -14.81
N ALA D 200 -37.01 16.53 -15.29
CA ALA D 200 -36.43 16.60 -16.64
C ALA D 200 -35.11 15.83 -16.76
N VAL D 201 -34.19 16.08 -15.82
CA VAL D 201 -32.94 15.35 -15.87
C VAL D 201 -33.15 13.90 -15.44
N ALA D 202 -34.12 13.67 -14.54
CA ALA D 202 -34.38 12.32 -14.03
C ALA D 202 -34.82 11.37 -15.13
N LYS D 203 -35.69 11.86 -16.02
CA LYS D 203 -36.10 11.11 -17.22
C LYS D 203 -34.93 10.77 -18.14
N TYR D 204 -34.07 11.76 -18.42
CA TYR D 204 -32.84 11.56 -19.17
C TYR D 204 -31.97 10.46 -18.54
N ALA D 205 -31.87 10.49 -17.21
CA ALA D 205 -31.12 9.50 -16.41
C ALA D 205 -31.69 8.09 -16.63
N GLY D 206 -33.02 8.03 -16.75
CA GLY D 206 -33.71 6.77 -17.09
C GLY D 206 -33.44 6.29 -18.50
N ARG D 207 -33.42 7.21 -19.47
CA ARG D 207 -33.14 6.91 -20.89
C ARG D 207 -31.72 6.42 -21.15
N ALA D 208 -30.75 7.14 -20.58
CA ALA D 208 -29.36 7.03 -21.00
C ALA D 208 -28.34 6.65 -19.89
N GLY D 209 -28.70 6.75 -18.61
CA GLY D 209 -27.75 6.53 -17.51
C GLY D 209 -27.59 5.11 -16.95
N ASP D 210 -26.34 4.72 -16.67
CA ASP D 210 -26.07 3.47 -15.91
C ASP D 210 -26.50 3.59 -14.44
N GLY D 211 -26.55 4.83 -13.98
CA GLY D 211 -26.97 5.15 -12.63
C GLY D 211 -27.66 6.51 -12.55
N PHE D 212 -28.40 6.69 -11.46
CA PHE D 212 -29.14 7.91 -11.20
C PHE D 212 -28.67 8.43 -9.81
N ILE D 213 -28.38 9.71 -9.71
CA ILE D 213 -28.10 10.31 -8.40
C ILE D 213 -29.17 11.31 -7.97
N CYS D 214 -29.53 11.30 -6.70
CA CYS D 214 -30.27 12.40 -6.12
C CYS D 214 -29.76 12.61 -4.71
N THR D 215 -30.31 13.60 -4.04
CA THR D 215 -29.90 13.85 -2.65
C THR D 215 -31.15 13.79 -1.76
N SER D 216 -30.98 13.42 -0.48
CA SER D 216 -32.12 13.28 0.44
C SER D 216 -32.58 14.61 1.02
N GLY D 217 -33.64 14.53 1.82
CA GLY D 217 -34.16 15.61 2.66
C GLY D 217 -35.01 16.67 2.02
N LYS D 218 -35.44 16.45 0.78
CA LYS D 218 -36.21 17.47 0.06
C LYS D 218 -37.72 17.20 0.01
N GLY D 219 -38.18 16.25 0.81
CA GLY D 219 -39.59 15.98 0.95
C GLY D 219 -40.06 14.84 0.07
N GLU D 220 -40.93 14.02 0.65
CA GLU D 220 -41.42 12.77 0.05
C GLU D 220 -41.83 12.88 -1.42
N GLU D 221 -42.61 13.92 -1.74
CA GLU D 221 -43.19 14.08 -3.06
C GLU D 221 -42.16 14.24 -4.20
N LEU D 222 -40.98 14.76 -3.88
CA LEU D 222 -39.93 14.88 -4.90
C LEU D 222 -39.52 13.52 -5.44
N TYR D 223 -39.28 12.59 -4.52
CA TYR D 223 -38.85 11.21 -4.85
C TYR D 223 -40.04 10.39 -5.37
N THR D 224 -41.16 10.42 -4.66
CA THR D 224 -42.30 9.57 -5.00
C THR D 224 -43.18 10.11 -6.13
N GLU D 225 -43.25 11.43 -6.30
CA GLU D 225 -44.09 12.00 -7.35
C GLU D 225 -43.36 12.57 -8.58
N LYS D 226 -42.10 13.00 -8.42
CA LYS D 226 -41.39 13.61 -9.56
C LYS D 226 -40.23 12.76 -10.09
N LEU D 227 -39.33 12.36 -9.20
CA LEU D 227 -38.03 11.78 -9.58
C LEU D 227 -38.09 10.30 -9.99
N PRO D 229 -40.83 8.37 -10.72
CA PRO D 229 -41.64 8.23 -11.93
C PRO D 229 -40.95 8.68 -13.22
N ALA D 230 -40.25 9.83 -13.18
CA ALA D 230 -39.45 10.29 -14.33
C ALA D 230 -38.34 9.32 -14.77
N VAL D 231 -37.65 8.70 -13.81
CA VAL D 231 -36.61 7.72 -14.13
C VAL D 231 -37.25 6.52 -14.84
N ARG D 232 -38.33 6.01 -14.22
CA ARG D 232 -39.13 4.92 -14.75
C ARG D 232 -39.67 5.26 -16.14
N GLU D 233 -40.27 6.45 -16.28
CA GLU D 233 -40.70 7.03 -17.56
C GLU D 233 -39.61 6.94 -18.64
N GLY D 234 -38.39 7.35 -18.28
CA GLY D 234 -37.24 7.37 -19.18
C GLY D 234 -36.73 5.98 -19.57
N ALA D 235 -36.60 5.08 -18.58
CA ALA D 235 -36.30 3.69 -18.88
C ALA D 235 -37.35 3.07 -19.81
N ALA D 236 -38.63 3.40 -19.57
CA ALA D 236 -39.73 2.90 -20.42
C ALA D 236 -39.58 3.37 -21.87
N ALA D 237 -39.23 4.65 -22.05
CA ALA D 237 -39.04 5.26 -23.38
C ALA D 237 -37.82 4.73 -24.16
N ALA D 238 -36.81 4.26 -23.42
CA ALA D 238 -35.55 3.78 -23.97
C ALA D 238 -35.49 2.26 -24.14
N ASP D 239 -36.56 1.58 -23.73
CA ASP D 239 -36.71 0.12 -23.90
C ASP D 239 -35.73 -0.65 -23.03
N ARG D 240 -35.39 -0.06 -21.90
CA ARG D 240 -34.48 -0.65 -20.95
C ARG D 240 -35.26 -1.02 -19.71
N SER D 241 -34.67 -1.84 -18.87
CA SER D 241 -35.24 -2.22 -17.59
C SER D 241 -34.70 -1.29 -16.51
N VAL D 242 -35.61 -0.60 -15.80
CA VAL D 242 -35.27 0.33 -14.71
C VAL D 242 -34.42 -0.36 -13.63
N ASP D 243 -34.62 -1.65 -13.45
CA ASP D 243 -33.83 -2.46 -12.52
C ASP D 243 -32.35 -2.52 -12.90
N GLY D 244 -32.04 -2.25 -14.17
CA GLY D 244 -30.67 -2.27 -14.65
C GLY D 244 -29.91 -0.97 -14.43
N ILE D 245 -30.49 -0.05 -13.66
CA ILE D 245 -29.93 1.29 -13.37
C ILE D 245 -29.71 1.38 -11.86
N ASP D 246 -28.50 1.75 -11.45
CA ASP D 246 -28.17 1.90 -10.04
C ASP D 246 -28.76 3.22 -9.52
N LYS D 247 -29.69 3.14 -8.57
CA LYS D 247 -30.38 4.33 -8.11
C LYS D 247 -29.81 4.78 -6.81
N ILE D 249 -28.57 7.60 -3.95
CA ILE D 249 -29.04 8.74 -3.21
C ILE D 249 -28.03 9.09 -2.12
N GLU D 250 -27.70 10.37 -2.03
CA GLU D 250 -26.90 10.87 -0.93
C GLU D 250 -27.83 11.10 0.25
N ILE D 251 -27.78 10.20 1.21
CA ILE D 251 -28.56 10.35 2.43
C ILE D 251 -27.82 11.30 3.37
N LYS D 252 -28.40 12.48 3.54
CA LYS D 252 -27.95 13.51 4.48
C LYS D 252 -28.42 13.11 5.87
N ILE D 253 -27.48 12.55 6.63
CA ILE D 253 -27.80 12.04 7.95
C ILE D 253 -26.88 12.66 9.00
N SER D 254 -27.47 13.10 10.12
CA SER D 254 -26.67 13.56 11.26
C SER D 254 -27.12 12.75 12.47
N TYR D 255 -26.48 11.58 12.64
CA TYR D 255 -26.83 10.63 13.70
C TYR D 255 -25.78 10.62 14.78
N ASP D 256 -26.19 11.00 15.98
CA ASP D 256 -25.31 11.03 17.14
C ASP D 256 -26.22 10.92 18.35
N PRO D 257 -25.92 9.96 19.25
CA PRO D 257 -26.57 9.82 20.56
C PRO D 257 -26.83 11.11 21.35
N ASP D 258 -25.94 12.10 21.20
CA ASP D 258 -26.13 13.44 21.75
C ASP D 258 -26.93 14.31 20.76
N PRO D 259 -28.24 14.55 21.03
CA PRO D 259 -29.08 15.40 20.16
C PRO D 259 -28.47 16.78 19.81
N GLU D 260 -27.69 17.32 20.74
CA GLU D 260 -27.04 18.63 20.61
C GLU D 260 -25.99 18.64 19.51
N LEU D 261 -25.26 17.52 19.38
CA LEU D 261 -24.35 17.32 18.27
C LEU D 261 -25.10 17.06 16.95
N ALA D 262 -26.05 16.14 16.95
CA ALA D 262 -26.81 15.82 15.75
C ALA D 262 -27.41 17.08 15.10
N ASN D 264 -26.40 20.61 15.90
CA ASN D 264 -25.41 21.65 15.63
C ASN D 264 -24.41 21.34 14.52
N ASN D 265 -24.16 20.06 14.28
CA ASN D 265 -23.24 19.58 13.24
C ASN D 265 -23.62 19.94 11.80
N THR D 266 -24.92 20.19 11.56
CA THR D 266 -25.45 20.53 10.23
C THR D 266 -25.09 21.96 9.73
N ARG D 267 -24.68 22.84 10.64
CA ARG D 267 -24.53 24.26 10.33
C ARG D 267 -23.52 24.57 9.21
N PHE D 268 -22.40 23.82 9.16
CA PHE D 268 -21.36 24.04 8.13
C PHE D 268 -21.96 23.77 6.75
N TRP D 269 -23.02 22.96 6.75
CA TRP D 269 -23.71 22.61 5.50
C TRP D 269 -24.94 23.49 5.20
N ALA D 270 -24.95 24.69 5.75
CA ALA D 270 -26.03 25.67 5.49
C ALA D 270 -26.27 25.93 3.98
N PRO D 271 -25.19 26.08 3.18
CA PRO D 271 -25.38 26.32 1.75
C PRO D 271 -26.20 25.28 0.96
N LEU D 272 -26.35 24.07 1.49
CA LEU D 272 -27.16 23.00 0.85
C LEU D 272 -28.67 23.18 0.97
N SER D 273 -29.11 23.96 1.94
CA SER D 273 -30.52 24.17 2.04
C SER D 273 -30.94 25.58 1.51
N LEU D 274 -30.02 26.23 0.80
CA LEU D 274 -30.34 27.36 -0.07
C LEU D 274 -31.21 26.86 -1.24
N THR D 275 -31.78 27.76 -2.03
CA THR D 275 -32.56 27.33 -3.20
C THR D 275 -31.64 26.72 -4.27
N ALA D 276 -32.22 25.90 -5.14
CA ALA D 276 -31.49 25.32 -6.27
C ALA D 276 -30.92 26.44 -7.16
N GLU D 277 -31.73 27.49 -7.34
CA GLU D 277 -31.34 28.69 -8.07
C GLU D 277 -30.07 29.32 -7.51
N GLN D 278 -30.07 29.63 -6.21
CA GLN D 278 -28.91 30.19 -5.53
C GLN D 278 -27.70 29.28 -5.69
N LYS D 279 -27.88 28.00 -5.38
CA LYS D 279 -26.79 27.01 -5.40
C LYS D 279 -26.12 26.87 -6.78
N HIS D 280 -26.93 26.97 -7.84
CA HIS D 280 -26.46 26.83 -9.22
C HIS D 280 -25.91 28.12 -9.83
N SER D 281 -26.47 29.27 -9.41
CA SER D 281 -26.33 30.54 -10.14
C SER D 281 -25.54 31.64 -9.44
N ILE D 282 -25.38 31.55 -8.11
CA ILE D 282 -24.45 32.44 -7.40
C ILE D 282 -23.02 32.06 -7.81
N ASP D 283 -22.25 33.04 -8.25
CA ASP D 283 -20.94 32.80 -8.85
C ASP D 283 -19.76 33.19 -7.94
N ASP D 284 -20.06 33.67 -6.74
CA ASP D 284 -19.03 34.16 -5.80
C ASP D 284 -19.31 33.61 -4.40
N PRO D 285 -18.32 32.88 -3.82
CA PRO D 285 -18.44 32.20 -2.51
C PRO D 285 -18.51 33.14 -1.29
N ILE D 286 -18.26 34.43 -1.48
CA ILE D 286 -18.51 35.39 -0.40
C ILE D 286 -20.03 35.61 -0.27
N GLU D 287 -20.70 35.80 -1.41
CA GLU D 287 -22.15 35.96 -1.45
C GLU D 287 -22.88 34.69 -1.05
N GLU D 289 -21.82 32.34 0.87
CA GLU D 289 -21.63 32.14 2.30
C GLU D 289 -22.58 33.01 3.14
N LYS D 290 -22.67 34.31 2.82
CA LYS D 290 -23.55 35.24 3.53
C LYS D 290 -25.02 34.83 3.41
N ALA D 291 -25.41 34.36 2.24
CA ALA D 291 -26.76 33.83 2.01
C ALA D 291 -27.01 32.58 2.87
N ALA D 292 -26.00 31.71 2.97
CA ALA D 292 -26.06 30.51 3.80
C ALA D 292 -26.17 30.84 5.29
N ASP D 293 -25.36 31.79 5.73
CA ASP D 293 -25.33 32.21 7.14
C ASP D 293 -26.64 32.84 7.60
N ALA D 294 -27.47 33.30 6.67
CA ALA D 294 -28.74 33.96 7.02
C ALA D 294 -29.86 32.97 7.37
N LEU D 295 -29.62 31.69 7.16
CA LEU D 295 -30.62 30.65 7.42
C LEU D 295 -30.53 30.17 8.87
N PRO D 296 -31.69 30.10 9.55
CA PRO D 296 -31.71 29.59 10.93
C PRO D 296 -31.41 28.11 10.93
N ILE D 297 -30.77 27.63 11.99
CA ILE D 297 -30.40 26.22 12.12
C ILE D 297 -31.58 25.24 11.92
N GLU D 298 -32.76 25.61 12.42
CA GLU D 298 -33.97 24.84 12.15
C GLU D 298 -34.25 24.68 10.64
N GLN D 299 -34.00 25.73 9.85
CA GLN D 299 -34.18 25.65 8.40
C GLN D 299 -33.12 24.77 7.75
N ILE D 300 -31.88 24.88 8.23
CA ILE D 300 -30.78 24.08 7.71
C ILE D 300 -31.11 22.62 8.01
N ALA D 301 -31.65 22.35 9.20
CA ALA D 301 -31.92 20.99 9.64
C ALA D 301 -33.05 20.22 8.90
N LYS D 302 -33.92 20.92 8.18
CA LYS D 302 -34.94 20.27 7.33
C LYS D 302 -34.40 19.23 6.33
N ARG D 303 -33.18 19.46 5.81
CA ARG D 303 -32.58 18.60 4.77
C ARG D 303 -31.88 17.37 5.29
N TRP D 304 -31.78 17.26 6.61
CA TRP D 304 -30.89 16.30 7.25
C TRP D 304 -31.69 15.39 8.15
N ILE D 305 -31.37 14.09 8.16
CA ILE D 305 -32.01 13.17 9.11
C ILE D 305 -31.37 13.30 10.50
N VAL D 306 -32.00 14.08 11.39
CA VAL D 306 -31.45 14.31 12.73
C VAL D 306 -32.04 13.30 13.69
N ALA D 307 -31.19 12.42 14.20
CA ALA D 307 -31.62 11.31 15.05
C ALA D 307 -30.62 11.05 16.14
N SER D 308 -31.09 10.65 17.30
CA SER D 308 -30.21 10.08 18.33
C SER D 308 -30.51 8.58 18.65
N ASP D 309 -31.51 8.01 17.98
CA ASP D 309 -31.83 6.58 18.11
C ASP D 309 -31.57 5.83 16.78
N PRO D 310 -30.81 4.71 16.84
CA PRO D 310 -30.43 3.96 15.64
C PRO D 310 -31.62 3.40 14.86
N ASP D 311 -32.63 2.89 15.55
CA ASP D 311 -33.80 2.30 14.88
C ASP D 311 -34.64 3.37 14.20
N GLU D 312 -34.90 4.46 14.91
CA GLU D 312 -35.55 5.64 14.34
C GLU D 312 -34.79 6.19 13.13
N ALA D 313 -33.48 6.32 13.28
CA ALA D 313 -32.62 6.78 12.18
C ALA D 313 -32.79 5.90 10.96
N VAL D 314 -32.73 4.58 11.16
CA VAL D 314 -32.81 3.61 10.06
C VAL D 314 -34.20 3.58 9.40
N GLU D 315 -35.25 3.84 10.17
CA GLU D 315 -36.61 3.88 9.63
C GLU D 315 -36.74 5.02 8.64
N LYS D 316 -36.23 6.19 9.04
CA LYS D 316 -36.17 7.35 8.18
C LYS D 316 -35.36 7.09 6.92
N VAL D 317 -34.18 6.47 7.05
CA VAL D 317 -33.36 6.13 5.86
C VAL D 317 -34.13 5.12 4.99
N GLY D 318 -34.79 4.15 5.65
CA GLY D 318 -35.50 3.05 4.96
C GLY D 318 -36.70 3.46 4.11
N GLN D 319 -37.18 4.68 4.34
CA GLN D 319 -38.19 5.31 3.48
C GLN D 319 -37.69 5.46 2.06
N TYR D 320 -36.41 5.80 1.87
CA TYR D 320 -35.92 6.02 0.53
C TYR D 320 -35.76 4.67 -0.17
N VAL D 321 -35.52 3.60 0.61
CA VAL D 321 -35.55 2.25 0.04
C VAL D 321 -36.96 1.85 -0.45
N THR D 322 -37.96 2.08 0.41
CA THR D 322 -39.38 1.98 0.02
C THR D 322 -39.70 2.75 -1.27
N TRP D 323 -39.13 3.96 -1.41
CA TRP D 323 -39.43 4.79 -2.59
C TRP D 323 -38.65 4.40 -3.87
N GLY D 324 -37.69 3.49 -3.76
CA GLY D 324 -37.03 2.96 -4.95
C GLY D 324 -35.54 3.20 -5.08
N LEU D 325 -34.93 3.82 -4.08
CA LEU D 325 -33.46 3.94 -4.02
C LEU D 325 -32.76 2.66 -3.49
N ASN D 326 -31.63 2.27 -4.10
CA ASN D 326 -30.94 1.03 -3.76
C ASN D 326 -29.49 1.24 -3.30
N HIS D 327 -28.91 2.36 -3.70
CA HIS D 327 -27.52 2.66 -3.38
C HIS D 327 -27.48 3.89 -2.50
N LEU D 328 -27.32 3.67 -1.19
CA LEU D 328 -27.39 4.75 -0.22
C LEU D 328 -25.98 5.21 0.17
N VAL D 329 -25.63 6.43 -0.23
CA VAL D 329 -24.34 7.04 0.09
C VAL D 329 -24.56 8.05 1.21
N PHE D 330 -23.93 7.79 2.34
CA PHE D 330 -24.17 8.55 3.56
C PHE D 330 -23.24 9.74 3.72
N HIS D 331 -23.86 10.91 3.83
CA HIS D 331 -23.18 12.16 4.08
C HIS D 331 -23.52 12.56 5.50
N ALA D 332 -22.51 12.61 6.34
CA ALA D 332 -22.66 13.08 7.73
C ALA D 332 -22.04 14.47 7.79
N PRO D 333 -22.61 15.36 8.61
CA PRO D 333 -22.17 16.76 8.48
C PRO D 333 -20.99 17.24 9.35
N GLY D 334 -20.67 16.53 10.44
CA GLY D 334 -19.73 17.07 11.42
C GLY D 334 -18.29 16.89 10.96
N HIS D 335 -17.37 17.65 11.54
CA HIS D 335 -15.95 17.55 11.22
CA HIS D 335 -15.97 17.55 11.19
C HIS D 335 -15.40 16.20 11.65
N ASP D 336 -16.04 15.62 12.68
CA ASP D 336 -15.59 14.32 13.22
C ASP D 336 -16.12 13.11 12.43
N GLN D 337 -15.51 12.87 11.27
CA GLN D 337 -16.02 11.86 10.34
C GLN D 337 -15.74 10.42 10.80
N ARG D 338 -14.64 10.23 11.53
CA ARG D 338 -14.31 8.93 12.09
C ARG D 338 -15.30 8.49 13.18
N ARG D 339 -15.87 9.46 13.92
CA ARG D 339 -16.96 9.17 14.85
C ARG D 339 -18.14 8.65 14.09
N PHE D 340 -18.60 9.39 13.07
CA PHE D 340 -19.75 8.93 12.28
C PHE D 340 -19.54 7.49 11.85
N LEU D 341 -18.34 7.20 11.35
CA LEU D 341 -18.02 5.87 10.83
C LEU D 341 -18.06 4.74 11.88
N GLU D 342 -17.56 5.02 13.10
CA GLU D 342 -17.71 4.11 14.25
C GLU D 342 -19.17 3.79 14.47
N LEU D 343 -19.97 4.85 14.52
CA LEU D 343 -21.39 4.74 14.84
C LEU D 343 -22.12 4.05 13.71
N PHE D 344 -21.79 4.40 12.47
CA PHE D 344 -22.38 3.70 11.36
C PHE D 344 -22.18 2.16 11.45
N GLN D 345 -20.95 1.74 11.71
CA GLN D 345 -20.63 0.31 11.78
C GLN D 345 -21.32 -0.41 12.95
N SER D 346 -21.18 0.12 14.16
CA SER D 346 -21.85 -0.46 15.33
C SER D 346 -23.39 -0.37 15.34
N ASP D 347 -23.96 0.74 14.93
CA ASP D 347 -25.41 0.97 15.13
C ASP D 347 -26.22 0.92 13.84
N LEU D 348 -25.75 1.61 12.81
CA LEU D 348 -26.56 1.81 11.62
C LEU D 348 -26.51 0.63 10.64
N ALA D 349 -25.29 0.22 10.28
CA ALA D 349 -25.04 -0.75 9.21
C ALA D 349 -25.81 -2.06 9.32
N PRO D 350 -25.73 -2.75 10.49
CA PRO D 350 -26.45 -4.05 10.56
C PRO D 350 -27.95 -3.90 10.32
N ARG D 351 -28.53 -2.80 10.81
CA ARG D 351 -29.97 -2.56 10.67
C ARG D 351 -30.31 -2.26 9.22
N LEU D 352 -29.44 -1.49 8.58
CA LEU D 352 -29.61 -1.07 7.21
C LEU D 352 -29.49 -2.22 6.22
N ARG D 353 -28.54 -3.13 6.45
CA ARG D 353 -28.39 -4.34 5.60
C ARG D 353 -29.67 -5.15 5.64
N ARG D 354 -30.36 -5.06 6.79
CA ARG D 354 -31.73 -5.53 7.11
C ARG D 354 -31.83 -6.37 8.41
#